data_5W39
# 
_entry.id   5W39 
# 
_audit_conform.dict_name       mmcif_pdbx.dic 
_audit_conform.dict_version    5.379 
_audit_conform.dict_location   http://mmcif.pdb.org/dictionaries/ascii/mmcif_pdbx.dic 
# 
loop_
_database_2.database_id 
_database_2.database_code 
_database_2.pdbx_database_accession 
_database_2.pdbx_DOI 
PDB   5W39         pdb_00005w39 10.2210/pdb5w39/pdb 
WWPDB D_1000228355 ?            ?                   
# 
loop_
_pdbx_database_related.db_name 
_pdbx_database_related.details 
_pdbx_database_related.db_id 
_pdbx_database_related.content_type 
PDB 'CJ without thiol' 5W17 unspecified 
PDB CJ-N182C           5W37 unspecified 
# 
_pdbx_database_status.status_code                     REL 
_pdbx_database_status.status_code_sf                  REL 
_pdbx_database_status.status_code_mr                  ? 
_pdbx_database_status.entry_id                        5W39 
_pdbx_database_status.recvd_initial_deposition_date   2017-06-07 
_pdbx_database_status.SG_entry                        N 
_pdbx_database_status.deposit_site                    RCSB 
_pdbx_database_status.process_site                    RCSB 
_pdbx_database_status.status_code_cs                  ? 
_pdbx_database_status.methods_development_category    ? 
_pdbx_database_status.pdb_format_compatible           Y 
_pdbx_database_status.status_code_nmr_data            ? 
# 
loop_
_audit_author.name 
_audit_author.pdbx_ordinal 
_audit_author.identifier_ORCID 
'Huber, T.R.' 1 ? 
'Snow, C.D.'  2 ? 
# 
_citation.abstract                  ? 
_citation.abstract_id_CAS           ? 
_citation.book_id_ISBN              ? 
_citation.book_publisher            ? 
_citation.book_publisher_city       ? 
_citation.book_title                ? 
_citation.coordinate_linkage        ? 
_citation.country                   US 
_citation.database_id_Medline       ? 
_citation.details                   ? 
_citation.id                        primary 
_citation.journal_abbrev            'Bioconjug. Chem.' 
_citation.journal_id_ASTM           BCCHES 
_citation.journal_id_CSD            2063 
_citation.journal_id_ISSN           1520-4812 
_citation.journal_full              ? 
_citation.journal_issue             ? 
_citation.journal_volume            29 
_citation.language                  ? 
_citation.page_first                17 
_citation.page_last                 22 
_citation.title                     'Installing Guest Molecules at Specific Sites within Scaffold Protein Crystals.' 
_citation.year                      2018 
_citation.database_id_CSD           ? 
_citation.pdbx_database_id_DOI      10.1021/acs.bioconjchem.7b00668 
_citation.pdbx_database_id_PubMed   29232505 
_citation.unpublished_flag          ? 
# 
loop_
_citation_author.citation_id 
_citation_author.name 
_citation_author.ordinal 
_citation_author.identifier_ORCID 
primary 'Huber, T.R.'     1 ? 
primary 'McPherson, E.C.' 2 ? 
primary 'Keating, C.E.'   3 ? 
primary 'Snow, C.D.'      4 ? 
# 
_cell.angle_alpha                  90.000 
_cell.angle_alpha_esd              ? 
_cell.angle_beta                   90.000 
_cell.angle_beta_esd               ? 
_cell.angle_gamma                  120.000 
_cell.angle_gamma_esd              ? 
_cell.entry_id                     5W39 
_cell.details                      ? 
_cell.formula_units_Z              ? 
_cell.length_a                     178.242 
_cell.length_a_esd                 ? 
_cell.length_b                     178.242 
_cell.length_b_esd                 ? 
_cell.length_c                     50.599 
_cell.length_c_esd                 ? 
_cell.volume                       ? 
_cell.volume_esd                   ? 
_cell.Z_PDB                        12 
_cell.reciprocal_angle_alpha       ? 
_cell.reciprocal_angle_beta        ? 
_cell.reciprocal_angle_gamma       ? 
_cell.reciprocal_angle_alpha_esd   ? 
_cell.reciprocal_angle_beta_esd    ? 
_cell.reciprocal_angle_gamma_esd   ? 
_cell.reciprocal_length_a          ? 
_cell.reciprocal_length_b          ? 
_cell.reciprocal_length_c          ? 
_cell.reciprocal_length_a_esd      ? 
_cell.reciprocal_length_b_esd      ? 
_cell.reciprocal_length_c_esd      ? 
_cell.pdbx_unique_axis             ? 
# 
_symmetry.entry_id                         5W39 
_symmetry.cell_setting                     ? 
_symmetry.Int_Tables_number                177 
_symmetry.space_group_name_Hall            ? 
_symmetry.space_group_name_H-M             'P 6 2 2' 
_symmetry.pdbx_full_space_group_name_H-M   ? 
# 
loop_
_entity.id 
_entity.type 
_entity.src_method 
_entity.pdbx_description 
_entity.formula_weight 
_entity.pdbx_number_of_molecules 
_entity.pdbx_ec 
_entity.pdbx_mutation 
_entity.pdbx_fragment 
_entity.details 
1 polymer     man 'Polyisoprenoid-binding protein'                                          20188.832 1  ? N182C 
'UNP residues 22-190' ? 
2 non-polymer syn EICOSANE                                                                  282.547   1  ? ?     ? ? 
3 non-polymer syn 'SULFATE ION'                                                             96.063    2  ? ?     ? ? 
4 non-polymer syn '3-(bromomethyl)-2,5,6-trimethyl-1H,7H-pyrazolo[1,2-a]pyrazole-1,7-dione' 271.111   1  ? ?     ? ? 
5 water       nat water                                                                     18.015    23 ? ?     ? ? 
# 
_entity_name_com.entity_id   1 
_entity_name_com.name        'YCEI periplasmic protein, Protein yceI, periplasmic protein' 
# 
_entity_poly.entity_id                      1 
_entity_poly.type                           'polypeptide(L)' 
_entity_poly.nstd_linkage                   no 
_entity_poly.nstd_monomer                   no 
_entity_poly.pdbx_seq_one_letter_code       
;MKEYTLDKAHTDVGFKIKHLQISNVKGNFKDYSAVIDFDPASAEFKKLDVTIKIASVNTENQTRDNHLQQDDFFKAKKYP
DMTFTMKKYEKIDNEKGKMTGTLTIAGVSKDIVLDAEIGGVAKGKDGKEKIGFSLNGKIKRSDFKFATSTSTITLSDDIN
LCIEVEANEKEGGSHHHHHH
;
_entity_poly.pdbx_seq_one_letter_code_can   
;MKEYTLDKAHTDVGFKIKHLQISNVKGNFKDYSAVIDFDPASAEFKKLDVTIKIASVNTENQTRDNHLQQDDFFKAKKYP
DMTFTMKKYEKIDNEKGKMTGTLTIAGVSKDIVLDAEIGGVAKGKDGKEKIGFSLNGKIKRSDFKFATSTSTITLSDDIN
LCIEVEANEKEGGSHHHHHH
;
_entity_poly.pdbx_strand_id                 A 
_entity_poly.pdbx_target_identifier         ? 
# 
loop_
_entity_poly_seq.entity_id 
_entity_poly_seq.num 
_entity_poly_seq.mon_id 
_entity_poly_seq.hetero 
1 1   MET n 
1 2   LYS n 
1 3   GLU n 
1 4   TYR n 
1 5   THR n 
1 6   LEU n 
1 7   ASP n 
1 8   LYS n 
1 9   ALA n 
1 10  HIS n 
1 11  THR n 
1 12  ASP n 
1 13  VAL n 
1 14  GLY n 
1 15  PHE n 
1 16  LYS n 
1 17  ILE n 
1 18  LYS n 
1 19  HIS n 
1 20  LEU n 
1 21  GLN n 
1 22  ILE n 
1 23  SER n 
1 24  ASN n 
1 25  VAL n 
1 26  LYS n 
1 27  GLY n 
1 28  ASN n 
1 29  PHE n 
1 30  LYS n 
1 31  ASP n 
1 32  TYR n 
1 33  SER n 
1 34  ALA n 
1 35  VAL n 
1 36  ILE n 
1 37  ASP n 
1 38  PHE n 
1 39  ASP n 
1 40  PRO n 
1 41  ALA n 
1 42  SER n 
1 43  ALA n 
1 44  GLU n 
1 45  PHE n 
1 46  LYS n 
1 47  LYS n 
1 48  LEU n 
1 49  ASP n 
1 50  VAL n 
1 51  THR n 
1 52  ILE n 
1 53  LYS n 
1 54  ILE n 
1 55  ALA n 
1 56  SER n 
1 57  VAL n 
1 58  ASN n 
1 59  THR n 
1 60  GLU n 
1 61  ASN n 
1 62  GLN n 
1 63  THR n 
1 64  ARG n 
1 65  ASP n 
1 66  ASN n 
1 67  HIS n 
1 68  LEU n 
1 69  GLN n 
1 70  GLN n 
1 71  ASP n 
1 72  ASP n 
1 73  PHE n 
1 74  PHE n 
1 75  LYS n 
1 76  ALA n 
1 77  LYS n 
1 78  LYS n 
1 79  TYR n 
1 80  PRO n 
1 81  ASP n 
1 82  MET n 
1 83  THR n 
1 84  PHE n 
1 85  THR n 
1 86  MET n 
1 87  LYS n 
1 88  LYS n 
1 89  TYR n 
1 90  GLU n 
1 91  LYS n 
1 92  ILE n 
1 93  ASP n 
1 94  ASN n 
1 95  GLU n 
1 96  LYS n 
1 97  GLY n 
1 98  LYS n 
1 99  MET n 
1 100 THR n 
1 101 GLY n 
1 102 THR n 
1 103 LEU n 
1 104 THR n 
1 105 ILE n 
1 106 ALA n 
1 107 GLY n 
1 108 VAL n 
1 109 SER n 
1 110 LYS n 
1 111 ASP n 
1 112 ILE n 
1 113 VAL n 
1 114 LEU n 
1 115 ASP n 
1 116 ALA n 
1 117 GLU n 
1 118 ILE n 
1 119 GLY n 
1 120 GLY n 
1 121 VAL n 
1 122 ALA n 
1 123 LYS n 
1 124 GLY n 
1 125 LYS n 
1 126 ASP n 
1 127 GLY n 
1 128 LYS n 
1 129 GLU n 
1 130 LYS n 
1 131 ILE n 
1 132 GLY n 
1 133 PHE n 
1 134 SER n 
1 135 LEU n 
1 136 ASN n 
1 137 GLY n 
1 138 LYS n 
1 139 ILE n 
1 140 LYS n 
1 141 ARG n 
1 142 SER n 
1 143 ASP n 
1 144 PHE n 
1 145 LYS n 
1 146 PHE n 
1 147 ALA n 
1 148 THR n 
1 149 SER n 
1 150 THR n 
1 151 SER n 
1 152 THR n 
1 153 ILE n 
1 154 THR n 
1 155 LEU n 
1 156 SER n 
1 157 ASP n 
1 158 ASP n 
1 159 ILE n 
1 160 ASN n 
1 161 LEU n 
1 162 CYS n 
1 163 ILE n 
1 164 GLU n 
1 165 VAL n 
1 166 GLU n 
1 167 ALA n 
1 168 ASN n 
1 169 GLU n 
1 170 LYS n 
1 171 GLU n 
1 172 GLY n 
1 173 GLY n 
1 174 SER n 
1 175 HIS n 
1 176 HIS n 
1 177 HIS n 
1 178 HIS n 
1 179 HIS n 
1 180 HIS n 
# 
_entity_src_gen.entity_id                          1 
_entity_src_gen.pdbx_src_id                        1 
_entity_src_gen.pdbx_alt_source_flag               sample 
_entity_src_gen.pdbx_seq_type                      'Biological sequence' 
_entity_src_gen.pdbx_beg_seq_num                   1 
_entity_src_gen.pdbx_end_seq_num                   180 
_entity_src_gen.gene_src_common_name               ? 
_entity_src_gen.gene_src_genus                     ? 
_entity_src_gen.pdbx_gene_src_gene                 'A0L11_08945, A0M64_02260, A0M70_03345, AD53_02580' 
_entity_src_gen.gene_src_species                   ? 
_entity_src_gen.gene_src_strain                    ? 
_entity_src_gen.gene_src_tissue                    ? 
_entity_src_gen.gene_src_tissue_fraction           ? 
_entity_src_gen.gene_src_details                   ? 
_entity_src_gen.pdbx_gene_src_fragment             ? 
_entity_src_gen.pdbx_gene_src_scientific_name      'Campylobacter jejuni' 
_entity_src_gen.pdbx_gene_src_ncbi_taxonomy_id     197 
_entity_src_gen.pdbx_gene_src_variant              ? 
_entity_src_gen.pdbx_gene_src_cell_line            ? 
_entity_src_gen.pdbx_gene_src_atcc                 ? 
_entity_src_gen.pdbx_gene_src_organ                ? 
_entity_src_gen.pdbx_gene_src_organelle            ? 
_entity_src_gen.pdbx_gene_src_cell                 ? 
_entity_src_gen.pdbx_gene_src_cellular_location    ? 
_entity_src_gen.host_org_common_name               ? 
_entity_src_gen.pdbx_host_org_scientific_name      'Escherichia coli BL21(DE3)' 
_entity_src_gen.pdbx_host_org_ncbi_taxonomy_id     469008 
_entity_src_gen.host_org_genus                     ? 
_entity_src_gen.pdbx_host_org_gene                 ? 
_entity_src_gen.pdbx_host_org_organ                ? 
_entity_src_gen.host_org_species                   ? 
_entity_src_gen.pdbx_host_org_tissue               ? 
_entity_src_gen.pdbx_host_org_tissue_fraction      ? 
_entity_src_gen.pdbx_host_org_strain               'C41(DE3)' 
_entity_src_gen.pdbx_host_org_variant              ? 
_entity_src_gen.pdbx_host_org_cell_line            ? 
_entity_src_gen.pdbx_host_org_atcc                 ? 
_entity_src_gen.pdbx_host_org_culture_collection   ? 
_entity_src_gen.pdbx_host_org_cell                 ? 
_entity_src_gen.pdbx_host_org_organelle            ? 
_entity_src_gen.pdbx_host_org_cellular_location    ? 
_entity_src_gen.pdbx_host_org_vector_type          plasmid 
_entity_src_gen.pdbx_host_org_vector               ? 
_entity_src_gen.host_org_details                   ? 
_entity_src_gen.expression_system_id               ? 
_entity_src_gen.plasmid_name                       pSB3 
_entity_src_gen.plasmid_details                    ? 
_entity_src_gen.pdbx_description                   ? 
# 
_struct_ref.id                         1 
_struct_ref.db_name                    UNP 
_struct_ref.db_code                    Q79JB5_CAMJU 
_struct_ref.pdbx_db_accession          Q79JB5 
_struct_ref.pdbx_db_isoform            ? 
_struct_ref.entity_id                  1 
_struct_ref.pdbx_seq_one_letter_code   
;KEYTLDKAHTDVGFKIKHLQISNVKGNFKDYSAVIDFDPASAEFKKLDVTIKIASVNTENQTRDNHLQQDDFFKAKKYPD
MTFTMKKYEKIDNEKGKMTGTLTIAGVSKDIVLDAEIGGVAKGKDGKEKIGFSLNGKIKRSDFKFATSTSTITLSDDINL
NIEVEANEK
;
_struct_ref.pdbx_align_begin           22 
# 
_struct_ref_seq.align_id                      1 
_struct_ref_seq.ref_id                        1 
_struct_ref_seq.pdbx_PDB_id_code              5W39 
_struct_ref_seq.pdbx_strand_id                A 
_struct_ref_seq.seq_align_beg                 2 
_struct_ref_seq.pdbx_seq_align_beg_ins_code   ? 
_struct_ref_seq.seq_align_end                 170 
_struct_ref_seq.pdbx_seq_align_end_ins_code   ? 
_struct_ref_seq.pdbx_db_accession             Q79JB5 
_struct_ref_seq.db_align_beg                  22 
_struct_ref_seq.pdbx_db_align_beg_ins_code    ? 
_struct_ref_seq.db_align_end                  190 
_struct_ref_seq.pdbx_db_align_end_ins_code    ? 
_struct_ref_seq.pdbx_auth_seq_align_beg       22 
_struct_ref_seq.pdbx_auth_seq_align_end       190 
# 
loop_
_struct_ref_seq_dif.align_id 
_struct_ref_seq_dif.pdbx_pdb_id_code 
_struct_ref_seq_dif.mon_id 
_struct_ref_seq_dif.pdbx_pdb_strand_id 
_struct_ref_seq_dif.seq_num 
_struct_ref_seq_dif.pdbx_pdb_ins_code 
_struct_ref_seq_dif.pdbx_seq_db_name 
_struct_ref_seq_dif.pdbx_seq_db_accession_code 
_struct_ref_seq_dif.db_mon_id 
_struct_ref_seq_dif.pdbx_seq_db_seq_num 
_struct_ref_seq_dif.details 
_struct_ref_seq_dif.pdbx_auth_seq_num 
_struct_ref_seq_dif.pdbx_ordinal 
1 5W39 MET A 1   ? UNP Q79JB5 ?   ?   'initiating methionine' 21  1  
1 5W39 CYS A 162 ? UNP Q79JB5 ASN 182 'engineered mutation'   182 2  
1 5W39 GLU A 171 ? UNP Q79JB5 ?   ?   'expression tag'        191 3  
1 5W39 GLY A 172 ? UNP Q79JB5 ?   ?   'expression tag'        192 4  
1 5W39 GLY A 173 ? UNP Q79JB5 ?   ?   'expression tag'        193 5  
1 5W39 SER A 174 ? UNP Q79JB5 ?   ?   'expression tag'        194 6  
1 5W39 HIS A 175 ? UNP Q79JB5 ?   ?   'expression tag'        195 7  
1 5W39 HIS A 176 ? UNP Q79JB5 ?   ?   'expression tag'        196 8  
1 5W39 HIS A 177 ? UNP Q79JB5 ?   ?   'expression tag'        197 9  
1 5W39 HIS A 178 ? UNP Q79JB5 ?   ?   'expression tag'        198 10 
1 5W39 HIS A 179 ? UNP Q79JB5 ?   ?   'expression tag'        199 11 
1 5W39 HIS A 180 ? UNP Q79JB5 ?   ?   'expression tag'        200 12 
# 
loop_
_chem_comp.id 
_chem_comp.type 
_chem_comp.mon_nstd_flag 
_chem_comp.name 
_chem_comp.pdbx_synonyms 
_chem_comp.formula 
_chem_comp.formula_weight 
9UM non-polymer         . '3-(bromomethyl)-2,5,6-trimethyl-1H,7H-pyrazolo[1,2-a]pyrazole-1,7-dione' ?                
'C10 H11 Br N2 O2' 271.111 
ALA 'L-peptide linking' y ALANINE                                                                   ?                'C3 H7 N O2' 
89.093  
ARG 'L-peptide linking' y ARGININE                                                                  ?                
'C6 H15 N4 O2 1'   175.209 
ASN 'L-peptide linking' y ASPARAGINE                                                                ?                'C4 H8 N2 O3' 
132.118 
ASP 'L-peptide linking' y 'ASPARTIC ACID'                                                           ?                'C4 H7 N O4' 
133.103 
CYS 'L-peptide linking' y CYSTEINE                                                                  ?                
'C3 H7 N O2 S'     121.158 
GLN 'L-peptide linking' y GLUTAMINE                                                                 ?                
'C5 H10 N2 O3'     146.144 
GLU 'L-peptide linking' y 'GLUTAMIC ACID'                                                           ?                'C5 H9 N O4' 
147.129 
GLY 'peptide linking'   y GLYCINE                                                                   ?                'C2 H5 N O2' 
75.067  
HIS 'L-peptide linking' y HISTIDINE                                                                 ?                
'C6 H10 N3 O2 1'   156.162 
HOH non-polymer         . WATER                                                                     ?                'H2 O' 18.015 
ILE 'L-peptide linking' y ISOLEUCINE                                                                ?                'C6 H13 N O2' 
131.173 
LEU 'L-peptide linking' y LEUCINE                                                                   ?                'C6 H13 N O2' 
131.173 
LFA non-polymer         . EICOSANE                                                                  'LIPID FRAGMENT' 'C20 H42' 
282.547 
LYS 'L-peptide linking' y LYSINE                                                                    ?                
'C6 H15 N2 O2 1'   147.195 
MET 'L-peptide linking' y METHIONINE                                                                ?                
'C5 H11 N O2 S'    149.211 
PHE 'L-peptide linking' y PHENYLALANINE                                                             ?                'C9 H11 N O2' 
165.189 
PRO 'L-peptide linking' y PROLINE                                                                   ?                'C5 H9 N O2' 
115.130 
SER 'L-peptide linking' y SERINE                                                                    ?                'C3 H7 N O3' 
105.093 
SO4 non-polymer         . 'SULFATE ION'                                                             ?                'O4 S -2' 
96.063  
THR 'L-peptide linking' y THREONINE                                                                 ?                'C4 H9 N O3' 
119.119 
TYR 'L-peptide linking' y TYROSINE                                                                  ?                'C9 H11 N O3' 
181.189 
VAL 'L-peptide linking' y VALINE                                                                    ?                'C5 H11 N O2' 
117.146 
# 
_exptl.absorpt_coefficient_mu     ? 
_exptl.absorpt_correction_T_max   ? 
_exptl.absorpt_correction_T_min   ? 
_exptl.absorpt_correction_type    ? 
_exptl.absorpt_process_details    ? 
_exptl.entry_id                   5W39 
_exptl.crystals_number            1 
_exptl.details                    ? 
_exptl.method                     'X-RAY DIFFRACTION' 
_exptl.method_details             ? 
# 
_exptl_crystal.colour                      ? 
_exptl_crystal.density_diffrn              ? 
_exptl_crystal.density_Matthews            5.75 
_exptl_crystal.density_method              ? 
_exptl_crystal.density_percent_sol         78.60 
_exptl_crystal.description                 ? 
_exptl_crystal.F_000                       ? 
_exptl_crystal.id                          1 
_exptl_crystal.preparation                 ? 
_exptl_crystal.size_max                    ? 
_exptl_crystal.size_mid                    ? 
_exptl_crystal.size_min                    ? 
_exptl_crystal.size_rad                    ? 
_exptl_crystal.colour_lustre               ? 
_exptl_crystal.colour_modifier             ? 
_exptl_crystal.colour_primary              ? 
_exptl_crystal.density_meas                ? 
_exptl_crystal.density_meas_esd            ? 
_exptl_crystal.density_meas_gt             ? 
_exptl_crystal.density_meas_lt             ? 
_exptl_crystal.density_meas_temp           ? 
_exptl_crystal.density_meas_temp_esd       ? 
_exptl_crystal.density_meas_temp_gt        ? 
_exptl_crystal.density_meas_temp_lt        ? 
_exptl_crystal.pdbx_crystal_image_url      ? 
_exptl_crystal.pdbx_crystal_image_format   ? 
_exptl_crystal.pdbx_mosaicity              0.130 
_exptl_crystal.pdbx_mosaicity_esd          ? 
# 
_exptl_crystal_grow.apparatus       ? 
_exptl_crystal_grow.atmosphere      ? 
_exptl_crystal_grow.crystal_id      1 
_exptl_crystal_grow.details         ? 
_exptl_crystal_grow.method          'VAPOR DIFFUSION, SITTING DROP' 
_exptl_crystal_grow.method_ref      ? 
_exptl_crystal_grow.pH              6.0 
_exptl_crystal_grow.pressure        ? 
_exptl_crystal_grow.pressure_esd    ? 
_exptl_crystal_grow.seeding         ? 
_exptl_crystal_grow.seeding_ref     ? 
_exptl_crystal_grow.temp            293 
_exptl_crystal_grow.temp_details    ? 
_exptl_crystal_grow.temp_esd        ? 
_exptl_crystal_grow.time            ? 
_exptl_crystal_grow.pdbx_details    '3.2 M ammonium sulfate, 0.1 M Bis-Tris' 
_exptl_crystal_grow.pdbx_pH_range   ? 
# 
_diffrn.ambient_environment    ? 
_diffrn.ambient_temp           100 
_diffrn.ambient_temp_details   ? 
_diffrn.ambient_temp_esd       ? 
_diffrn.crystal_id             1 
_diffrn.crystal_support        ? 
_diffrn.crystal_treatment      ? 
_diffrn.details                ? 
_diffrn.id                     1 
_diffrn.ambient_pressure       ? 
_diffrn.ambient_pressure_esd   ? 
_diffrn.ambient_pressure_gt    ? 
_diffrn.ambient_pressure_lt    ? 
_diffrn.ambient_temp_gt        ? 
_diffrn.ambient_temp_lt        ? 
# 
_diffrn_detector.details                      ? 
_diffrn_detector.detector                     CMOS 
_diffrn_detector.diffrn_id                    1 
_diffrn_detector.type                         'RDI CMOS_8M' 
_diffrn_detector.area_resol_mean              ? 
_diffrn_detector.dtime                        ? 
_diffrn_detector.pdbx_frames_total            ? 
_diffrn_detector.pdbx_collection_time_total   ? 
_diffrn_detector.pdbx_collection_date         2016-12-02 
# 
_diffrn_radiation.collimation                      ? 
_diffrn_radiation.diffrn_id                        1 
_diffrn_radiation.filter_edge                      ? 
_diffrn_radiation.inhomogeneity                    ? 
_diffrn_radiation.monochromator                    'Si (111) double crystal' 
_diffrn_radiation.polarisn_norm                    ? 
_diffrn_radiation.polarisn_ratio                   ? 
_diffrn_radiation.probe                            ? 
_diffrn_radiation.type                             ? 
_diffrn_radiation.xray_symbol                      ? 
_diffrn_radiation.wavelength_id                    1 
_diffrn_radiation.pdbx_monochromatic_or_laue_m_l   M 
_diffrn_radiation.pdbx_wavelength_list             ? 
_diffrn_radiation.pdbx_wavelength                  ? 
_diffrn_radiation.pdbx_diffrn_protocol             'SINGLE WAVELENGTH' 
_diffrn_radiation.pdbx_analyzer                    ? 
_diffrn_radiation.pdbx_scattering_type             x-ray 
# 
_diffrn_radiation_wavelength.id           1 
_diffrn_radiation_wavelength.wavelength   1.0 
_diffrn_radiation_wavelength.wt           1.0 
# 
_diffrn_source.current                     ? 
_diffrn_source.details                     ? 
_diffrn_source.diffrn_id                   1 
_diffrn_source.power                       ? 
_diffrn_source.size                        ? 
_diffrn_source.source                      SYNCHROTRON 
_diffrn_source.target                      ? 
_diffrn_source.type                        'ALS BEAMLINE 4.2.2' 
_diffrn_source.voltage                     ? 
_diffrn_source.take-off_angle              ? 
_diffrn_source.pdbx_wavelength_list        1.0 
_diffrn_source.pdbx_wavelength             ? 
_diffrn_source.pdbx_synchrotron_beamline   4.2.2 
_diffrn_source.pdbx_synchrotron_site       ALS 
# 
_reflns.B_iso_Wilson_estimate            ? 
_reflns.entry_id                         5W39 
_reflns.data_reduction_details           ? 
_reflns.data_reduction_method            ? 
_reflns.d_resolution_high                2.480 
_reflns.d_resolution_low                 38.591 
_reflns.details                          ? 
_reflns.limit_h_max                      ? 
_reflns.limit_h_min                      ? 
_reflns.limit_k_max                      ? 
_reflns.limit_k_min                      ? 
_reflns.limit_l_max                      ? 
_reflns.limit_l_min                      ? 
_reflns.number_all                       17262 
_reflns.number_obs                       17262 
_reflns.observed_criterion               ? 
_reflns.observed_criterion_F_max         ? 
_reflns.observed_criterion_F_min         ? 
_reflns.observed_criterion_I_max         ? 
_reflns.observed_criterion_I_min         ? 
_reflns.observed_criterion_sigma_F       ? 
_reflns.observed_criterion_sigma_I       ? 
_reflns.percent_possible_obs             99.600 
_reflns.R_free_details                   ? 
_reflns.Rmerge_F_all                     ? 
_reflns.Rmerge_F_obs                     ? 
_reflns.Friedel_coverage                 ? 
_reflns.number_gt                        ? 
_reflns.threshold_expression             ? 
_reflns.pdbx_redundancy                  19.600 
_reflns.pdbx_Rmerge_I_obs                ? 
_reflns.pdbx_Rmerge_I_all                ? 
_reflns.pdbx_Rsym_value                  0.126 
_reflns.pdbx_netI_over_av_sigmaI         4.900 
_reflns.pdbx_netI_over_sigmaI            22.400 
_reflns.pdbx_res_netI_over_av_sigmaI_2   ? 
_reflns.pdbx_res_netI_over_sigmaI_2      ? 
_reflns.pdbx_chi_squared                 ? 
_reflns.pdbx_scaling_rejects             ? 
_reflns.pdbx_d_res_high_opt              ? 
_reflns.pdbx_d_res_low_opt               ? 
_reflns.pdbx_d_res_opt_method            ? 
_reflns.phase_calculation_details        ? 
_reflns.pdbx_Rrim_I_all                  0.129 
_reflns.pdbx_Rpim_I_all                  0.029 
_reflns.pdbx_d_opt                       ? 
_reflns.pdbx_number_measured_all         339182 
_reflns.pdbx_diffrn_id                   1 
_reflns.pdbx_ordinal                     1 
_reflns.pdbx_CC_half                     ? 
_reflns.pdbx_R_split                     ? 
# 
loop_
_reflns_shell.d_res_high 
_reflns_shell.d_res_low 
_reflns_shell.meanI_over_sigI_all 
_reflns_shell.meanI_over_sigI_obs 
_reflns_shell.number_measured_all 
_reflns_shell.number_measured_obs 
_reflns_shell.number_possible 
_reflns_shell.number_unique_all 
_reflns_shell.number_unique_obs 
_reflns_shell.percent_possible_all 
_reflns_shell.percent_possible_obs 
_reflns_shell.Rmerge_F_all 
_reflns_shell.Rmerge_F_obs 
_reflns_shell.Rmerge_I_all 
_reflns_shell.Rmerge_I_obs 
_reflns_shell.meanI_over_sigI_gt 
_reflns_shell.meanI_over_uI_all 
_reflns_shell.meanI_over_uI_gt 
_reflns_shell.number_measured_gt 
_reflns_shell.number_unique_gt 
_reflns_shell.percent_possible_gt 
_reflns_shell.Rmerge_F_gt 
_reflns_shell.Rmerge_I_gt 
_reflns_shell.pdbx_redundancy 
_reflns_shell.pdbx_Rsym_value 
_reflns_shell.pdbx_chi_squared 
_reflns_shell.pdbx_netI_over_sigmaI_all 
_reflns_shell.pdbx_netI_over_sigmaI_obs 
_reflns_shell.pdbx_Rrim_I_all 
_reflns_shell.pdbx_Rpim_I_all 
_reflns_shell.pdbx_rejects 
_reflns_shell.pdbx_ordinal 
_reflns_shell.pdbx_diffrn_id 
_reflns_shell.pdbx_CC_half 
_reflns_shell.pdbx_R_split 
2.480 2.610  ? 0.300  ? ? ? ? ? 97.700  ? ? ? ? 2.633 ? ? ? ? ? ? ? ? 14.300 2.633 ? ? ? 2.731 0.711 ? 1  1 ? ? 
2.610 2.770  ? 0.600  ? ? ? ? ? 100.000 ? ? ? ? 1.266 ? ? ? ? ? ? ? ? 19.500 1.266 ? ? ? 1.299 0.291 ? 2  1 ? ? 
2.770 2.960  ? 0.700  ? ? ? ? ? 99.900  ? ? ? ? 0.905 ? ? ? ? ? ? ? ? 21.000 0.905 ? ? ? 0.927 0.200 ? 3  1 ? ? 
2.960 3.200  ? 1.400  ? ? ? ? ? 100.000 ? ? ? ? 0.458 ? ? ? ? ? ? ? ? 21.000 0.458 ? ? ? 0.469 0.102 ? 4  1 ? ? 
3.200 3.510  ? 2.700  ? ? ? ? ? 100.000 ? ? ? ? 0.219 ? ? ? ? ? ? ? ? 21.000 0.219 ? ? ? 0.225 0.049 ? 5  1 ? ? 
3.510 3.920  ? 5.900  ? ? ? ? ? 100.000 ? ? ? ? 0.109 ? ? ? ? ? ? ? ? 20.900 0.109 ? ? ? 0.111 0.024 ? 6  1 ? ? 
3.920 4.530  ? 10.400 ? ? ? ? ? 100.000 ? ? ? ? 0.061 ? ? ? ? ? ? ? ? 20.800 0.061 ? ? ? 0.062 0.014 ? 7  1 ? ? 
4.530 5.550  ? 13.100 ? ? ? ? ? 100.000 ? ? ? ? 0.047 ? ? ? ? ? ? ? ? 20.500 0.047 ? ? ? 0.048 0.011 ? 8  1 ? ? 
5.550 7.840  ? 13.700 ? ? ? ? ? 100.000 ? ? ? ? 0.044 ? ? ? ? ? ? ? ? 20.200 0.044 ? ? ? 0.045 0.010 ? 9  1 ? ? 
7.840 38.591 ? 16.600 ? ? ? ? ? 99.000  ? ? ? ? 0.029 ? ? ? ? ? ? ? ? 18.200 0.029 ? ? ? 0.030 0.007 ? 10 1 ? ? 
# 
_refine.aniso_B[1][1]                            2.6600 
_refine.aniso_B[1][2]                            1.3300 
_refine.aniso_B[1][3]                            0.0000 
_refine.aniso_B[2][2]                            2.6600 
_refine.aniso_B[2][3]                            -0.0000 
_refine.aniso_B[3][3]                            -8.6200 
_refine.B_iso_max                                169.460 
_refine.B_iso_mean                               71.1550 
_refine.B_iso_min                                39.490 
_refine.correlation_coeff_Fo_to_Fc               0.9530 
_refine.correlation_coeff_Fo_to_Fc_free          0.9440 
_refine.details                                  'U VALUES      : REFINED INDIVIDUALLY' 
_refine.diff_density_max                         ? 
_refine.diff_density_max_esd                     ? 
_refine.diff_density_min                         ? 
_refine.diff_density_min_esd                     ? 
_refine.diff_density_rms                         ? 
_refine.diff_density_rms_esd                     ? 
_refine.entry_id                                 5W39 
_refine.pdbx_refine_id                           'X-RAY DIFFRACTION' 
_refine.ls_abs_structure_details                 ? 
_refine.ls_abs_structure_Flack                   ? 
_refine.ls_abs_structure_Flack_esd               ? 
_refine.ls_abs_structure_Rogers                  ? 
_refine.ls_abs_structure_Rogers_esd              ? 
_refine.ls_d_res_high                            2.4800 
_refine.ls_d_res_low                             38.591 
_refine.ls_extinction_coef                       ? 
_refine.ls_extinction_coef_esd                   ? 
_refine.ls_extinction_expression                 ? 
_refine.ls_extinction_method                     ? 
_refine.ls_goodness_of_fit_all                   ? 
_refine.ls_goodness_of_fit_all_esd               ? 
_refine.ls_goodness_of_fit_obs                   ? 
_refine.ls_goodness_of_fit_obs_esd               ? 
_refine.ls_hydrogen_treatment                    ? 
_refine.ls_matrix_type                           ? 
_refine.ls_number_constraints                    ? 
_refine.ls_number_parameters                     ? 
_refine.ls_number_reflns_all                     ? 
_refine.ls_number_reflns_obs                     16385 
_refine.ls_number_reflns_R_free                  873 
_refine.ls_number_reflns_R_work                  ? 
_refine.ls_number_restraints                     ? 
_refine.ls_percent_reflns_obs                    99.5000 
_refine.ls_percent_reflns_R_free                 5.1000 
_refine.ls_R_factor_all                          ? 
_refine.ls_R_factor_obs                          0.2189 
_refine.ls_R_factor_R_free                       0.2448 
_refine.ls_R_factor_R_free_error                 ? 
_refine.ls_R_factor_R_free_error_details         ? 
_refine.ls_R_factor_R_work                       0.2175 
_refine.ls_R_Fsqd_factor_obs                     ? 
_refine.ls_R_I_factor_obs                        ? 
_refine.ls_redundancy_reflns_all                 ? 
_refine.ls_redundancy_reflns_obs                 ? 
_refine.ls_restrained_S_all                      ? 
_refine.ls_restrained_S_obs                      ? 
_refine.ls_shift_over_esd_max                    ? 
_refine.ls_shift_over_esd_mean                   ? 
_refine.ls_structure_factor_coef                 ? 
_refine.ls_weighting_details                     ? 
_refine.ls_weighting_scheme                      ? 
_refine.ls_wR_factor_all                         ? 
_refine.ls_wR_factor_obs                         ? 
_refine.ls_wR_factor_R_free                      ? 
_refine.ls_wR_factor_R_work                      ? 
_refine.occupancy_max                            ? 
_refine.occupancy_min                            ? 
_refine.solvent_model_details                    ? 
_refine.solvent_model_param_bsol                 ? 
_refine.solvent_model_param_ksol                 ? 
_refine.ls_R_factor_gt                           ? 
_refine.ls_goodness_of_fit_gt                    ? 
_refine.ls_goodness_of_fit_ref                   ? 
_refine.ls_shift_over_su_max                     ? 
_refine.ls_shift_over_su_max_lt                  ? 
_refine.ls_shift_over_su_mean                    ? 
_refine.ls_shift_over_su_mean_lt                 ? 
_refine.pdbx_ls_sigma_I                          ? 
_refine.pdbx_ls_sigma_F                          0.000 
_refine.pdbx_ls_sigma_Fsqd                       ? 
_refine.pdbx_data_cutoff_high_absF               ? 
_refine.pdbx_data_cutoff_high_rms_absF           ? 
_refine.pdbx_data_cutoff_low_absF                ? 
_refine.pdbx_isotropic_thermal_model             ? 
_refine.pdbx_ls_cross_valid_method               THROUGHOUT 
_refine.pdbx_method_to_determine_struct          'MOLECULAR REPLACEMENT' 
_refine.pdbx_starting_model                      'PDB entry 5W37' 
_refine.pdbx_stereochemistry_target_values       ? 
_refine.pdbx_R_Free_selection_details            RANDOM 
_refine.pdbx_stereochem_target_val_spec_case     ? 
_refine.pdbx_overall_ESU_R                       0.1960 
_refine.pdbx_overall_ESU_R_Free                  0.1800 
_refine.pdbx_solvent_vdw_probe_radii             1.2000 
_refine.pdbx_solvent_ion_probe_radii             0.8000 
_refine.pdbx_solvent_shrinkage_radii             0.8000 
_refine.pdbx_real_space_R                        ? 
_refine.pdbx_density_correlation                 ? 
_refine.pdbx_pd_number_of_powder_patterns        ? 
_refine.pdbx_pd_number_of_points                 ? 
_refine.pdbx_pd_meas_number_of_points            ? 
_refine.pdbx_pd_proc_ls_prof_R_factor            ? 
_refine.pdbx_pd_proc_ls_prof_wR_factor           ? 
_refine.pdbx_pd_Marquardt_correlation_coeff      ? 
_refine.pdbx_pd_Fsqrd_R_factor                   ? 
_refine.pdbx_pd_ls_matrix_band_width             ? 
_refine.pdbx_overall_phase_error                 ? 
_refine.pdbx_overall_SU_R_free_Cruickshank_DPI   ? 
_refine.pdbx_overall_SU_R_free_Blow_DPI          ? 
_refine.pdbx_overall_SU_R_Blow_DPI               ? 
_refine.pdbx_TLS_residual_ADP_flag               ? 
_refine.pdbx_diffrn_id                           1 
_refine.overall_SU_B                             8.6880 
_refine.overall_SU_ML                            0.1710 
_refine.overall_SU_R_Cruickshank_DPI             ? 
_refine.overall_SU_R_free                        ? 
_refine.overall_FOM_free_R_set                   ? 
_refine.overall_FOM_work_R_set                   ? 
_refine.pdbx_average_fsc_overall                 ? 
_refine.pdbx_average_fsc_work                    ? 
_refine.pdbx_average_fsc_free                    ? 
# 
_refine_hist.cycle_id                         final 
_refine_hist.pdbx_refine_id                   'X-RAY DIFFRACTION' 
_refine_hist.d_res_high                       2.4800 
_refine_hist.d_res_low                        38.591 
_refine_hist.pdbx_number_atoms_ligand         41 
_refine_hist.number_atoms_solvent             23 
_refine_hist.number_atoms_total               1383 
_refine_hist.pdbx_number_residues_total       171 
_refine_hist.pdbx_B_iso_mean_ligand           86.20 
_refine_hist.pdbx_B_iso_mean_solvent          65.72 
_refine_hist.pdbx_number_atoms_protein        1319 
_refine_hist.pdbx_number_atoms_nucleic_acid   0 
# 
loop_
_refine_ls_restr.pdbx_refine_id 
_refine_ls_restr.criterion 
_refine_ls_restr.dev_ideal 
_refine_ls_restr.dev_ideal_target 
_refine_ls_restr.number 
_refine_ls_restr.rejects 
_refine_ls_restr.type 
_refine_ls_restr.weight 
_refine_ls_restr.pdbx_restraint_function 
'X-RAY DIFFRACTION' ? 0.015  0.019  1377 ? r_bond_refined_d       ? ? 
'X-RAY DIFFRACTION' ? 2.013  1.974  1846 ? r_angle_refined_deg    ? ? 
'X-RAY DIFFRACTION' ? 7.932  5.000  170  ? r_dihedral_angle_1_deg ? ? 
'X-RAY DIFFRACTION' ? 38.674 26.379 58   ? r_dihedral_angle_2_deg ? ? 
'X-RAY DIFFRACTION' ? 19.571 15.000 255  ? r_dihedral_angle_3_deg ? ? 
'X-RAY DIFFRACTION' ? 20.172 15.000 2    ? r_dihedral_angle_4_deg ? ? 
'X-RAY DIFFRACTION' ? 0.127  0.200  208  ? r_chiral_restr         ? ? 
'X-RAY DIFFRACTION' ? 0.007  0.020  994  ? r_gen_planes_refined   ? ? 
# 
_refine_ls_shell.pdbx_refine_id                   'X-RAY DIFFRACTION' 
_refine_ls_shell.d_res_high                       2.4800 
_refine_ls_shell.d_res_low                        2.5440 
_refine_ls_shell.number_reflns_all                1199 
_refine_ls_shell.number_reflns_obs                ? 
_refine_ls_shell.number_reflns_R_free             68 
_refine_ls_shell.number_reflns_R_work             1131 
_refine_ls_shell.percent_reflns_obs               95.1600 
_refine_ls_shell.percent_reflns_R_free            ? 
_refine_ls_shell.R_factor_all                     ? 
_refine_ls_shell.R_factor_obs                     ? 
_refine_ls_shell.R_factor_R_free                  0.3730 
_refine_ls_shell.R_factor_R_free_error            0.0000 
_refine_ls_shell.R_factor_R_work                  0.3840 
_refine_ls_shell.redundancy_reflns_all            ? 
_refine_ls_shell.redundancy_reflns_obs            ? 
_refine_ls_shell.wR_factor_all                    ? 
_refine_ls_shell.wR_factor_obs                    ? 
_refine_ls_shell.wR_factor_R_free                 ? 
_refine_ls_shell.wR_factor_R_work                 ? 
_refine_ls_shell.pdbx_total_number_of_bins_used   20 
_refine_ls_shell.pdbx_phase_error                 ? 
_refine_ls_shell.pdbx_fsc_work                    ? 
_refine_ls_shell.pdbx_fsc_free                    ? 
# 
_struct.entry_id                     5W39 
_struct.title                        'Crystal structure of mutant CJ YCEI protein (CJ-N182C) with monobromobimane guest structure' 
_struct.pdbx_model_details           ? 
_struct.pdbx_formula_weight          ? 
_struct.pdbx_formula_weight_method   ? 
_struct.pdbx_model_type_details      ? 
_struct.pdbx_CASP_flag               N 
# 
_struct_keywords.entry_id        5W39 
_struct_keywords.text            'nanotechnology, nanoporous, UNKNOWN FUNCTION' 
_struct_keywords.pdbx_keywords   'UNKNOWN FUNCTION' 
# 
loop_
_struct_asym.id 
_struct_asym.pdbx_blank_PDB_chainid_flag 
_struct_asym.pdbx_modified 
_struct_asym.entity_id 
_struct_asym.details 
A N N 1 ? 
B N N 2 ? 
C N N 3 ? 
D N N 3 ? 
E N N 4 ? 
F N N 5 ? 
# 
loop_
_struct_conf.conf_type_id 
_struct_conf.id 
_struct_conf.pdbx_PDB_helix_id 
_struct_conf.beg_label_comp_id 
_struct_conf.beg_label_asym_id 
_struct_conf.beg_label_seq_id 
_struct_conf.pdbx_beg_PDB_ins_code 
_struct_conf.end_label_comp_id 
_struct_conf.end_label_asym_id 
_struct_conf.end_label_seq_id 
_struct_conf.pdbx_end_PDB_ins_code 
_struct_conf.beg_auth_comp_id 
_struct_conf.beg_auth_asym_id 
_struct_conf.beg_auth_seq_id 
_struct_conf.end_auth_comp_id 
_struct_conf.end_auth_asym_id 
_struct_conf.end_auth_seq_id 
_struct_conf.pdbx_PDB_helix_class 
_struct_conf.details 
_struct_conf.pdbx_PDB_helix_length 
HELX_P HELX_P1 AA1 ASP A 7   ? THR A 11  ? ASP A 27  THR A 31  5 ? 5  
HELX_P HELX_P2 AA2 ASN A 61  ? GLN A 70  ? ASN A 81  GLN A 90  1 ? 10 
HELX_P HELX_P3 AA3 SER A 142 ? LYS A 145 ? SER A 162 LYS A 165 5 ? 4  
# 
_struct_conf_type.id          HELX_P 
_struct_conf_type.criteria    ? 
_struct_conf_type.reference   ? 
# 
loop_
_struct_sheet.id 
_struct_sheet.type 
_struct_sheet.number_strands 
_struct_sheet.details 
AA1 ? 2 ? 
AA2 ? 7 ? 
AA3 ? 7 ? 
# 
loop_
_struct_sheet_order.sheet_id 
_struct_sheet_order.range_id_1 
_struct_sheet_order.range_id_2 
_struct_sheet_order.offset 
_struct_sheet_order.sense 
AA1 1 2 ? anti-parallel 
AA2 1 2 ? anti-parallel 
AA2 2 3 ? anti-parallel 
AA2 3 4 ? anti-parallel 
AA2 4 5 ? anti-parallel 
AA2 5 6 ? anti-parallel 
AA2 6 7 ? anti-parallel 
AA3 1 2 ? anti-parallel 
AA3 2 3 ? anti-parallel 
AA3 3 4 ? anti-parallel 
AA3 4 5 ? anti-parallel 
AA3 5 6 ? anti-parallel 
AA3 6 7 ? anti-parallel 
# 
loop_
_struct_sheet_range.sheet_id 
_struct_sheet_range.id 
_struct_sheet_range.beg_label_comp_id 
_struct_sheet_range.beg_label_asym_id 
_struct_sheet_range.beg_label_seq_id 
_struct_sheet_range.pdbx_beg_PDB_ins_code 
_struct_sheet_range.end_label_comp_id 
_struct_sheet_range.end_label_asym_id 
_struct_sheet_range.end_label_seq_id 
_struct_sheet_range.pdbx_end_PDB_ins_code 
_struct_sheet_range.beg_auth_comp_id 
_struct_sheet_range.beg_auth_asym_id 
_struct_sheet_range.beg_auth_seq_id 
_struct_sheet_range.end_auth_comp_id 
_struct_sheet_range.end_auth_asym_id 
_struct_sheet_range.end_auth_seq_id 
AA1 1 ASN A 28  ? PHE A 29  ? ASN A 48  PHE A 49  
AA1 2 VAL A 57  ? ASN A 58  ? VAL A 77  ASN A 78  
AA2 1 TYR A 32  ? PHE A 38  ? TYR A 52  PHE A 58  
AA2 2 PHE A 45  ? LYS A 53  ? PHE A 65  LYS A 73  
AA2 3 ASP A 81  ? ASP A 93  ? ASP A 101 ASP A 113 
AA2 4 LYS A 96  ? ILE A 105 ? LYS A 116 ILE A 125 
AA2 5 VAL A 108 ? GLU A 117 ? VAL A 128 GLU A 137 
AA2 6 GLU A 129 ? LYS A 140 ? GLU A 149 LYS A 160 
AA2 7 VAL A 121 ? LYS A 123 ? VAL A 141 LYS A 143 
AA3 1 TYR A 32  ? PHE A 38  ? TYR A 52  PHE A 58  
AA3 2 PHE A 45  ? LYS A 53  ? PHE A 65  LYS A 73  
AA3 3 ASP A 81  ? ASP A 93  ? ASP A 101 ASP A 113 
AA3 4 LYS A 96  ? ILE A 105 ? LYS A 116 ILE A 125 
AA3 5 VAL A 108 ? GLU A 117 ? VAL A 128 GLU A 137 
AA3 6 GLU A 129 ? LYS A 140 ? GLU A 149 LYS A 160 
AA3 7 ASP A 158 ? ASN A 168 ? ASP A 178 ASN A 188 
# 
loop_
_pdbx_struct_sheet_hbond.sheet_id 
_pdbx_struct_sheet_hbond.range_id_1 
_pdbx_struct_sheet_hbond.range_id_2 
_pdbx_struct_sheet_hbond.range_1_label_atom_id 
_pdbx_struct_sheet_hbond.range_1_label_comp_id 
_pdbx_struct_sheet_hbond.range_1_label_asym_id 
_pdbx_struct_sheet_hbond.range_1_label_seq_id 
_pdbx_struct_sheet_hbond.range_1_PDB_ins_code 
_pdbx_struct_sheet_hbond.range_1_auth_atom_id 
_pdbx_struct_sheet_hbond.range_1_auth_comp_id 
_pdbx_struct_sheet_hbond.range_1_auth_asym_id 
_pdbx_struct_sheet_hbond.range_1_auth_seq_id 
_pdbx_struct_sheet_hbond.range_2_label_atom_id 
_pdbx_struct_sheet_hbond.range_2_label_comp_id 
_pdbx_struct_sheet_hbond.range_2_label_asym_id 
_pdbx_struct_sheet_hbond.range_2_label_seq_id 
_pdbx_struct_sheet_hbond.range_2_PDB_ins_code 
_pdbx_struct_sheet_hbond.range_2_auth_atom_id 
_pdbx_struct_sheet_hbond.range_2_auth_comp_id 
_pdbx_struct_sheet_hbond.range_2_auth_asym_id 
_pdbx_struct_sheet_hbond.range_2_auth_seq_id 
AA1 1 2 N ASN A 28  ? N ASN A 48  O ASN A 58  ? O ASN A 78  
AA2 1 2 N ASP A 37  ? N ASP A 57  O LYS A 46  ? O LYS A 66  
AA2 2 3 N LEU A 48  ? N LEU A 68  O MET A 86  ? O MET A 106 
AA2 3 4 N LYS A 87  ? N LYS A 107 O THR A 100 ? O THR A 120 
AA2 4 5 N MET A 99  ? N MET A 119 O LEU A 114 ? O LEU A 134 
AA2 5 6 N ASP A 115 ? N ASP A 135 O ASN A 136 ? O ASN A 156 
AA2 6 7 O LYS A 130 ? O LYS A 150 N ALA A 122 ? N ALA A 142 
AA3 1 2 N ASP A 37  ? N ASP A 57  O LYS A 46  ? O LYS A 66  
AA3 2 3 N LEU A 48  ? N LEU A 68  O MET A 86  ? O MET A 106 
AA3 3 4 N LYS A 87  ? N LYS A 107 O THR A 100 ? O THR A 120 
AA3 4 5 N MET A 99  ? N MET A 119 O LEU A 114 ? O LEU A 134 
AA3 5 6 N ASP A 115 ? N ASP A 135 O ASN A 136 ? O ASN A 156 
AA3 6 7 N LEU A 135 ? N LEU A 155 O ILE A 163 ? O ILE A 183 
# 
loop_
_struct_site.id 
_struct_site.pdbx_evidence_code 
_struct_site.pdbx_auth_asym_id 
_struct_site.pdbx_auth_comp_id 
_struct_site.pdbx_auth_seq_id 
_struct_site.pdbx_auth_ins_code 
_struct_site.pdbx_num_residues 
_struct_site.details 
AC1 Software A LFA 301 ? 3 'binding site for residue LFA A 301' 
AC2 Software A SO4 302 ? 2 'binding site for residue SO4 A 302' 
AC3 Software A SO4 303 ? 7 'binding site for residue SO4 A 303' 
AC4 Software A 9UM 304 ? 3 'binding site for residue 9UM A 304' 
# 
loop_
_struct_site_gen.id 
_struct_site_gen.site_id 
_struct_site_gen.pdbx_num_res 
_struct_site_gen.label_comp_id 
_struct_site_gen.label_asym_id 
_struct_site_gen.label_seq_id 
_struct_site_gen.pdbx_auth_ins_code 
_struct_site_gen.auth_comp_id 
_struct_site_gen.auth_asym_id 
_struct_site_gen.auth_seq_id 
_struct_site_gen.label_atom_id 
_struct_site_gen.label_alt_id 
_struct_site_gen.symmetry 
_struct_site_gen.details 
1  AC1 3 PHE A 15  ? PHE A 35  . ? 9_556 ? 
2  AC1 3 ARG A 64  ? ARG A 84  . ? 1_555 ? 
3  AC1 3 LEU A 68  ? LEU A 88  . ? 1_555 ? 
4  AC2 2 LYS A 110 ? LYS A 130 . ? 1_555 ? 
5  AC2 2 ASP A 111 ? ASP A 131 . ? 1_555 ? 
6  AC3 7 SER A 149 ? SER A 169 . ? 4_545 ? 
7  AC3 7 THR A 150 ? THR A 170 . ? 4_545 ? 
8  AC3 7 THR A 150 ? THR A 170 . ? 1_555 ? 
9  AC3 7 SER A 151 ? SER A 171 . ? 1_555 ? 
10 AC3 7 SER A 151 ? SER A 171 . ? 4_545 ? 
11 AC3 7 THR A 154 ? THR A 174 . ? 4_545 ? 
12 AC3 7 THR A 154 ? THR A 174 . ? 1_555 ? 
13 AC4 3 GLU A 117 ? GLU A 137 . ? 1_555 ? 
14 AC4 3 ASN A 136 ? ASN A 156 . ? 1_555 ? 
15 AC4 3 CYS A 162 ? CYS A 182 . ? 1_555 ? 
# 
_atom_sites.entry_id                    5W39 
_atom_sites.fract_transf_matrix[1][1]   0.00620277 
_atom_sites.fract_transf_matrix[1][2]   -0.00016608 
_atom_sites.fract_transf_matrix[1][3]   -0.00186045 
_atom_sites.fract_transf_matrix[2][1]   0.00219703 
_atom_sites.fract_transf_matrix[2][2]   -0.00498291 
_atom_sites.fract_transf_matrix[2][3]   -0.00350829 
_atom_sites.fract_transf_matrix[3][1]   -0.00472455 
_atom_sites.fract_transf_matrix[3][2]   0.00961114 
_atom_sites.fract_transf_matrix[3][3]   -0.01660966 
_atom_sites.fract_transf_vector[1]      -0.118600 
_atom_sites.fract_transf_vector[2]      -0.500704 
_atom_sites.fract_transf_vector[3]      0.321650 
# 
loop_
_atom_type.symbol 
C 
N 
O 
S 
# 
loop_
_atom_site.group_PDB 
_atom_site.id 
_atom_site.type_symbol 
_atom_site.label_atom_id 
_atom_site.label_alt_id 
_atom_site.label_comp_id 
_atom_site.label_asym_id 
_atom_site.label_entity_id 
_atom_site.label_seq_id 
_atom_site.pdbx_PDB_ins_code 
_atom_site.Cartn_x 
_atom_site.Cartn_y 
_atom_site.Cartn_z 
_atom_site.occupancy 
_atom_site.B_iso_or_equiv 
_atom_site.pdbx_formal_charge 
_atom_site.auth_seq_id 
_atom_site.auth_comp_id 
_atom_site.auth_asym_id 
_atom_site.auth_atom_id 
_atom_site.pdbx_PDB_model_num 
ATOM   1    N N   . MET A 1 1   ? 57.041  7.364   -38.459 1.00 81.78  ? 21  MET A N   1 
ATOM   2    C CA  . MET A 1 1   ? 55.608  7.046   -38.207 1.00 88.54  ? 21  MET A CA  1 
ATOM   3    C C   . MET A 1 1   ? 54.997  6.099   -39.236 1.00 79.38  ? 21  MET A C   1 
ATOM   4    O O   . MET A 1 1   ? 55.535  5.881   -40.292 1.00 74.72  ? 21  MET A O   1 
ATOM   5    C CB  . MET A 1 1   ? 54.788  8.323   -38.092 1.00 91.54  ? 21  MET A CB  1 
ATOM   6    C CG  . MET A 1 1   ? 54.926  9.211   -39.293 1.00 95.46  ? 21  MET A CG  1 
ATOM   7    S SD  . MET A 1 1   ? 53.286  9.585   -39.916 1.00 135.60 ? 21  MET A SD  1 
ATOM   8    C CE  . MET A 1 1   ? 52.750  8.081   -40.730 1.00 99.47  ? 21  MET A CE  1 
ATOM   9    N N   . LYS A 1 2   ? 53.861  5.525   -38.895 1.00 80.39  ? 22  LYS A N   1 
ATOM   10   C CA  . LYS A 1 2   ? 53.155  4.601   -39.761 1.00 79.84  ? 22  LYS A CA  1 
ATOM   11   C C   . LYS A 1 2   ? 51.675  4.988   -39.728 1.00 86.15  ? 22  LYS A C   1 
ATOM   12   O O   . LYS A 1 2   ? 51.210  5.639   -38.787 1.00 106.89 ? 22  LYS A O   1 
ATOM   13   C CB  . LYS A 1 2   ? 53.425  3.133   -39.367 1.00 74.80  ? 22  LYS A CB  1 
ATOM   14   C CG  . LYS A 1 2   ? 54.908  2.785   -39.583 1.00 94.35  ? 22  LYS A CG  1 
ATOM   15   C CD  . LYS A 1 2   ? 55.188  1.300   -39.811 1.00 103.52 ? 22  LYS A CD  1 
ATOM   16   C CE  . LYS A 1 2   ? 56.365  1.186   -40.780 1.00 98.43  ? 22  LYS A CE  1 
ATOM   17   N NZ  . LYS A 1 2   ? 56.676  -0.252  -41.061 1.00 112.57 ? 22  LYS A NZ  1 
ATOM   18   N N   . GLU A 1 3   ? 50.954  4.629   -40.779 1.00 83.20  ? 23  GLU A N   1 
ATOM   19   C CA  . GLU A 1 3   ? 49.570  5.024   -40.940 1.00 77.76  ? 23  GLU A CA  1 
ATOM   20   C C   . GLU A 1 3   ? 48.736  3.799   -40.763 1.00 73.02  ? 23  GLU A C   1 
ATOM   21   O O   . GLU A 1 3   ? 49.116  2.721   -41.231 1.00 76.11  ? 23  GLU A O   1 
ATOM   22   C CB  . GLU A 1 3   ? 49.332  5.616   -42.321 1.00 80.94  ? 23  GLU A CB  1 
ATOM   23   C CG  . GLU A 1 3   ? 50.185  6.839   -42.607 1.00 89.86  ? 23  GLU A CG  1 
ATOM   24   C CD  . GLU A 1 3   ? 49.888  7.463   -43.954 1.00 98.77  ? 23  GLU A CD  1 
ATOM   25   O OE1 . GLU A 1 3   ? 50.810  8.086   -44.535 1.00 91.61  ? 23  GLU A OE1 1 
ATOM   26   O OE2 . GLU A 1 3   ? 48.731  7.330   -44.420 1.00 101.92 ? 23  GLU A OE2 1 
ATOM   27   N N   . TYR A 1 4   ? 47.602  3.956   -40.077 1.00 66.23  ? 24  TYR A N   1 
ATOM   28   C CA  . TYR A 1 4   ? 46.742  2.812   -39.795 1.00 64.54  ? 24  TYR A CA  1 
ATOM   29   C C   . TYR A 1 4   ? 45.317  3.089   -40.250 1.00 64.21  ? 24  TYR A C   1 
ATOM   30   O O   . TYR A 1 4   ? 44.989  4.225   -40.608 1.00 67.86  ? 24  TYR A O   1 
ATOM   31   C CB  . TYR A 1 4   ? 46.797  2.453   -38.306 1.00 65.62  ? 24  TYR A CB  1 
ATOM   32   C CG  . TYR A 1 4   ? 48.182  2.106   -37.769 1.00 62.88  ? 24  TYR A CG  1 
ATOM   33   C CD1 . TYR A 1 4   ? 49.209  3.095   -37.645 1.00 61.31  ? 24  TYR A CD1 1 
ATOM   34   C CD2 . TYR A 1 4   ? 48.463  0.798   -37.329 1.00 65.45  ? 24  TYR A CD2 1 
ATOM   35   C CE1 . TYR A 1 4   ? 50.480  2.781   -37.133 1.00 62.78  ? 24  TYR A CE1 1 
ATOM   36   C CE2 . TYR A 1 4   ? 49.720  0.481   -36.783 1.00 70.72  ? 24  TYR A CE2 1 
ATOM   37   C CZ  . TYR A 1 4   ? 50.719  1.468   -36.692 1.00 66.21  ? 24  TYR A CZ  1 
ATOM   38   O OH  . TYR A 1 4   ? 51.937  1.133   -36.163 1.00 65.71  ? 24  TYR A OH  1 
ATOM   39   N N   . THR A 1 5   ? 44.499  2.043   -40.243 1.00 58.49  ? 25  THR A N   1 
ATOM   40   C CA  . THR A 1 5   ? 43.131  2.077   -40.688 1.00 71.53  ? 25  THR A CA  1 
ATOM   41   C C   . THR A 1 5   ? 42.436  1.283   -39.638 1.00 70.65  ? 25  THR A C   1 
ATOM   42   O O   . THR A 1 5   ? 42.845  0.160   -39.365 1.00 72.52  ? 25  THR A O   1 
ATOM   43   C CB  . THR A 1 5   ? 42.966  1.322   -42.054 1.00 80.42  ? 25  THR A CB  1 
ATOM   44   O OG1 . THR A 1 5   ? 43.461  2.143   -43.116 1.00 80.34  ? 25  THR A OG1 1 
ATOM   45   C CG2 . THR A 1 5   ? 41.482  0.928   -42.368 1.00 75.09  ? 25  THR A CG2 1 
ATOM   46   N N   . LEU A 1 6   ? 41.370  1.832   -39.076 1.00 71.00  ? 26  LEU A N   1 
ATOM   47   C CA  . LEU A 1 6   ? 40.595  1.112   -38.052 1.00 77.40  ? 26  LEU A CA  1 
ATOM   48   C C   . LEU A 1 6   ? 40.151  -0.237  -38.583 1.00 75.61  ? 26  LEU A C   1 
ATOM   49   O O   . LEU A 1 6   ? 39.956  -0.393  -39.779 1.00 94.30  ? 26  LEU A O   1 
ATOM   50   C CB  . LEU A 1 6   ? 39.351  1.905   -37.643 1.00 69.67  ? 26  LEU A CB  1 
ATOM   51   C CG  . LEU A 1 6   ? 39.529  3.348   -37.240 1.00 72.32  ? 26  LEU A CG  1 
ATOM   52   C CD1 . LEU A 1 6   ? 39.475  4.292   -38.439 1.00 88.71  ? 26  LEU A CD1 1 
ATOM   53   C CD2 . LEU A 1 6   ? 38.380  3.601   -36.317 1.00 84.52  ? 26  LEU A CD2 1 
ATOM   54   N N   . ASP A 1 7   ? 40.036  -1.220  -37.708 1.00 73.19  ? 27  ASP A N   1 
ATOM   55   C CA  . ASP A 1 7   ? 39.275  -2.401  -38.026 1.00 74.49  ? 27  ASP A CA  1 
ATOM   56   C C   . ASP A 1 7   ? 37.973  -2.170  -37.275 1.00 76.92  ? 27  ASP A C   1 
ATOM   57   O O   . ASP A 1 7   ? 37.883  -2.387  -36.064 1.00 79.02  ? 27  ASP A O   1 
ATOM   58   C CB  . ASP A 1 7   ? 40.021  -3.700  -37.636 1.00 80.36  ? 27  ASP A CB  1 
ATOM   59   C CG  . ASP A 1 7   ? 39.109  -4.967  -37.600 1.00 93.75  ? 27  ASP A CG  1 
ATOM   60   O OD1 . ASP A 1 7   ? 37.924  -4.928  -38.052 1.00 91.93  ? 27  ASP A OD1 1 
ATOM   61   O OD2 . ASP A 1 7   ? 39.596  -6.019  -37.094 1.00 98.72  ? 27  ASP A OD2 1 
ATOM   62   N N   . LYS A 1 8   ? 36.971  -1.711  -38.019 1.00 82.43  ? 28  LYS A N   1 
ATOM   63   C CA  . LYS A 1 8   ? 35.659  -1.385  -37.486 1.00 73.09  ? 28  LYS A CA  1 
ATOM   64   C C   . LYS A 1 8   ? 35.008  -2.537  -36.693 1.00 74.11  ? 28  LYS A C   1 
ATOM   65   O O   . LYS A 1 8   ? 34.214  -2.294  -35.778 1.00 80.85  ? 28  LYS A O   1 
ATOM   66   C CB  . LYS A 1 8   ? 34.741  -0.860  -38.599 1.00 72.49  ? 28  LYS A CB  1 
ATOM   67   C CG  . LYS A 1 8   ? 35.021  0.574   -39.086 1.00 75.95  ? 28  LYS A CG  1 
ATOM   68   C CD  . LYS A 1 8   ? 33.749  1.436   -38.986 1.00 93.06  ? 28  LYS A CD  1 
ATOM   69   C CE  . LYS A 1 8   ? 33.443  2.334   -40.191 1.00 94.26  ? 28  LYS A CE  1 
ATOM   70   N NZ  . LYS A 1 8   ? 34.621  3.149   -40.608 1.00 82.74  ? 28  LYS A NZ  1 
ATOM   71   N N   . ALA A 1 9   ? 35.371  -3.774  -37.010 1.00 71.05  ? 29  ALA A N   1 
ATOM   72   C CA  . ALA A 1 9   ? 34.774  -4.941  -36.351 1.00 74.95  ? 29  ALA A CA  1 
ATOM   73   C C   . ALA A 1 9   ? 35.292  -5.195  -34.918 1.00 78.82  ? 29  ALA A C   1 
ATOM   74   O O   . ALA A 1 9   ? 34.603  -5.814  -34.116 1.00 78.51  ? 29  ALA A O   1 
ATOM   75   C CB  . ALA A 1 9   ? 34.969  -6.171  -37.219 1.00 73.48  ? 29  ALA A CB  1 
ATOM   76   N N   . HIS A 1 10  ? 36.509  -4.744  -34.608 1.00 81.88  ? 30  HIS A N   1 
ATOM   77   C CA  . HIS A 1 10  ? 37.050  -4.815  -33.228 1.00 91.61  ? 30  HIS A CA  1 
ATOM   78   C C   . HIS A 1 10  ? 37.402  -3.418  -32.692 1.00 88.60  ? 30  HIS A C   1 
ATOM   79   O O   . HIS A 1 10  ? 38.416  -3.250  -31.993 1.00 81.89  ? 30  HIS A O   1 
ATOM   80   C CB  . HIS A 1 10  ? 38.278  -5.738  -33.155 1.00 97.60  ? 30  HIS A CB  1 
ATOM   81   C CG  . HIS A 1 10  ? 38.031  -7.110  -33.688 1.00 104.76 ? 30  HIS A CG  1 
ATOM   82   N ND1 . HIS A 1 10  ? 38.419  -7.496  -34.958 1.00 101.75 ? 30  HIS A ND1 1 
ATOM   83   C CD2 . HIS A 1 10  ? 37.423  -8.184  -33.133 1.00 102.64 ? 30  HIS A CD2 1 
ATOM   84   C CE1 . HIS A 1 10  ? 38.069  -8.754  -35.157 1.00 110.21 ? 30  HIS A CE1 1 
ATOM   85   N NE2 . HIS A 1 10  ? 37.461  -9.194  -34.067 1.00 117.88 ? 30  HIS A NE2 1 
ATOM   86   N N   . THR A 1 11  ? 36.574  -2.431  -33.077 1.00 82.25  ? 31  THR A N   1 
ATOM   87   C CA  . THR A 1 11  ? 36.604  -1.038  -32.592 1.00 67.75  ? 31  THR A CA  1 
ATOM   88   C C   . THR A 1 11  ? 35.215  -0.624  -32.048 1.00 67.92  ? 31  THR A C   1 
ATOM   89   O O   . THR A 1 11  ? 34.194  -1.054  -32.560 1.00 75.94  ? 31  THR A O   1 
ATOM   90   C CB  . THR A 1 11  ? 37.169  -0.074  -33.662 1.00 61.19  ? 31  THR A CB  1 
ATOM   91   O OG1 . THR A 1 11  ? 38.561  -0.363  -33.877 1.00 61.48  ? 31  THR A OG1 1 
ATOM   92   C CG2 . THR A 1 11  ? 37.067  1.377   -33.257 1.00 57.95  ? 31  THR A CG2 1 
ATOM   93   N N   . ASP A 1 12  ? 35.208  0.136   -30.956 1.00 69.48  ? 32  ASP A N   1 
ATOM   94   C CA  . ASP A 1 12  ? 33.995  0.633   -30.309 1.00 69.26  ? 32  ASP A CA  1 
ATOM   95   C C   . ASP A 1 12  ? 34.233  2.111   -29.959 1.00 68.23  ? 32  ASP A C   1 
ATOM   96   O O   . ASP A 1 12  ? 35.129  2.428   -29.158 1.00 71.05  ? 32  ASP A O   1 
ATOM   97   C CB  . ASP A 1 12  ? 33.670  -0.194  -29.042 1.00 64.26  ? 32  ASP A CB  1 
ATOM   98   C CG  . ASP A 1 12  ? 32.286  0.128   -28.456 1.00 75.92  ? 32  ASP A CG  1 
ATOM   99   O OD1 . ASP A 1 12  ? 31.291  -0.273  -29.081 1.00 87.94  ? 32  ASP A OD1 1 
ATOM   100  O OD2 . ASP A 1 12  ? 32.165  0.769   -27.375 1.00 81.82  ? 32  ASP A OD2 1 
ATOM   101  N N   . VAL A 1 13  ? 33.479  3.005   -30.598 1.00 64.38  ? 33  VAL A N   1 
ATOM   102  C CA  . VAL A 1 13  ? 33.509  4.412   -30.256 1.00 59.61  ? 33  VAL A CA  1 
ATOM   103  C C   . VAL A 1 13  ? 32.392  4.606   -29.241 1.00 64.98  ? 33  VAL A C   1 
ATOM   104  O O   . VAL A 1 13  ? 31.253  4.866   -29.613 1.00 77.26  ? 33  VAL A O   1 
ATOM   105  C CB  . VAL A 1 13  ? 33.317  5.290   -31.498 1.00 58.59  ? 33  VAL A CB  1 
ATOM   106  C CG1 . VAL A 1 13  ? 33.493  6.751   -31.140 1.00 56.21  ? 33  VAL A CG1 1 
ATOM   107  C CG2 . VAL A 1 13  ? 34.318  4.904   -32.578 1.00 57.99  ? 33  VAL A CG2 1 
ATOM   108  N N   . GLY A 1 14  ? 32.728  4.445   -27.959 1.00 67.62  ? 34  GLY A N   1 
ATOM   109  C CA  . GLY A 1 14  ? 31.747  4.268   -26.881 1.00 65.14  ? 34  GLY A CA  1 
ATOM   110  C C   . GLY A 1 14  ? 31.652  5.430   -25.911 1.00 69.43  ? 34  GLY A C   1 
ATOM   111  O O   . GLY A 1 14  ? 32.541  6.282   -25.866 1.00 70.29  ? 34  GLY A O   1 
ATOM   112  N N   . PHE A 1 15  ? 30.554  5.455   -25.144 1.00 66.64  ? 35  PHE A N   1 
ATOM   113  C CA  . PHE A 1 15  ? 30.272  6.488   -24.124 1.00 60.77  ? 35  PHE A CA  1 
ATOM   114  C C   . PHE A 1 15  ? 29.307  5.961   -23.059 1.00 60.31  ? 35  PHE A C   1 
ATOM   115  O O   . PHE A 1 15  ? 28.537  5.044   -23.324 1.00 64.09  ? 35  PHE A O   1 
ATOM   116  C CB  . PHE A 1 15  ? 29.717  7.772   -24.757 1.00 60.60  ? 35  PHE A CB  1 
ATOM   117  C CG  . PHE A 1 15  ? 28.349  7.615   -25.350 1.00 65.50  ? 35  PHE A CG  1 
ATOM   118  C CD1 . PHE A 1 15  ? 28.189  7.200   -26.674 1.00 73.23  ? 35  PHE A CD1 1 
ATOM   119  C CD2 . PHE A 1 15  ? 27.209  7.871   -24.591 1.00 65.69  ? 35  PHE A CD2 1 
ATOM   120  C CE1 . PHE A 1 15  ? 26.920  7.037   -27.225 1.00 71.58  ? 35  PHE A CE1 1 
ATOM   121  C CE2 . PHE A 1 15  ? 25.943  7.700   -25.134 1.00 73.31  ? 35  PHE A CE2 1 
ATOM   122  C CZ  . PHE A 1 15  ? 25.799  7.281   -26.453 1.00 65.77  ? 35  PHE A CZ  1 
ATOM   123  N N   . LYS A 1 16  ? 29.356  6.551   -21.868 1.00 60.53  ? 36  LYS A N   1 
ATOM   124  C CA  . LYS A 1 16  ? 28.544  6.154   -20.719 1.00 58.46  ? 36  LYS A CA  1 
ATOM   125  C C   . LYS A 1 16  ? 28.103  7.443   -20.064 1.00 57.16  ? 36  LYS A C   1 
ATOM   126  O O   . LYS A 1 16  ? 28.929  8.355   -19.840 1.00 51.71  ? 36  LYS A O   1 
ATOM   127  C CB  . LYS A 1 16  ? 29.372  5.372   -19.701 1.00 62.94  ? 36  LYS A CB  1 
ATOM   128  C CG  . LYS A 1 16  ? 29.487  3.887   -19.965 1.00 80.26  ? 36  LYS A CG  1 
ATOM   129  C CD  . LYS A 1 16  ? 30.258  3.182   -18.837 1.00 99.88  ? 36  LYS A CD  1 
ATOM   130  C CE  . LYS A 1 16  ? 30.697  1.759   -19.220 1.00 107.34 ? 36  LYS A CE  1 
ATOM   131  N NZ  . LYS A 1 16  ? 31.419  1.055   -18.119 1.00 102.72 ? 36  LYS A NZ  1 
ATOM   132  N N   . ILE A 1 17  ? 26.815  7.534   -19.755 1.00 48.67  ? 37  ILE A N   1 
ATOM   133  C CA  . ILE A 1 17  ? 26.311  8.698   -19.012 1.00 49.13  ? 37  ILE A CA  1 
ATOM   134  C C   . ILE A 1 17  ? 25.241  8.258   -18.007 1.00 54.62  ? 37  ILE A C   1 
ATOM   135  O O   . ILE A 1 17  ? 24.397  7.364   -18.279 1.00 59.06  ? 37  ILE A O   1 
ATOM   136  C CB  . ILE A 1 17  ? 25.841  9.838   -19.965 1.00 47.60  ? 37  ILE A CB  1 
ATOM   137  C CG1 . ILE A 1 17  ? 25.511  11.107  -19.191 1.00 49.34  ? 37  ILE A CG1 1 
ATOM   138  C CG2 . ILE A 1 17  ? 24.724  9.384   -20.908 1.00 45.73  ? 37  ILE A CG2 1 
ATOM   139  C CD1 . ILE A 1 17  ? 25.313  12.283  -20.100 1.00 52.54  ? 37  ILE A CD1 1 
ATOM   140  N N   . LYS A 1 18  ? 25.304  8.862   -16.840 1.00 55.54  ? 38  LYS A N   1 
ATOM   141  C CA  . LYS A 1 18  ? 24.411  8.499   -15.772 1.00 63.91  ? 38  LYS A CA  1 
ATOM   142  C C   . LYS A 1 18  ? 23.099  9.287   -15.906 1.00 66.88  ? 38  LYS A C   1 
ATOM   143  O O   . LYS A 1 18  ? 23.117  10.530  -16.107 1.00 68.99  ? 38  LYS A O   1 
ATOM   144  C CB  . LYS A 1 18  ? 25.093  8.804   -14.433 1.00 68.42  ? 38  LYS A CB  1 
ATOM   145  C CG  . LYS A 1 18  ? 26.018  7.712   -13.906 1.00 73.44  ? 38  LYS A CG  1 
ATOM   146  C CD  . LYS A 1 18  ? 26.835  8.253   -12.730 1.00 85.32  ? 38  LYS A CD  1 
ATOM   147  C CE  . LYS A 1 18  ? 27.603  7.160   -11.987 1.00 102.33 ? 38  LYS A CE  1 
ATOM   148  N NZ  . LYS A 1 18  ? 28.856  6.750   -12.703 1.00 107.21 ? 38  LYS A NZ  1 
ATOM   149  N N   . HIS A 1 19  ? 21.970  8.584   -15.806 1.00 60.29  ? 39  HIS A N   1 
ATOM   150  C CA  . HIS A 1 19  ? 20.705  9.283   -15.554 1.00 67.67  ? 39  HIS A CA  1 
ATOM   151  C C   . HIS A 1 19  ? 19.786  8.686   -14.479 1.00 68.80  ? 39  HIS A C   1 
ATOM   152  O O   . HIS A 1 19  ? 19.891  7.515   -14.115 1.00 70.53  ? 39  HIS A O   1 
ATOM   153  C CB  . HIS A 1 19  ? 19.934  9.575   -16.857 1.00 69.40  ? 39  HIS A CB  1 
ATOM   154  C CG  . HIS A 1 19  ? 19.225  8.394   -17.440 1.00 68.27  ? 39  HIS A CG  1 
ATOM   155  N ND1 . HIS A 1 19  ? 19.706  7.100   -17.337 1.00 68.96  ? 39  HIS A ND1 1 
ATOM   156  C CD2 . HIS A 1 19  ? 18.069  8.318   -18.146 1.00 71.56  ? 39  HIS A CD2 1 
ATOM   157  C CE1 . HIS A 1 19  ? 18.865  6.271   -17.937 1.00 67.81  ? 39  HIS A CE1 1 
ATOM   158  N NE2 . HIS A 1 19  ? 17.868  6.986   -18.440 1.00 81.06  ? 39  HIS A NE2 1 
ATOM   159  N N   . LEU A 1 20  ? 18.888  9.540   -14.002 1.00 65.45  ? 40  LEU A N   1 
ATOM   160  C CA  . LEU A 1 20  ? 17.866  9.193   -13.053 1.00 64.83  ? 40  LEU A CA  1 
ATOM   161  C C   . LEU A 1 20  ? 16.602  8.772   -13.780 1.00 68.11  ? 40  LEU A C   1 
ATOM   162  O O   . LEU A 1 20  ? 16.338  9.246   -14.885 1.00 85.61  ? 40  LEU A O   1 
ATOM   163  C CB  . LEU A 1 20  ? 17.626  10.388  -12.149 1.00 56.07  ? 40  LEU A CB  1 
ATOM   164  C CG  . LEU A 1 20  ? 18.814  10.701  -11.224 1.00 61.79  ? 40  LEU A CG  1 
ATOM   165  C CD1 . LEU A 1 20  ? 18.381  11.634  -10.109 1.00 57.13  ? 40  LEU A CD1 1 
ATOM   166  C CD2 . LEU A 1 20  ? 19.427  9.450   -10.602 1.00 64.91  ? 40  LEU A CD2 1 
ATOM   167  N N   . GLN A 1 21  ? 15.866  7.836   -13.185 1.00 69.97  ? 41  GLN A N   1 
ATOM   168  C CA  . GLN A 1 21  ? 14.524  7.427   -13.636 1.00 69.07  ? 41  GLN A CA  1 
ATOM   169  C C   . GLN A 1 21  ? 13.608  7.208   -12.453 1.00 71.65  ? 41  GLN A C   1 
ATOM   170  O O   . GLN A 1 21  ? 13.936  6.480   -11.502 1.00 74.45  ? 41  GLN A O   1 
ATOM   171  C CB  . GLN A 1 21  ? 14.566  6.163   -14.461 1.00 64.45  ? 41  GLN A CB  1 
ATOM   172  C CG  . GLN A 1 21  ? 15.243  6.354   -15.794 1.00 78.74  ? 41  GLN A CG  1 
ATOM   173  C CD  . GLN A 1 21  ? 15.339  5.060   -16.580 1.00 90.05  ? 41  GLN A CD  1 
ATOM   174  O OE1 . GLN A 1 21  ? 16.013  4.102   -16.166 1.00 84.14  ? 41  GLN A OE1 1 
ATOM   175  N NE2 . GLN A 1 21  ? 14.678  5.033   -17.736 1.00 91.29  ? 41  GLN A NE2 1 
ATOM   176  N N   . ILE A 1 22  ? 12.468  7.876   -12.517 1.00 72.03  ? 42  ILE A N   1 
ATOM   177  C CA  . ILE A 1 22  ? 11.403  7.750   -11.534 1.00 68.98  ? 42  ILE A CA  1 
ATOM   178  C C   . ILE A 1 22  ? 10.575  6.548   -11.943 1.00 67.87  ? 42  ILE A C   1 
ATOM   179  O O   . ILE A 1 22  ? 10.400  6.284   -13.132 1.00 71.15  ? 42  ILE A O   1 
ATOM   180  C CB  . ILE A 1 22  ? 10.568  9.039   -11.468 1.00 68.06  ? 42  ILE A CB  1 
ATOM   181  C CG1 . ILE A 1 22  ? 9.661   9.044   -10.220 1.00 66.02  ? 42  ILE A CG1 1 
ATOM   182  C CG2 . ILE A 1 22  ? 9.828   9.266   -12.798 1.00 65.19  ? 42  ILE A CG2 1 
ATOM   183  C CD1 . ILE A 1 22  ? 9.257   10.424  -9.703  1.00 59.23  ? 42  ILE A CD1 1 
ATOM   184  N N   . SER A 1 23  ? 10.162  5.768   -10.952 1.00 75.49  ? 43  SER A N   1 
ATOM   185  C CA  . SER A 1 23  ? 9.258   4.615   -11.144 1.00 77.44  ? 43  SER A CA  1 
ATOM   186  C C   . SER A 1 23  ? 8.467   4.366   -9.834  1.00 83.12  ? 43  SER A C   1 
ATOM   187  O O   . SER A 1 23  ? 8.898   4.767   -8.725  1.00 78.09  ? 43  SER A O   1 
ATOM   188  C CB  . SER A 1 23  ? 10.000  3.354   -11.636 1.00 64.66  ? 43  SER A CB  1 
ATOM   189  O OG  . SER A 1 23  ? 10.696  2.708   -10.579 1.00 79.09  ? 43  SER A OG  1 
ATOM   190  N N   . ASN A 1 24  ? 7.292   3.753   -9.987  1.00 81.79  ? 44  ASN A N   1 
ATOM   191  C CA  . ASN A 1 24  ? 6.454   3.380   -8.854  1.00 79.48  ? 44  ASN A CA  1 
ATOM   192  C C   . ASN A 1 24  ? 6.808   1.996   -8.367  1.00 74.28  ? 44  ASN A C   1 
ATOM   193  O O   . ASN A 1 24  ? 6.752   1.056   -9.154  1.00 79.34  ? 44  ASN A O   1 
ATOM   194  C CB  . ASN A 1 24  ? 4.975   3.430   -9.260  1.00 88.98  ? 44  ASN A CB  1 
ATOM   195  C CG  . ASN A 1 24  ? 4.261   4.650   -8.698  1.00 105.17 ? 44  ASN A CG  1 
ATOM   196  O OD1 . ASN A 1 24  ? 4.510   5.784   -9.107  1.00 115.33 ? 44  ASN A OD1 1 
ATOM   197  N ND2 . ASN A 1 24  ? 3.378   4.421   -7.732  1.00 123.25 ? 44  ASN A ND2 1 
ATOM   198  N N   . VAL A 1 25  ? 7.186   1.844   -7.097  1.00 67.04  ? 45  VAL A N   1 
ATOM   199  C CA  . VAL A 1 25  ? 7.148   0.487   -6.506  1.00 70.46  ? 45  VAL A CA  1 
ATOM   200  C C   . VAL A 1 25  ? 5.701   0.212   -6.101  1.00 67.12  ? 45  VAL A C   1 
ATOM   201  O O   . VAL A 1 25  ? 5.130   0.990   -5.306  1.00 71.05  ? 45  VAL A O   1 
ATOM   202  C CB  . VAL A 1 25  ? 8.054   0.328   -5.277  1.00 72.85  ? 45  VAL A CB  1 
ATOM   203  C CG1 . VAL A 1 25  ? 8.087   -1.131  -4.829  1.00 65.70  ? 45  VAL A CG1 1 
ATOM   204  C CG2 . VAL A 1 25  ? 9.446   0.820   -5.598  1.00 68.66  ? 45  VAL A CG2 1 
ATOM   205  N N   . LYS A 1 26  ? 5.115   -0.838  -6.692  1.00 61.04  ? 46  LYS A N   1 
ATOM   206  C CA  . LYS A 1 26  ? 3.752   -1.316  -6.373  1.00 62.88  ? 46  LYS A CA  1 
ATOM   207  C C   . LYS A 1 26  ? 3.859   -2.626  -5.552  1.00 71.55  ? 46  LYS A C   1 
ATOM   208  O O   . LYS A 1 26  ? 4.817   -3.392  -5.704  1.00 76.54  ? 46  LYS A O   1 
ATOM   209  C CB  . LYS A 1 26  ? 2.897   -1.491  -7.642  1.00 56.00  ? 46  LYS A CB  1 
ATOM   210  N N   . GLY A 1 27  ? 2.913   -2.856  -4.645  1.00 75.81  ? 47  GLY A N   1 
ATOM   211  C CA  . GLY A 1 27  ? 2.986   -4.004  -3.749  1.00 69.20  ? 47  GLY A CA  1 
ATOM   212  C C   . GLY A 1 27  ? 1.690   -4.212  -3.028  1.00 71.72  ? 47  GLY A C   1 
ATOM   213  O O   . GLY A 1 27  ? 0.888   -3.280  -2.902  1.00 69.53  ? 47  GLY A O   1 
ATOM   214  N N   . ASN A 1 28  ? 1.481   -5.445  -2.573  1.00 74.55  ? 48  ASN A N   1 
ATOM   215  C CA  . ASN A 1 28  ? 0.376   -5.787  -1.661  1.00 73.75  ? 48  ASN A CA  1 
ATOM   216  C C   . ASN A 1 28  ? 0.918   -6.625  -0.501  1.00 74.05  ? 48  ASN A C   1 
ATOM   217  O O   . ASN A 1 28  ? 2.153   -6.745  -0.320  1.00 74.54  ? 48  ASN A O   1 
ATOM   218  C CB  . ASN A 1 28  ? -0.712  -6.554  -2.404  1.00 69.06  ? 48  ASN A CB  1 
ATOM   219  C CG  . ASN A 1 28  ? -0.160  -7.755  -3.118  1.00 69.31  ? 48  ASN A CG  1 
ATOM   220  O OD1 . ASN A 1 28  ? 0.954   -8.175  -2.846  1.00 72.58  ? 48  ASN A OD1 1 
ATOM   221  N ND2 . ASN A 1 28  ? -0.916  -8.299  -4.051  1.00 74.14  ? 48  ASN A ND2 1 
ATOM   222  N N   . PHE A 1 29  ? 0.002   -7.199  0.271   1.00 67.02  ? 49  PHE A N   1 
ATOM   223  C CA  . PHE A 1 29  ? 0.365   -8.075  1.371   1.00 67.39  ? 49  PHE A CA  1 
ATOM   224  C C   . PHE A 1 29  ? -0.472  -9.337  1.251   1.00 75.89  ? 49  PHE A C   1 
ATOM   225  O O   . PHE A 1 29  ? -1.711  -9.224  1.205   1.00 73.01  ? 49  PHE A O   1 
ATOM   226  C CB  . PHE A 1 29  ? 0.060   -7.398  2.699   1.00 64.21  ? 49  PHE A CB  1 
ATOM   227  C CG  . PHE A 1 29  ? 0.926   -6.221  2.997   1.00 64.70  ? 49  PHE A CG  1 
ATOM   228  C CD1 . PHE A 1 29  ? 0.586   -4.943  2.534   1.00 65.90  ? 49  PHE A CD1 1 
ATOM   229  C CD2 . PHE A 1 29  ? 2.081   -6.367  3.758   1.00 60.20  ? 49  PHE A CD2 1 
ATOM   230  C CE1 . PHE A 1 29  ? 1.396   -3.842  2.808   1.00 59.98  ? 49  PHE A CE1 1 
ATOM   231  C CE2 . PHE A 1 29  ? 2.887   -5.265  4.040   1.00 56.90  ? 49  PHE A CE2 1 
ATOM   232  C CZ  . PHE A 1 29  ? 2.550   -4.007  3.561   1.00 58.44  ? 49  PHE A CZ  1 
ATOM   233  N N   . LYS A 1 30  ? 0.191   -10.511 1.196   1.00 74.99  ? 50  LYS A N   1 
ATOM   234  C CA  . LYS A 1 30  ? -0.492  -11.804 0.990   1.00 81.86  ? 50  LYS A CA  1 
ATOM   235  C C   . LYS A 1 30  ? -1.299  -12.218 2.243   1.00 80.96  ? 50  LYS A C   1 
ATOM   236  O O   . LYS A 1 30  ? -2.351  -12.867 2.146   1.00 79.71  ? 50  LYS A O   1 
ATOM   237  C CB  . LYS A 1 30  ? 0.475   -12.906 0.514   1.00 79.80  ? 50  LYS A CB  1 
ATOM   238  N N   . ASP A 1 31  ? -0.856  -11.760 3.406   1.00 75.09  ? 51  ASP A N   1 
ATOM   239  C CA  . ASP A 1 31  ? -1.490  -12.164 4.644   1.00 79.12  ? 51  ASP A CA  1 
ATOM   240  C C   . ASP A 1 31  ? -1.931  -11.030 5.590   1.00 69.34  ? 51  ASP A C   1 
ATOM   241  O O   . ASP A 1 31  ? -1.104  -10.252 6.093   1.00 78.09  ? 51  ASP A O   1 
ATOM   242  C CB  . ASP A 1 31  ? -0.582  -13.175 5.368   1.00 95.67  ? 51  ASP A CB  1 
ATOM   243  C CG  . ASP A 1 31  ? -1.249  -13.784 6.566   1.00 109.55 ? 51  ASP A CG  1 
ATOM   244  O OD1 . ASP A 1 31  ? -2.451  -14.156 6.466   1.00 128.80 ? 51  ASP A OD1 1 
ATOM   245  O OD2 . ASP A 1 31  ? -0.572  -13.859 7.612   1.00 122.92 ? 51  ASP A OD2 1 
ATOM   246  N N   . TYR A 1 32  ? -3.233  -10.988 5.867   1.00 61.26  ? 52  TYR A N   1 
ATOM   247  C CA  . TYR A 1 32  ? -3.878  -9.908  6.636   1.00 60.33  ? 52  TYR A CA  1 
ATOM   248  C C   . TYR A 1 32  ? -5.232  -10.397 7.102   1.00 61.38  ? 52  TYR A C   1 
ATOM   249  O O   . TYR A 1 32  ? -5.807  -11.316 6.512   1.00 62.52  ? 52  TYR A O   1 
ATOM   250  C CB  . TYR A 1 32  ? -4.127  -8.682  5.724   1.00 63.62  ? 52  TYR A CB  1 
ATOM   251  C CG  . TYR A 1 32  ? -4.885  -9.019  4.430   1.00 58.02  ? 52  TYR A CG  1 
ATOM   252  C CD1 . TYR A 1 32  ? -4.188  -9.489  3.301   1.00 60.96  ? 52  TYR A CD1 1 
ATOM   253  C CD2 . TYR A 1 32  ? -6.283  -8.869  4.323   1.00 53.38  ? 52  TYR A CD2 1 
ATOM   254  C CE1 . TYR A 1 32  ? -4.845  -9.805  2.104   1.00 61.08  ? 52  TYR A CE1 1 
ATOM   255  C CE2 . TYR A 1 32  ? -6.953  -9.210  3.127   1.00 54.45  ? 52  TYR A CE2 1 
ATOM   256  C CZ  . TYR A 1 32  ? -6.225  -9.674  2.025   1.00 61.68  ? 52  TYR A CZ  1 
ATOM   257  O OH  . TYR A 1 32  ? -6.816  -10.024 0.819   1.00 71.74  ? 52  TYR A OH  1 
ATOM   258  N N   . SER A 1 33  ? -5.786  -9.767  8.118   1.00 63.25  ? 53  SER A N   1 
ATOM   259  C CA  . SER A 1 33  ? -7.164  -10.078 8.489   1.00 72.67  ? 53  SER A CA  1 
ATOM   260  C C   . SER A 1 33  ? -7.986  -8.788  8.666   1.00 78.12  ? 53  SER A C   1 
ATOM   261  O O   . SER A 1 33  ? -7.427  -7.724  8.989   1.00 80.35  ? 53  SER A O   1 
ATOM   262  C CB  . SER A 1 33  ? -7.180  -10.889 9.795   1.00 73.96  ? 53  SER A CB  1 
ATOM   263  O OG  . SER A 1 33  ? -7.266  -10.033 10.933  1.00 75.03  ? 53  SER A OG  1 
ATOM   264  N N   . ALA A 1 34  ? -9.306  -8.882  8.497   1.00 70.25  ? 54  ALA A N   1 
ATOM   265  C CA  . ALA A 1 34  ? -10.171 -7.760  8.846   1.00 69.32  ? 54  ALA A CA  1 
ATOM   266  C C   . ALA A 1 34  ? -11.496 -8.158  9.465   1.00 66.37  ? 54  ALA A C   1 
ATOM   267  O O   . ALA A 1 34  ? -12.007 -9.251  9.227   1.00 78.37  ? 54  ALA A O   1 
ATOM   268  C CB  . ALA A 1 34  ? -10.411 -6.855  7.628   1.00 70.52  ? 54  ALA A CB  1 
ATOM   269  N N   . VAL A 1 35  ? -12.023 -7.217  10.240  1.00 63.13  ? 55  VAL A N   1 
ATOM   270  C CA  . VAL A 1 35  ? -13.382 -7.186  10.773  1.00 67.68  ? 55  VAL A CA  1 
ATOM   271  C C   . VAL A 1 35  ? -14.169 -6.011  10.109  1.00 69.15  ? 55  VAL A C   1 
ATOM   272  O O   . VAL A 1 35  ? -13.914 -4.827  10.365  1.00 73.32  ? 55  VAL A O   1 
ATOM   273  C CB  . VAL A 1 35  ? -13.333 -7.079  12.327  1.00 69.45  ? 55  VAL A CB  1 
ATOM   274  C CG1 . VAL A 1 35  ? -14.700 -6.834  12.961  1.00 63.09  ? 55  VAL A CG1 1 
ATOM   275  C CG2 . VAL A 1 35  ? -12.674 -8.319  12.916  1.00 73.89  ? 55  VAL A CG2 1 
ATOM   276  N N   . ILE A 1 36  ? -15.106 -6.366  9.240   1.00 66.70  ? 56  ILE A N   1 
ATOM   277  C CA  . ILE A 1 36  ? -15.947 -5.434  8.503   1.00 63.95  ? 56  ILE A CA  1 
ATOM   278  C C   . ILE A 1 36  ? -17.451 -5.431  8.945   1.00 70.65  ? 56  ILE A C   1 
ATOM   279  O O   . ILE A 1 36  ? -18.183 -6.412  8.753   1.00 76.05  ? 56  ILE A O   1 
ATOM   280  C CB  . ILE A 1 36  ? -15.832 -5.763  7.016   1.00 64.60  ? 56  ILE A CB  1 
ATOM   281  C CG1 . ILE A 1 36  ? -14.354 -5.917  6.622   1.00 60.22  ? 56  ILE A CG1 1 
ATOM   282  C CG2 . ILE A 1 36  ? -16.571 -4.714  6.193   1.00 61.74  ? 56  ILE A CG2 1 
ATOM   283  C CD1 . ILE A 1 36  ? -14.135 -6.584  5.275   1.00 60.03  ? 56  ILE A CD1 1 
ATOM   284  N N   . ASP A 1 37  ? -17.890 -4.331  9.550   1.00 69.38  ? 57  ASP A N   1 
ATOM   285  C CA  . ASP A 1 37  ? -19.290 -4.104  9.863   1.00 67.83  ? 57  ASP A CA  1 
ATOM   286  C C   . ASP A 1 37  ? -19.827 -2.988  8.994   1.00 73.97  ? 57  ASP A C   1 
ATOM   287  O O   . ASP A 1 37  ? -19.387 -1.824  9.107   1.00 71.25  ? 57  ASP A O   1 
ATOM   288  C CB  . ASP A 1 37  ? -19.470 -3.651  11.301  1.00 68.03  ? 57  ASP A CB  1 
ATOM   289  C CG  . ASP A 1 37  ? -19.343 -4.787  12.312  1.00 78.67  ? 57  ASP A CG  1 
ATOM   290  O OD1 . ASP A 1 37  ? -19.101 -5.984  11.919  1.00 66.14  ? 57  ASP A OD1 1 
ATOM   291  O OD2 . ASP A 1 37  ? -19.503 -4.433  13.525  1.00 66.39  ? 57  ASP A OD2 1 
ATOM   292  N N   . PHE A 1 38  ? -20.816 -3.334  8.176   1.00 69.17  ? 58  PHE A N   1 
ATOM   293  C CA  . PHE A 1 38  ? -21.396 -2.415  7.211   1.00 71.34  ? 58  PHE A CA  1 
ATOM   294  C C   . PHE A 1 38  ? -22.920 -2.588  7.091   1.00 71.59  ? 58  PHE A C   1 
ATOM   295  O O   . PHE A 1 38  ? -23.415 -3.714  7.055   1.00 73.74  ? 58  PHE A O   1 
ATOM   296  C CB  . PHE A 1 38  ? -20.703 -2.636  5.857   1.00 66.88  ? 58  PHE A CB  1 
ATOM   297  C CG  . PHE A 1 38  ? -21.227 -1.784  4.768   1.00 69.30  ? 58  PHE A CG  1 
ATOM   298  C CD1 . PHE A 1 38  ? -20.828 -0.445  4.665   1.00 72.29  ? 58  PHE A CD1 1 
ATOM   299  C CD2 . PHE A 1 38  ? -22.128 -2.307  3.833   1.00 70.04  ? 58  PHE A CD2 1 
ATOM   300  C CE1 . PHE A 1 38  ? -21.322 0.354   3.642   1.00 73.94  ? 58  PHE A CE1 1 
ATOM   301  C CE2 . PHE A 1 38  ? -22.621 -1.505  2.808   1.00 76.28  ? 58  PHE A CE2 1 
ATOM   302  C CZ  . PHE A 1 38  ? -22.222 -0.170  2.716   1.00 67.46  ? 58  PHE A CZ  1 
ATOM   303  N N   . ASP A 1 39  ? -23.632 -1.465  6.967   1.00 70.19  ? 59  ASP A N   1 
ATOM   304  C CA  . ASP A 1 39  ? -25.099 -1.404  6.906   1.00 61.89  ? 59  ASP A CA  1 
ATOM   305  C C   . ASP A 1 39  ? -25.586 -0.985  5.535   1.00 67.60  ? 59  ASP A C   1 
ATOM   306  O O   . ASP A 1 39  ? -25.630 0.231   5.239   1.00 68.07  ? 59  ASP A O   1 
ATOM   307  C CB  . ASP A 1 39  ? -25.641 -0.396  7.933   1.00 60.83  ? 59  ASP A CB  1 
ATOM   308  C CG  . ASP A 1 39  ? -27.148 -0.401  8.023   1.00 62.73  ? 59  ASP A CG  1 
ATOM   309  O OD1 . ASP A 1 39  ? -27.807 -1.389  7.617   1.00 69.12  ? 59  ASP A OD1 1 
ATOM   310  O OD2 . ASP A 1 39  ? -27.682 0.599   8.505   1.00 65.61  ? 59  ASP A OD2 1 
ATOM   311  N N   . PRO A 1 40  ? -26.019 -1.961  4.716   1.00 65.34  ? 60  PRO A N   1 
ATOM   312  C CA  . PRO A 1 40  ? -26.506 -1.640  3.363   1.00 65.89  ? 60  PRO A CA  1 
ATOM   313  C C   . PRO A 1 40  ? -27.724 -0.700  3.329   1.00 61.69  ? 60  PRO A C   1 
ATOM   314  O O   . PRO A 1 40  ? -27.889 0.060   2.377   1.00 66.98  ? 60  PRO A O   1 
ATOM   315  C CB  . PRO A 1 40  ? -26.858 -3.012  2.781   1.00 67.71  ? 60  PRO A CB  1 
ATOM   316  C CG  . PRO A 1 40  ? -26.162 -4.010  3.657   1.00 60.62  ? 60  PRO A CG  1 
ATOM   317  C CD  . PRO A 1 40  ? -26.206 -3.387  5.019   1.00 62.32  ? 60  PRO A CD  1 
ATOM   318  N N   . ALA A 1 41  ? -28.553 -0.713  4.368   1.00 60.35  ? 61  ALA A N   1 
ATOM   319  C CA  . ALA A 1 41  ? -29.678 0.246   4.426   1.00 69.58  ? 61  ALA A CA  1 
ATOM   320  C C   . ALA A 1 41  ? -29.250 1.720   4.282   1.00 70.62  ? 61  ALA A C   1 
ATOM   321  O O   . ALA A 1 41  ? -29.937 2.516   3.640   1.00 64.05  ? 61  ALA A O   1 
ATOM   322  C CB  . ALA A 1 41  ? -30.512 0.067   5.701   1.00 64.31  ? 61  ALA A CB  1 
ATOM   323  N N   . SER A 1 42  ? -28.133 2.069   4.923   1.00 76.31  ? 62  SER A N   1 
ATOM   324  C CA  . SER A 1 42  ? -27.690 3.459   5.028   1.00 66.44  ? 62  SER A CA  1 
ATOM   325  C C   . SER A 1 42  ? -26.355 3.709   4.292   1.00 62.12  ? 62  SER A C   1 
ATOM   326  O O   . SER A 1 42  ? -25.903 4.841   4.217   1.00 71.07  ? 62  SER A O   1 
ATOM   327  C CB  . SER A 1 42  ? -27.649 3.905   6.502   1.00 55.94  ? 62  SER A CB  1 
ATOM   328  O OG  . SER A 1 42  ? -26.697 3.144   7.223   1.00 66.27  ? 62  SER A OG  1 
ATOM   329  N N   . ALA A 1 43  ? -25.767 2.660   3.716   1.00 62.63  ? 63  ALA A N   1 
ATOM   330  C CA  . ALA A 1 43  ? -24.407 2.690   3.126   1.00 64.97  ? 63  ALA A CA  1 
ATOM   331  C C   . ALA A 1 43  ? -23.353 3.364   4.017   1.00 64.97  ? 63  ALA A C   1 
ATOM   332  O O   . ALA A 1 43  ? -22.620 4.252   3.573   1.00 79.02  ? 63  ALA A O   1 
ATOM   333  C CB  . ALA A 1 43  ? -24.427 3.305   1.743   1.00 68.21  ? 63  ALA A CB  1 
ATOM   334  N N   . GLU A 1 44  ? -23.329 2.936   5.281   1.00 61.32  ? 64  GLU A N   1 
ATOM   335  C CA  . GLU A 1 44  ? -22.375 3.358   6.291   1.00 64.32  ? 64  GLU A CA  1 
ATOM   336  C C   . GLU A 1 44  ? -21.559 2.198   6.831   1.00 68.65  ? 64  GLU A C   1 
ATOM   337  O O   . GLU A 1 44  ? -22.074 1.096   7.037   1.00 69.28  ? 64  GLU A O   1 
ATOM   338  C CB  . GLU A 1 44  ? -23.093 4.045   7.429   1.00 57.28  ? 64  GLU A CB  1 
ATOM   339  C CG  . GLU A 1 44  ? -23.831 5.251   6.907   1.00 66.73  ? 64  GLU A CG  1 
ATOM   340  C CD  . GLU A 1 44  ? -24.425 6.098   7.989   1.00 73.03  ? 64  GLU A CD  1 
ATOM   341  O OE1 . GLU A 1 44  ? -24.925 5.553   8.991   1.00 90.63  ? 64  GLU A OE1 1 
ATOM   342  O OE2 . GLU A 1 44  ? -24.409 7.323   7.818   1.00 72.86  ? 64  GLU A OE2 1 
ATOM   343  N N   . PHE A 1 45  ? -20.271 2.451   7.040   1.00 68.14  ? 65  PHE A N   1 
ATOM   344  C CA  . PHE A 1 45  ? -19.438 1.522   7.764   1.00 57.89  ? 65  PHE A CA  1 
ATOM   345  C C   . PHE A 1 45  ? -19.600 1.784   9.239   1.00 58.48  ? 65  PHE A C   1 
ATOM   346  O O   . PHE A 1 45  ? -19.810 2.942   9.676   1.00 60.25  ? 65  PHE A O   1 
ATOM   347  C CB  . PHE A 1 45  ? -18.021 1.682   7.349   1.00 51.16  ? 65  PHE A CB  1 
ATOM   348  C CG  . PHE A 1 45  ? -17.719 1.106   5.993   1.00 50.34  ? 65  PHE A CG  1 
ATOM   349  C CD1 . PHE A 1 45  ? -17.845 1.875   4.853   1.00 48.93  ? 65  PHE A CD1 1 
ATOM   350  C CD2 . PHE A 1 45  ? -17.242 -0.191  5.867   1.00 47.93  ? 65  PHE A CD2 1 
ATOM   351  C CE1 . PHE A 1 45  ? -17.523 1.345   3.606   1.00 55.13  ? 65  PHE A CE1 1 
ATOM   352  C CE2 . PHE A 1 45  ? -16.907 -0.731  4.617   1.00 53.42  ? 65  PHE A CE2 1 
ATOM   353  C CZ  . PHE A 1 45  ? -17.056 0.037   3.481   1.00 52.73  ? 65  PHE A CZ  1 
ATOM   354  N N   . LYS A 1 46  ? -19.536 0.694   10.005  1.00 62.40  ? 66  LYS A N   1 
ATOM   355  C CA  . LYS A 1 46  ? -19.810 0.724   11.468  1.00 69.83  ? 66  LYS A CA  1 
ATOM   356  C C   . LYS A 1 46  ? -18.546 0.405   12.264  1.00 64.82  ? 66  LYS A C   1 
ATOM   357  O O   . LYS A 1 46  ? -18.300 0.979   13.322  1.00 63.74  ? 66  LYS A O   1 
ATOM   358  C CB  . LYS A 1 46  ? -20.977 -0.229  11.834  1.00 81.05  ? 66  LYS A CB  1 
ATOM   359  C CG  . LYS A 1 46  ? -22.360 0.134   11.238  1.00 86.02  ? 66  LYS A CG  1 
ATOM   360  C CD  . LYS A 1 46  ? -23.078 1.214   12.060  1.00 93.63  ? 66  LYS A CD  1 
ATOM   361  C CE  . LYS A 1 46  ? -23.797 2.263   11.219  1.00 87.27  ? 66  LYS A CE  1 
ATOM   362  N NZ  . LYS A 1 46  ? -24.785 3.047   12.022  1.00 96.15  ? 66  LYS A NZ  1 
ATOM   363  N N   . LYS A 1 47  ? -17.732 -0.485  11.704  1.00 57.44  ? 67  LYS A N   1 
ATOM   364  C CA  . LYS A 1 47  ? -16.470 -0.868  12.268  1.00 59.54  ? 67  LYS A CA  1 
ATOM   365  C C   . LYS A 1 47  ? -15.615 -1.370  11.094  1.00 60.44  ? 67  LYS A C   1 
ATOM   366  O O   . LYS A 1 47  ? -16.096 -2.135  10.236  1.00 55.95  ? 67  LYS A O   1 
ATOM   367  C CB  . LYS A 1 47  ? -16.751 -1.986  13.264  1.00 64.61  ? 67  LYS A CB  1 
ATOM   368  C CG  . LYS A 1 47  ? -15.664 -2.456  14.202  1.00 72.90  ? 67  LYS A CG  1 
ATOM   369  C CD  . LYS A 1 47  ? -16.110 -3.785  14.832  1.00 79.97  ? 67  LYS A CD  1 
ATOM   370  C CE  . LYS A 1 47  ? -15.118 -4.359  15.838  1.00 91.82  ? 67  LYS A CE  1 
ATOM   371  N NZ  . LYS A 1 47  ? -15.006 -3.532  17.083  1.00 99.72  ? 67  LYS A NZ  1 
ATOM   372  N N   . LEU A 1 48  ? -14.368 -0.899  11.021  1.00 59.93  ? 68  LEU A N   1 
ATOM   373  C CA  . LEU A 1 48  ? -13.386 -1.476  10.095  1.00 58.68  ? 68  LEU A CA  1 
ATOM   374  C C   . LEU A 1 48  ? -12.022 -1.524  10.772  1.00 60.90  ? 68  LEU A C   1 
ATOM   375  O O   . LEU A 1 48  ? -11.455 -0.488  11.102  1.00 64.47  ? 68  LEU A O   1 
ATOM   376  C CB  . LEU A 1 48  ? -13.308 -0.706  8.781   1.00 56.97  ? 68  LEU A CB  1 
ATOM   377  C CG  . LEU A 1 48  ? -12.374 -1.428  7.835   1.00 58.90  ? 68  LEU A CG  1 
ATOM   378  C CD1 . LEU A 1 48  ? -12.966 -2.773  7.522   1.00 76.80  ? 68  LEU A CD1 1 
ATOM   379  C CD2 . LEU A 1 48  ? -12.321 -0.657  6.577   1.00 64.36  ? 68  LEU A CD2 1 
ATOM   380  N N   . ASP A 1 49  ? -11.539 -2.741  10.986  1.00 58.75  ? 69  ASP A N   1 
ATOM   381  C CA  . ASP A 1 49  ? -10.321 -3.032  11.738  1.00 58.54  ? 69  ASP A CA  1 
ATOM   382  C C   . ASP A 1 49  ? -9.560  -4.026  10.908  1.00 61.27  ? 69  ASP A C   1 
ATOM   383  O O   . ASP A 1 49  ? -10.090 -5.069  10.536  1.00 65.76  ? 69  ASP A O   1 
ATOM   384  C CB  . ASP A 1 49  ? -10.626 -3.632  13.114  1.00 60.49  ? 69  ASP A CB  1 
ATOM   385  C CG  . ASP A 1 49  ? -11.340 -2.637  14.080  1.00 73.57  ? 69  ASP A CG  1 
ATOM   386  O OD1 . ASP A 1 49  ? -11.231 -1.396  13.929  1.00 76.60  ? 69  ASP A OD1 1 
ATOM   387  O OD2 . ASP A 1 49  ? -12.020 -3.103  15.037  1.00 74.35  ? 69  ASP A OD2 1 
ATOM   388  N N   . VAL A 1 50  ? -8.340  -3.661  10.543  1.00 63.78  ? 70  VAL A N   1 
ATOM   389  C CA  . VAL A 1 50  ? -7.506  -4.482  9.652   1.00 63.50  ? 70  VAL A CA  1 
ATOM   390  C C   . VAL A 1 50  ? -6.150  -4.688  10.337  1.00 64.30  ? 70  VAL A C   1 
ATOM   391  O O   . VAL A 1 50  ? -5.631  -3.766  10.991  1.00 63.01  ? 70  VAL A O   1 
ATOM   392  C CB  . VAL A 1 50  ? -7.319  -3.822  8.265   1.00 57.23  ? 70  VAL A CB  1 
ATOM   393  C CG1 . VAL A 1 50  ? -6.583  -4.742  7.306   1.00 55.19  ? 70  VAL A CG1 1 
ATOM   394  C CG2 . VAL A 1 50  ? -8.654  -3.455  7.667   1.00 65.01  ? 70  VAL A CG2 1 
ATOM   395  N N   . THR A 1 51  ? -5.602  -5.895  10.197  1.00 59.55  ? 71  THR A N   1 
ATOM   396  C CA  . THR A 1 51  ? -4.250  -6.234  10.667  1.00 56.00  ? 71  THR A CA  1 
ATOM   397  C C   . THR A 1 51  ? -3.570  -6.884  9.527   1.00 53.96  ? 71  THR A C   1 
ATOM   398  O O   . THR A 1 51  ? -4.152  -7.758  8.860   1.00 53.43  ? 71  THR A O   1 
ATOM   399  C CB  . THR A 1 51  ? -4.271  -7.229  11.829  1.00 59.22  ? 71  THR A CB  1 
ATOM   400  O OG1 . THR A 1 51  ? -5.105  -6.682  12.851  1.00 70.37  ? 71  THR A OG1 1 
ATOM   401  C CG2 . THR A 1 51  ? -2.882  -7.426  12.404  1.00 60.69  ? 71  THR A CG2 1 
ATOM   402  N N   . ILE A 1 52  ? -2.341  -6.439  9.292   1.00 55.40  ? 72  ILE A N   1 
ATOM   403  C CA  . ILE A 1 52  ? -1.588  -6.859  8.127   1.00 60.89  ? 72  ILE A CA  1 
ATOM   404  C C   . ILE A 1 52  ? -0.294  -7.409  8.645   1.00 60.46  ? 72  ILE A C   1 
ATOM   405  O O   . ILE A 1 52  ? 0.329   -6.762  9.496   1.00 57.95  ? 72  ILE A O   1 
ATOM   406  C CB  . ILE A 1 52  ? -1.278  -5.648  7.237   1.00 59.40  ? 72  ILE A CB  1 
ATOM   407  C CG1 . ILE A 1 52  ? -2.582  -5.105  6.660   1.00 68.38  ? 72  ILE A CG1 1 
ATOM   408  C CG2 . ILE A 1 52  ? -0.329  -6.041  6.112   1.00 54.40  ? 72  ILE A CG2 1 
ATOM   409  C CD1 . ILE A 1 52  ? -2.474  -3.666  6.225   1.00 71.77  ? 72  ILE A CD1 1 
ATOM   410  N N   . LYS A 1 53  ? 0.112   -8.568  8.120   1.00 63.65  ? 73  LYS A N   1 
ATOM   411  C CA  . LYS A 1 53  ? 1.413   -9.185  8.477   1.00 68.58  ? 73  LYS A CA  1 
ATOM   412  C C   . LYS A 1 53  ? 2.498   -8.665  7.560   1.00 66.37  ? 73  LYS A C   1 
ATOM   413  O O   . LYS A 1 53  ? 2.589   -9.032  6.382   1.00 64.73  ? 73  LYS A O   1 
ATOM   414  C CB  . LYS A 1 53  ? 1.364   -10.726 8.542   1.00 64.39  ? 73  LYS A CB  1 
ATOM   415  C CG  . LYS A 1 53  ? 0.324   -11.228 9.547   1.00 81.40  ? 73  LYS A CG  1 
ATOM   416  C CD  . LYS A 1 53  ? 0.791   -12.338 10.485  1.00 94.47  ? 73  LYS A CD  1 
ATOM   417  C CE  . LYS A 1 53  ? 0.020   -12.319 11.814  1.00 99.06  ? 73  LYS A CE  1 
ATOM   418  N NZ  . LYS A 1 53  ? 0.370   -11.123 12.647  1.00 88.02  ? 73  LYS A NZ  1 
ATOM   419  N N   . ILE A 1 54  ? 3.308   -7.775  8.116   1.00 65.94  ? 74  ILE A N   1 
ATOM   420  C CA  . ILE A 1 54  ? 4.407   -7.164  7.391   1.00 64.20  ? 74  ILE A CA  1 
ATOM   421  C C   . ILE A 1 54  ? 5.250   -8.212  6.638   1.00 72.07  ? 74  ILE A C   1 
ATOM   422  O O   . ILE A 1 54  ? 5.621   -8.005  5.480   1.00 79.97  ? 74  ILE A O   1 
ATOM   423  C CB  . ILE A 1 54  ? 5.264   -6.307  8.347   1.00 62.84  ? 74  ILE A CB  1 
ATOM   424  C CG1 . ILE A 1 54  ? 4.519   -5.053  8.769   1.00 62.44  ? 74  ILE A CG1 1 
ATOM   425  C CG2 . ILE A 1 54  ? 6.587   -5.930  7.704   1.00 67.93  ? 74  ILE A CG2 1 
ATOM   426  C CD1 . ILE A 1 54  ? 3.728   -4.392  7.629   1.00 65.86  ? 74  ILE A CD1 1 
ATOM   427  N N   . ALA A 1 55  ? 5.520   -9.346  7.285   1.00 79.52  ? 75  ALA A N   1 
ATOM   428  C CA  . ALA A 1 55  ? 6.266   -10.454 6.656   1.00 78.22  ? 75  ALA A CA  1 
ATOM   429  C C   . ALA A 1 55  ? 5.697   -10.920 5.303   1.00 78.76  ? 75  ALA A C   1 
ATOM   430  O O   . ALA A 1 55  ? 6.416   -11.530 4.510   1.00 81.88  ? 75  ALA A O   1 
ATOM   431  C CB  . ALA A 1 55  ? 6.382   -11.634 7.619   1.00 75.50  ? 75  ALA A CB  1 
ATOM   432  N N   . SER A 1 56  ? 4.419   -10.626 5.047   1.00 71.11  ? 76  SER A N   1 
ATOM   433  C CA  . SER A 1 56  ? 3.741   -11.111 3.849   1.00 66.33  ? 76  SER A CA  1 
ATOM   434  C C   . SER A 1 56  ? 3.796   -10.114 2.678   1.00 68.58  ? 76  SER A C   1 
ATOM   435  O O   . SER A 1 56  ? 3.201   -10.353 1.615   1.00 68.82  ? 76  SER A O   1 
ATOM   436  C CB  . SER A 1 56  ? 2.298   -11.553 4.162   1.00 71.44  ? 76  SER A CB  1 
ATOM   437  O OG  . SER A 1 56  ? 1.436   -10.466 4.469   1.00 71.60  ? 76  SER A OG  1 
ATOM   438  N N   . VAL A 1 57  ? 4.549   -9.027  2.866   1.00 63.40  ? 77  VAL A N   1 
ATOM   439  C CA  . VAL A 1 57  ? 4.744   -8.038  1.827   1.00 68.62  ? 77  VAL A CA  1 
ATOM   440  C C   . VAL A 1 57  ? 5.149   -8.681  0.509   1.00 74.27  ? 77  VAL A C   1 
ATOM   441  O O   . VAL A 1 57  ? 5.850   -9.691  0.497   1.00 76.45  ? 77  VAL A O   1 
ATOM   442  C CB  . VAL A 1 57  ? 5.721   -6.920  2.262   1.00 65.31  ? 77  VAL A CB  1 
ATOM   443  C CG1 . VAL A 1 57  ? 7.173   -7.323  2.078   1.00 64.91  ? 77  VAL A CG1 1 
ATOM   444  C CG2 . VAL A 1 57  ? 5.430   -5.639  1.486   1.00 67.17  ? 77  VAL A CG2 1 
ATOM   445  N N   . ASN A 1 58  ? 4.669   -8.114  -0.595  1.00 79.41  ? 78  ASN A N   1 
ATOM   446  C CA  . ASN A 1 58  ? 5.040   -8.600  -1.914  1.00 77.46  ? 78  ASN A CA  1 
ATOM   447  C C   . ASN A 1 58  ? 5.146   -7.478  -2.966  1.00 76.00  ? 78  ASN A C   1 
ATOM   448  O O   . ASN A 1 58  ? 4.145   -6.938  -3.445  1.00 68.27  ? 78  ASN A O   1 
ATOM   449  C CB  . ASN A 1 58  ? 4.097   -9.726  -2.355  1.00 73.31  ? 78  ASN A CB  1 
ATOM   450  C CG  . ASN A 1 58  ? 4.344   -10.167 -3.781  1.00 85.94  ? 78  ASN A CG  1 
ATOM   451  O OD1 . ASN A 1 58  ? 5.472   -10.083 -4.321  1.00 90.66  ? 78  ASN A OD1 1 
ATOM   452  N ND2 . ASN A 1 58  ? 3.285   -10.628 -4.418  1.00 87.01  ? 78  ASN A ND2 1 
ATOM   453  N N   . THR A 1 59  ? 6.377   -7.142  -3.315  1.00 74.57  ? 79  THR A N   1 
ATOM   454  C CA  . THR A 1 59  ? 6.601   -6.106  -4.296  1.00 77.72  ? 79  THR A CA  1 
ATOM   455  C C   . THR A 1 59  ? 7.175   -6.718  -5.551  1.00 83.27  ? 79  THR A C   1 
ATOM   456  O O   . THR A 1 59  ? 7.920   -6.052  -6.289  1.00 82.96  ? 79  THR A O   1 
ATOM   457  C CB  . THR A 1 59  ? 7.509   -4.978  -3.767  1.00 75.79  ? 79  THR A CB  1 
ATOM   458  O OG1 . THR A 1 59  ? 8.812   -5.500  -3.486  1.00 74.18  ? 79  THR A OG1 1 
ATOM   459  C CG2 . THR A 1 59  ? 6.924   -4.339  -2.512  1.00 72.14  ? 79  THR A CG2 1 
ATOM   460  N N   . GLU A 1 60  ? 6.808   -7.985  -5.780  1.00 86.90  ? 80  GLU A N   1 
ATOM   461  C CA  . GLU A 1 60  ? 7.284   -8.788  -6.915  1.00 101.54 ? 80  GLU A CA  1 
ATOM   462  C C   . GLU A 1 60  ? 8.809   -8.739  -7.088  1.00 106.29 ? 80  GLU A C   1 
ATOM   463  O O   . GLU A 1 60  ? 9.317   -8.401  -8.167  1.00 121.33 ? 80  GLU A O   1 
ATOM   464  C CB  . GLU A 1 60  ? 6.584   -8.380  -8.230  1.00 111.73 ? 80  GLU A CB  1 
ATOM   465  C CG  . GLU A 1 60  ? 5.090   -8.661  -8.342  1.00 117.12 ? 80  GLU A CG  1 
ATOM   466  C CD  . GLU A 1 60  ? 4.681   -10.066 -7.914  1.00 125.80 ? 80  GLU A CD  1 
ATOM   467  O OE1 . GLU A 1 60  ? 3.477   -10.271 -7.667  1.00 130.52 ? 80  GLU A OE1 1 
ATOM   468  O OE2 . GLU A 1 60  ? 5.540   -10.968 -7.810  1.00 129.26 ? 80  GLU A OE2 1 
ATOM   469  N N   . ASN A 1 61  ? 9.528   -9.049  -6.014  1.00 98.94  ? 81  ASN A N   1 
ATOM   470  C CA  . ASN A 1 61  ? 10.985  -8.988  -5.998  1.00 97.06  ? 81  ASN A CA  1 
ATOM   471  C C   . ASN A 1 61  ? 11.398  -9.558  -4.661  1.00 101.90 ? 81  ASN A C   1 
ATOM   472  O O   . ASN A 1 61  ? 11.193  -8.920  -3.622  1.00 99.23  ? 81  ASN A O   1 
ATOM   473  C CB  . ASN A 1 61  ? 11.467  -7.534  -6.194  1.00 86.29  ? 81  ASN A CB  1 
ATOM   474  C CG  . ASN A 1 61  ? 12.924  -7.307  -5.792  1.00 91.35  ? 81  ASN A CG  1 
ATOM   475  O OD1 . ASN A 1 61  ? 13.473  -7.977  -4.910  1.00 102.30 ? 81  ASN A OD1 1 
ATOM   476  N ND2 . ASN A 1 61  ? 13.538  -6.297  -6.400  1.00 78.84  ? 81  ASN A ND2 1 
ATOM   477  N N   . GLN A 1 62  ? 11.994  -10.751 -4.699  1.00 112.86 ? 82  GLN A N   1 
ATOM   478  C CA  . GLN A 1 62  ? 12.392  -11.466 -3.482  1.00 119.54 ? 82  GLN A CA  1 
ATOM   479  C C   . GLN A 1 62  ? 13.322  -10.638 -2.563  1.00 110.30 ? 82  GLN A C   1 
ATOM   480  O O   . GLN A 1 62  ? 13.031  -10.482 -1.368  1.00 100.13 ? 82  GLN A O   1 
ATOM   481  C CB  . GLN A 1 62  ? 12.979  -12.859 -3.815  1.00 143.70 ? 82  GLN A CB  1 
ATOM   482  C CG  . GLN A 1 62  ? 13.064  -13.853 -2.639  1.00 146.89 ? 82  GLN A CG  1 
ATOM   483  C CD  . GLN A 1 62  ? 11.750  -14.027 -1.869  1.00 145.49 ? 82  GLN A CD  1 
ATOM   484  O OE1 . GLN A 1 62  ? 10.721  -14.375 -2.449  1.00 137.10 ? 82  GLN A OE1 1 
ATOM   485  N NE2 . GLN A 1 62  ? 11.787  -13.786 -0.557  1.00 136.87 ? 82  GLN A NE2 1 
ATOM   486  N N   . THR A 1 63  ? 14.404  -10.090 -3.121  1.00 98.87  ? 83  THR A N   1 
ATOM   487  C CA  . THR A 1 63  ? 15.410  -9.388  -2.302  1.00 106.36 ? 83  THR A CA  1 
ATOM   488  C C   . THR A 1 63  ? 14.865  -8.097  -1.647  1.00 98.90  ? 83  THR A C   1 
ATOM   489  O O   . THR A 1 63  ? 15.320  -7.718  -0.553  1.00 101.11 ? 83  THR A O   1 
ATOM   490  C CB  . THR A 1 63  ? 16.782  -9.165  -3.031  1.00 103.19 ? 83  THR A CB  1 
ATOM   491  O OG1 . THR A 1 63  ? 16.580  -8.457  -4.254  1.00 134.85 ? 83  THR A OG1 1 
ATOM   492  C CG2 . THR A 1 63  ? 17.479  -10.490 -3.367  1.00 105.13 ? 83  THR A CG2 1 
ATOM   493  N N   . ARG A 1 64  ? 13.888  -7.448  -2.293  1.00 93.42  ? 84  ARG A N   1 
ATOM   494  C CA  . ARG A 1 64  ? 13.305  -6.207  -1.753  1.00 89.28  ? 84  ARG A CA  1 
ATOM   495  C C   . ARG A 1 64  ? 12.355  -6.527  -0.606  1.00 82.70  ? 84  ARG A C   1 
ATOM   496  O O   . ARG A 1 64  ? 12.417  -5.903  0.455   1.00 80.72  ? 84  ARG A O   1 
ATOM   497  C CB  . ARG A 1 64  ? 12.588  -5.374  -2.820  1.00 87.09  ? 84  ARG A CB  1 
ATOM   498  C CG  . ARG A 1 64  ? 12.550  -3.885  -2.494  1.00 90.28  ? 84  ARG A CG  1 
ATOM   499  C CD  . ARG A 1 64  ? 11.265  -3.260  -2.990  1.00 83.35  ? 84  ARG A CD  1 
ATOM   500  N NE  . ARG A 1 64  ? 11.398  -2.844  -4.383  1.00 91.48  ? 84  ARG A NE  1 
ATOM   501  C CZ  . ARG A 1 64  ? 10.814  -3.439  -5.427  1.00 86.81  ? 84  ARG A CZ  1 
ATOM   502  N NH1 . ARG A 1 64  ? 10.039  -4.499  -5.275  1.00 86.79  ? 84  ARG A NH1 1 
ATOM   503  N NH2 . ARG A 1 64  ? 11.018  -2.975  -6.649  1.00 75.62  ? 84  ARG A NH2 1 
ATOM   504  N N   . ASP A 1 65  ? 11.492  -7.512  -0.825  1.00 78.13  ? 85  ASP A N   1 
ATOM   505  C CA  . ASP A 1 65  ? 10.599  -8.011  0.209   1.00 80.22  ? 85  ASP A CA  1 
ATOM   506  C C   . ASP A 1 65  ? 11.341  -8.315  1.529   1.00 82.70  ? 85  ASP A C   1 
ATOM   507  O O   . ASP A 1 65  ? 10.948  -7.814  2.597   1.00 84.99  ? 85  ASP A O   1 
ATOM   508  C CB  . ASP A 1 65  ? 9.769   -9.178  -0.342  1.00 83.65  ? 85  ASP A CB  1 
ATOM   509  C CG  . ASP A 1 65  ? 8.911   -8.765  -1.578  1.00 96.62  ? 85  ASP A CG  1 
ATOM   510  O OD1 . ASP A 1 65  ? 8.754   -7.532  -1.842  1.00 82.37  ? 85  ASP A OD1 1 
ATOM   511  O OD2 . ASP A 1 65  ? 8.402   -9.679  -2.287  1.00 95.38  ? 85  ASP A OD2 1 
ATOM   512  N N   . ASN A 1 66  ? 12.450  -9.052  1.430   1.00 78.99  ? 86  ASN A N   1 
ATOM   513  C CA  . ASN A 1 66  ? 13.351  -9.276  2.563   1.00 75.50  ? 86  ASN A CA  1 
ATOM   514  C C   . ASN A 1 66  ? 13.890  -7.987  3.141   1.00 72.73  ? 86  ASN A C   1 
ATOM   515  O O   . ASN A 1 66  ? 13.867  -7.803  4.356   1.00 76.56  ? 86  ASN A O   1 
ATOM   516  C CB  . ASN A 1 66  ? 14.546  -10.158 2.182   1.00 86.59  ? 86  ASN A CB  1 
ATOM   517  C CG  . ASN A 1 66  ? 14.141  -11.548 1.715   1.00 96.84  ? 86  ASN A CG  1 
ATOM   518  O OD1 . ASN A 1 66  ? 12.997  -12.007 1.890   1.00 95.33  ? 86  ASN A OD1 1 
ATOM   519  N ND2 . ASN A 1 66  ? 15.094  -12.233 1.098   1.00 106.30 ? 86  ASN A ND2 1 
ATOM   520  N N   . HIS A 1 67  ? 14.377  -7.096  2.283   1.00 64.99  ? 87  HIS A N   1 
ATOM   521  C CA  . HIS A 1 67  ? 14.957  -5.858  2.767   1.00 69.98  ? 87  HIS A CA  1 
ATOM   522  C C   . HIS A 1 67  ? 13.903  -5.008  3.544   1.00 75.31  ? 87  HIS A C   1 
ATOM   523  O O   . HIS A 1 67  ? 14.248  -4.327  4.534   1.00 64.94  ? 87  HIS A O   1 
ATOM   524  C CB  . HIS A 1 67  ? 15.696  -5.094  1.631   1.00 75.49  ? 87  HIS A CB  1 
ATOM   525  C CG  . HIS A 1 67  ? 16.515  -3.924  2.113   1.00 94.53  ? 87  HIS A CG  1 
ATOM   526  N ND1 . HIS A 1 67  ? 16.719  -2.787  1.350   1.00 112.01 ? 87  HIS A ND1 1 
ATOM   527  C CD2 . HIS A 1 67  ? 17.151  -3.698  3.293   1.00 101.96 ? 87  HIS A CD2 1 
ATOM   528  C CE1 . HIS A 1 67  ? 17.446  -1.917  2.034   1.00 107.12 ? 87  HIS A CE1 1 
ATOM   529  N NE2 . HIS A 1 67  ? 17.715  -2.443  3.219   1.00 102.84 ? 87  HIS A NE2 1 
ATOM   530  N N   . LEU A 1 68  ? 12.623  -5.095  3.139   1.00 74.89  ? 88  LEU A N   1 
ATOM   531  C CA  . LEU A 1 68  ? 11.549  -4.311  3.793   1.00 76.65  ? 88  LEU A CA  1 
ATOM   532  C C   . LEU A 1 68  ? 11.367  -4.718  5.253   1.00 78.94  ? 88  LEU A C   1 
ATOM   533  O O   . LEU A 1 68  ? 11.068  -3.874  6.111   1.00 67.91  ? 88  LEU A O   1 
ATOM   534  C CB  . LEU A 1 68  ? 10.220  -4.394  3.041   1.00 66.84  ? 88  LEU A CB  1 
ATOM   535  C CG  . LEU A 1 68  ? 10.221  -3.617  1.719   1.00 61.12  ? 88  LEU A CG  1 
ATOM   536  C CD1 . LEU A 1 68  ? 9.144   -4.131  0.788   1.00 64.71  ? 88  LEU A CD1 1 
ATOM   537  C CD2 . LEU A 1 68  ? 10.126  -2.121  1.885   1.00 57.79  ? 88  LEU A CD2 1 
ATOM   538  N N   . GLN A 1 69  ? 11.606  -6.005  5.511   1.00 70.31  ? 89  GLN A N   1 
ATOM   539  C CA  . GLN A 1 69  ? 11.641  -6.562  6.859   1.00 68.74  ? 89  GLN A CA  1 
ATOM   540  C C   . GLN A 1 69  ? 12.698  -5.965  7.799   1.00 64.24  ? 89  GLN A C   1 
ATOM   541  O O   . GLN A 1 69  ? 12.463  -5.954  8.993   1.00 66.44  ? 89  GLN A O   1 
ATOM   542  C CB  . GLN A 1 69  ? 11.767  -8.070  6.818   1.00 62.43  ? 89  GLN A CB  1 
ATOM   543  C CG  . GLN A 1 69  ? 10.896  -8.723  5.771   1.00 68.55  ? 89  GLN A CG  1 
ATOM   544  C CD  . GLN A 1 69  ? 9.457   -8.735  6.162   1.00 77.99  ? 89  GLN A CD  1 
ATOM   545  O OE1 . GLN A 1 69  ? 9.109   -9.204  7.241   1.00 96.15  ? 89  GLN A OE1 1 
ATOM   546  N NE2 . GLN A 1 69  ? 8.602   -8.245  5.285   1.00 88.00  ? 89  GLN A NE2 1 
ATOM   547  N N   . GLN A 1 70  ? 13.816  -5.461  7.259   1.00 71.19  ? 90  GLN A N   1 
ATOM   548  C CA  . GLN A 1 70  ? 15.004  -4.996  8.046   1.00 73.38  ? 90  GLN A CA  1 
ATOM   549  C C   . GLN A 1 70  ? 14.758  -3.717  8.858   1.00 69.34  ? 90  GLN A C   1 
ATOM   550  O O   . GLN A 1 70  ? 13.723  -3.080  8.713   1.00 67.84  ? 90  GLN A O   1 
ATOM   551  C CB  . GLN A 1 70  ? 16.293  -4.810  7.158   1.00 91.10  ? 90  GLN A CB  1 
ATOM   552  C CG  . GLN A 1 70  ? 16.867  -6.005  6.368   1.00 98.92  ? 90  GLN A CG  1 
ATOM   553  C CD  . GLN A 1 70  ? 16.559  -7.372  6.984   1.00 114.44 ? 90  GLN A CD  1 
ATOM   554  O OE1 . GLN A 1 70  ? 16.930  -7.653  8.134   1.00 129.01 ? 90  GLN A OE1 1 
ATOM   555  N NE2 . GLN A 1 70  ? 15.868  -8.229  6.222   1.00 104.43 ? 90  GLN A NE2 1 
ATOM   556  N N   . ASP A 1 71  ? 15.752  -3.345  9.672   1.00 75.60  ? 91  ASP A N   1 
ATOM   557  C CA  . ASP A 1 71  ? 15.728  -2.207  10.615  1.00 84.00  ? 91  ASP A CA  1 
ATOM   558  C C   . ASP A 1 71  ? 15.441  -0.881  9.988   1.00 74.68  ? 91  ASP A C   1 
ATOM   559  O O   . ASP A 1 71  ? 15.014  0.054   10.683  1.00 82.63  ? 91  ASP A O   1 
ATOM   560  C CB  . ASP A 1 71  ? 17.073  -2.036  11.366  1.00 98.77  ? 91  ASP A CB  1 
ATOM   561  C CG  . ASP A 1 71  ? 17.287  -3.066  12.456  1.00 124.74 ? 91  ASP A CG  1 
ATOM   562  O OD1 . ASP A 1 71  ? 16.329  -3.407  13.188  1.00 154.82 ? 91  ASP A OD1 1 
ATOM   563  O OD2 . ASP A 1 71  ? 18.438  -3.530  12.593  1.00 137.49 ? 91  ASP A OD2 1 
ATOM   564  N N   . ASP A 1 72  ? 15.732  -0.760  8.705   1.00 79.21  ? 92  ASP A N   1 
ATOM   565  C CA  . ASP A 1 72  ? 15.683  0.558   8.063   1.00 85.08  ? 92  ASP A CA  1 
ATOM   566  C C   . ASP A 1 72  ? 14.334  0.742   7.303   1.00 81.52  ? 92  ASP A C   1 
ATOM   567  O O   . ASP A 1 72  ? 14.058  1.801   6.718   1.00 73.04  ? 92  ASP A O   1 
ATOM   568  C CB  . ASP A 1 72  ? 16.981  0.830   7.260   1.00 87.92  ? 92  ASP A CB  1 
ATOM   569  C CG  . ASP A 1 72  ? 17.407  -0.355  6.357   1.00 104.36 ? 92  ASP A CG  1 
ATOM   570  O OD1 . ASP A 1 72  ? 16.950  -1.523  6.524   1.00 107.05 ? 92  ASP A OD1 1 
ATOM   571  O OD2 . ASP A 1 72  ? 18.223  -0.101  5.448   1.00 107.60 ? 92  ASP A OD2 1 
ATOM   572  N N   . PHE A 1 73  ? 13.512  -0.320  7.372   1.00 75.31  ? 93  PHE A N   1 
ATOM   573  C CA  . PHE A 1 73  ? 12.110  -0.339  6.953   1.00 67.32  ? 93  PHE A CA  1 
ATOM   574  C C   . PHE A 1 73  ? 11.132  -0.777  8.055   1.00 62.21  ? 93  PHE A C   1 
ATOM   575  O O   . PHE A 1 73  ? 10.998  -0.071  9.045   1.00 56.84  ? 93  PHE A O   1 
ATOM   576  C CB  . PHE A 1 73  ? 11.964  -1.098  5.640   1.00 68.18  ? 93  PHE A CB  1 
ATOM   577  C CG  . PHE A 1 73  ? 12.593  -0.359  4.513   1.00 84.95  ? 93  PHE A CG  1 
ATOM   578  C CD1 . PHE A 1 73  ? 11.905  0.677   3.876   1.00 77.07  ? 93  PHE A CD1 1 
ATOM   579  C CD2 . PHE A 1 73  ? 13.933  -0.599  4.172   1.00 86.10  ? 93  PHE A CD2 1 
ATOM   580  C CE1 . PHE A 1 73  ? 12.523  1.414   2.886   1.00 82.70  ? 93  PHE A CE1 1 
ATOM   581  C CE2 . PHE A 1 73  ? 14.557  0.135   3.176   1.00 76.21  ? 93  PHE A CE2 1 
ATOM   582  C CZ  . PHE A 1 73  ? 13.849  1.142   2.531   1.00 87.39  ? 93  PHE A CZ  1 
ATOM   583  N N   . PHE A 1 74  ? 10.474  -1.914  7.896   1.00 56.17  ? 94  PHE A N   1 
ATOM   584  C CA  . PHE A 1 74  ? 9.416   -2.332  8.799   1.00 61.91  ? 94  PHE A CA  1 
ATOM   585  C C   . PHE A 1 74  ? 9.809   -2.806  10.193  1.00 66.74  ? 94  PHE A C   1 
ATOM   586  O O   . PHE A 1 74  ? 9.012   -2.653  11.145  1.00 71.08  ? 94  PHE A O   1 
ATOM   587  C CB  . PHE A 1 74  ? 8.529   -3.377  8.139   1.00 66.00  ? 94  PHE A CB  1 
ATOM   588  C CG  . PHE A 1 74  ? 7.561   -2.802  7.140   1.00 71.46  ? 94  PHE A CG  1 
ATOM   589  C CD1 . PHE A 1 74  ? 6.492   -1.974  7.565   1.00 73.32  ? 94  PHE A CD1 1 
ATOM   590  C CD2 . PHE A 1 74  ? 7.691   -3.095  5.769   1.00 66.33  ? 94  PHE A CD2 1 
ATOM   591  C CE1 . PHE A 1 74  ? 5.572   -1.455  6.645   1.00 74.14  ? 94  PHE A CE1 1 
ATOM   592  C CE2 . PHE A 1 74  ? 6.770   -2.581  4.853   1.00 75.00  ? 94  PHE A CE2 1 
ATOM   593  C CZ  . PHE A 1 74  ? 5.709   -1.760  5.289   1.00 75.14  ? 94  PHE A CZ  1 
ATOM   594  N N   . LYS A 1 75  ? 11.018  -3.379  10.294  1.00 67.68  ? 95  LYS A N   1 
ATOM   595  C CA  . LYS A 1 75  ? 11.583  -3.948  11.520  1.00 57.31  ? 95  LYS A CA  1 
ATOM   596  C C   . LYS A 1 75  ? 10.632  -5.004  12.060  1.00 55.86  ? 95  LYS A C   1 
ATOM   597  O O   . LYS A 1 75  ? 10.268  -4.997  13.236  1.00 63.35  ? 95  LYS A O   1 
ATOM   598  C CB  . LYS A 1 75  ? 11.897  -2.850  12.539  1.00 61.73  ? 95  LYS A CB  1 
ATOM   599  C CG  . LYS A 1 75  ? 12.881  -3.269  13.614  1.00 83.81  ? 95  LYS A CG  1 
ATOM   600  C CD  . LYS A 1 75  ? 13.337  -2.087  14.460  1.00 88.30  ? 95  LYS A CD  1 
ATOM   601  C CE  . LYS A 1 75  ? 14.325  -2.524  15.530  1.00 84.42  ? 95  LYS A CE  1 
ATOM   602  N NZ  . LYS A 1 75  ? 14.755  -1.334  16.300  1.00 87.91  ? 95  LYS A NZ  1 
ATOM   603  N N   . ALA A 1 76  ? 10.221  -5.894  11.159  1.00 54.97  ? 96  ALA A N   1 
ATOM   604  C CA  . ALA A 1 76  ? 9.303   -7.000  11.424  1.00 63.28  ? 96  ALA A CA  1 
ATOM   605  C C   . ALA A 1 76  ? 9.615   -7.936  12.595  1.00 71.01  ? 96  ALA A C   1 
ATOM   606  O O   . ALA A 1 76  ? 8.680   -8.541  13.132  1.00 75.22  ? 96  ALA A O   1 
ATOM   607  C CB  . ALA A 1 76  ? 9.133   -7.827  10.169  1.00 68.93  ? 96  ALA A CB  1 
ATOM   608  N N   . LYS A 1 77  ? 10.901  -8.113  12.939  1.00 74.54  ? 97  LYS A N   1 
ATOM   609  C CA  . LYS A 1 77  ? 11.261  -8.869  14.150  1.00 72.36  ? 97  LYS A CA  1 
ATOM   610  C C   . LYS A 1 77  ? 10.508  -8.197  15.316  1.00 67.03  ? 97  LYS A C   1 
ATOM   611  O O   . LYS A 1 77  ? 9.665   -8.835  15.923  1.00 68.12  ? 97  LYS A O   1 
ATOM   612  C CB  . LYS A 1 77  ? 12.794  -8.964  14.392  1.00 65.36  ? 97  LYS A CB  1 
ATOM   613  N N   . LYS A 1 78  ? 10.749  -6.904  15.555  1.00 59.10  ? 98  LYS A N   1 
ATOM   614  C CA  . LYS A 1 78  ? 10.122  -6.144  16.667  1.00 57.48  ? 98  LYS A CA  1 
ATOM   615  C C   . LYS A 1 78  ? 8.632   -5.789  16.434  1.00 62.53  ? 98  LYS A C   1 
ATOM   616  O O   . LYS A 1 78  ? 7.859   -5.871  17.377  1.00 75.91  ? 98  LYS A O   1 
ATOM   617  C CB  . LYS A 1 78  ? 10.999  -4.931  17.036  1.00 50.25  ? 98  LYS A CB  1 
ATOM   618  C CG  . LYS A 1 78  ? 10.580  -4.013  18.184  1.00 54.11  ? 98  LYS A CG  1 
ATOM   619  C CD  . LYS A 1 78  ? 11.809  -3.288  18.769  1.00 54.50  ? 98  LYS A CD  1 
ATOM   620  C CE  . LYS A 1 78  ? 11.514  -2.028  19.584  1.00 63.11  ? 98  LYS A CE  1 
ATOM   621  N NZ  . LYS A 1 78  ? 12.395  -1.764  20.783  1.00 62.99  ? 98  LYS A NZ  1 
ATOM   622  N N   . TYR A 1 79  ? 8.233   -5.447  15.191  1.00 67.60  ? 99  TYR A N   1 
ATOM   623  C CA  . TYR A 1 79  ? 6.846   -5.016  14.858  1.00 55.84  ? 99  TYR A CA  1 
ATOM   624  C C   . TYR A 1 79  ? 6.321   -5.798  13.669  1.00 58.43  ? 99  TYR A C   1 
ATOM   625  O O   . TYR A 1 79  ? 6.404   -5.351  12.535  1.00 63.66  ? 99  TYR A O   1 
ATOM   626  C CB  . TYR A 1 79  ? 6.747   -3.521  14.568  1.00 44.64  ? 99  TYR A CB  1 
ATOM   627  C CG  . TYR A 1 79  ? 7.474   -2.589  15.541  1.00 50.20  ? 99  TYR A CG  1 
ATOM   628  C CD1 . TYR A 1 79  ? 6.845   -2.093  16.735  1.00 48.44  ? 99  TYR A CD1 1 
ATOM   629  C CD2 . TYR A 1 79  ? 8.793   -2.170  15.276  1.00 47.64  ? 99  TYR A CD2 1 
ATOM   630  C CE1 . TYR A 1 79  ? 7.515   -1.203  17.637  1.00 48.05  ? 99  TYR A CE1 1 
ATOM   631  C CE2 . TYR A 1 79  ? 9.470   -1.288  16.152  1.00 52.56  ? 99  TYR A CE2 1 
ATOM   632  C CZ  . TYR A 1 79  ? 8.847   -0.804  17.329  1.00 53.12  ? 99  TYR A CZ  1 
ATOM   633  O OH  . TYR A 1 79  ? 9.584   0.034   18.165  1.00 58.46  ? 99  TYR A OH  1 
ATOM   634  N N   . PRO A 1 80  ? 5.777   -6.983  13.930  1.00 66.92  ? 100 PRO A N   1 
ATOM   635  C CA  . PRO A 1 80  ? 5.377   -7.893  12.828  1.00 63.97  ? 100 PRO A CA  1 
ATOM   636  C C   . PRO A 1 80  ? 4.101   -7.482  12.086  1.00 64.58  ? 100 PRO A C   1 
ATOM   637  O O   . PRO A 1 80  ? 3.809   -7.991  10.966  1.00 68.85  ? 100 PRO A O   1 
ATOM   638  C CB  . PRO A 1 80  ? 5.116   -9.240  13.557  1.00 56.82  ? 100 PRO A CB  1 
ATOM   639  C CG  . PRO A 1 80  ? 4.713   -8.822  14.966  1.00 50.39  ? 100 PRO A CG  1 
ATOM   640  C CD  . PRO A 1 80  ? 5.572   -7.595  15.274  1.00 58.51  ? 100 PRO A CD  1 
ATOM   641  N N   . ASP A 1 81  ? 3.298   -6.635  12.708  1.00 61.03  ? 101 ASP A N   1 
ATOM   642  C CA  . ASP A 1 81  ? 2.049   -6.318  12.035  1.00 72.03  ? 101 ASP A CA  1 
ATOM   643  C C   . ASP A 1 81  ? 1.705   -4.837  11.891  1.00 69.22  ? 101 ASP A C   1 
ATOM   644  O O   . ASP A 1 81  ? 2.182   -4.031  12.689  1.00 56.09  ? 101 ASP A O   1 
ATOM   645  C CB  . ASP A 1 81  ? 0.877   -7.231  12.471  1.00 82.57  ? 101 ASP A CB  1 
ATOM   646  C CG  . ASP A 1 81  ? 0.866   -7.555  13.920  1.00 76.50  ? 101 ASP A CG  1 
ATOM   647  O OD1 . ASP A 1 81  ? 1.415   -6.795  14.739  1.00 99.93  ? 101 ASP A OD1 1 
ATOM   648  O OD2 . ASP A 1 81  ? 0.269   -8.589  14.234  1.00 78.63  ? 101 ASP A OD2 1 
ATOM   649  N N   . MET A 1 82  ? 0.978   -4.458  10.826  1.00 65.22  ? 102 MET A N   1 
ATOM   650  C CA  . MET A 1 82  ? 0.433   -3.103  10.806  1.00 58.52  ? 102 MET A CA  1 
ATOM   651  C C   . MET A 1 82  ? -1.062  -3.158  10.928  1.00 62.74  ? 102 MET A C   1 
ATOM   652  O O   . MET A 1 82  ? -1.717  -4.090  10.411  1.00 66.67  ? 102 MET A O   1 
ATOM   653  C CB  . MET A 1 82  ? 0.950   -2.221  9.682   1.00 59.62  ? 102 MET A CB  1 
ATOM   654  C CG  . MET A 1 82  ? 0.456   -2.465  8.269   1.00 73.33  ? 102 MET A CG  1 
ATOM   655  S SD  . MET A 1 82  ? 1.064   -1.199  7.088   1.00 68.62  ? 102 MET A SD  1 
ATOM   656  C CE  . MET A 1 82  ? 1.147   0.166   8.201   1.00 67.44  ? 102 MET A CE  1 
ATOM   657  N N   . THR A 1 83  ? -1.568  -2.197  11.694  1.00 55.20  ? 103 THR A N   1 
ATOM   658  C CA  . THR A 1 83  ? -2.968  -2.122  12.046  1.00 53.93  ? 103 THR A CA  1 
ATOM   659  C C   . THR A 1 83  ? -3.648  -0.823  11.577  1.00 56.32  ? 103 THR A C   1 
ATOM   660  O O   . THR A 1 83  ? -3.094  0.283   11.673  1.00 54.97  ? 103 THR A O   1 
ATOM   661  C CB  . THR A 1 83  ? -3.184  -2.247  13.575  1.00 51.96  ? 103 THR A CB  1 
ATOM   662  O OG1 . THR A 1 83  ? -2.672  -1.072  14.240  1.00 55.06  ? 103 THR A OG1 1 
ATOM   663  C CG2 . THR A 1 83  ? -2.501  -3.507  14.111  1.00 48.59  ? 103 THR A CG2 1 
ATOM   664  N N   . PHE A 1 84  ? -4.863  -0.999  11.072  1.00 58.36  ? 104 PHE A N   1 
ATOM   665  C CA  . PHE A 1 84  ? -5.767  0.086   10.859  1.00 59.36  ? 104 PHE A CA  1 
ATOM   666  C C   . PHE A 1 84  ? -7.062  -0.151  11.630  1.00 58.45  ? 104 PHE A C   1 
ATOM   667  O O   . PHE A 1 84  ? -7.667  -1.208  11.489  1.00 59.71  ? 104 PHE A O   1 
ATOM   668  C CB  . PHE A 1 84  ? -6.119  0.202   9.387   1.00 56.00  ? 104 PHE A CB  1 
ATOM   669  C CG  . PHE A 1 84  ? -7.078  1.300   9.129   1.00 56.89  ? 104 PHE A CG  1 
ATOM   670  C CD1 . PHE A 1 84  ? -6.630  2.638   9.120   1.00 61.09  ? 104 PHE A CD1 1 
ATOM   671  C CD2 . PHE A 1 84  ? -8.436  1.035   8.986   1.00 52.25  ? 104 PHE A CD2 1 
ATOM   672  C CE1 . PHE A 1 84  ? -7.516  3.686   8.908   1.00 56.36  ? 104 PHE A CE1 1 
ATOM   673  C CE2 . PHE A 1 84  ? -9.335  2.085   8.786   1.00 54.81  ? 104 PHE A CE2 1 
ATOM   674  C CZ  . PHE A 1 84  ? -8.873  3.411   8.752   1.00 54.85  ? 104 PHE A CZ  1 
ATOM   675  N N   . THR A 1 85  ? -7.514  0.870   12.349  1.00 52.27  ? 105 THR A N   1 
ATOM   676  C CA  . THR A 1 85  ? -8.735  0.859   13.139  1.00 52.22  ? 105 THR A CA  1 
ATOM   677  C C   . THR A 1 85  ? -9.584  2.070   12.809  1.00 53.12  ? 105 THR A C   1 
ATOM   678  O O   . THR A 1 85  ? -9.176  3.204   13.124  1.00 60.78  ? 105 THR A O   1 
ATOM   679  C CB  . THR A 1 85  ? -8.370  0.942   14.639  1.00 61.73  ? 105 THR A CB  1 
ATOM   680  O OG1 . THR A 1 85  ? -7.680  -0.251  14.971  1.00 71.76  ? 105 THR A OG1 1 
ATOM   681  C CG2 . THR A 1 85  ? -9.613  1.077   15.567  1.00 61.52  ? 105 THR A CG2 1 
ATOM   682  N N   . MET A 1 86  ? -10.751 1.846   12.194  1.00 49.60  ? 106 MET A N   1 
ATOM   683  C CA  . MET A 1 86  ? -11.680 2.928   11.892  1.00 49.67  ? 106 MET A CA  1 
ATOM   684  C C   . MET A 1 86  ? -12.217 3.640   13.142  1.00 50.72  ? 106 MET A C   1 
ATOM   685  O O   . MET A 1 86  ? -12.668 2.985   14.069  1.00 59.13  ? 106 MET A O   1 
ATOM   686  C CB  . MET A 1 86  ? -12.855 2.402   11.096  1.00 50.32  ? 106 MET A CB  1 
ATOM   687  C CG  . MET A 1 86  ? -13.737 3.553   10.636  1.00 53.41  ? 106 MET A CG  1 
ATOM   688  S SD  . MET A 1 86  ? -15.138 2.911   9.748   1.00 62.59  ? 106 MET A SD  1 
ATOM   689  C CE  . MET A 1 86  ? -16.323 3.159   11.038  1.00 53.11  ? 106 MET A CE  1 
ATOM   690  N N   . LYS A 1 87  ? -12.198 4.969   13.159  1.00 52.26  ? 107 LYS A N   1 
ATOM   691  C CA  . LYS A 1 87  ? -12.786 5.750   14.262  1.00 55.14  ? 107 LYS A CA  1 
ATOM   692  C C   . LYS A 1 87  ? -14.083 6.521   13.912  1.00 59.13  ? 107 LYS A C   1 
ATOM   693  O O   . LYS A 1 87  ? -14.803 6.940   14.819  1.00 71.09  ? 107 LYS A O   1 
ATOM   694  C CB  . LYS A 1 87  ? -11.748 6.722   14.842  1.00 58.48  ? 107 LYS A CB  1 
ATOM   695  C CG  . LYS A 1 87  ? -10.612 6.043   15.606  1.00 70.30  ? 107 LYS A CG  1 
ATOM   696  C CD  . LYS A 1 87  ? -9.593  7.074   16.083  1.00 88.92  ? 107 LYS A CD  1 
ATOM   697  C CE  . LYS A 1 87  ? -10.094 7.899   17.266  1.00 99.70  ? 107 LYS A CE  1 
ATOM   698  N NZ  . LYS A 1 87  ? -9.260  9.113   17.428  1.00 93.63  ? 107 LYS A NZ  1 
ATOM   699  N N   . LYS A 1 88  ? -14.390 6.690   12.620  1.00 58.30  ? 108 LYS A N   1 
ATOM   700  C CA  . LYS A 1 88  ? -15.401 7.655   12.130  1.00 57.80  ? 108 LYS A CA  1 
ATOM   701  C C   . LYS A 1 88  ? -15.603 7.298   10.653  1.00 59.98  ? 108 LYS A C   1 
ATOM   702  O O   . LYS A 1 88  ? -14.628 7.182   9.885   1.00 69.53  ? 108 LYS A O   1 
ATOM   703  C CB  . LYS A 1 88  ? -14.810 9.063   12.257  1.00 64.01  ? 108 LYS A CB  1 
ATOM   704  C CG  . LYS A 1 88  ? -15.688 10.273  12.482  1.00 62.57  ? 108 LYS A CG  1 
ATOM   705  C CD  . LYS A 1 88  ? -14.763 11.476  12.254  1.00 79.28  ? 108 LYS A CD  1 
ATOM   706  C CE  . LYS A 1 88  ? -15.354 12.812  12.692  1.00 96.00  ? 108 LYS A CE  1 
ATOM   707  N NZ  . LYS A 1 88  ? -14.977 13.241  14.075  1.00 112.15 ? 108 LYS A NZ  1 
ATOM   708  N N   . TYR A 1 89  ? -16.847 7.058   10.256  1.00 56.87  ? 109 TYR A N   1 
ATOM   709  C CA  . TYR A 1 89  ? -17.186 7.072   8.827   1.00 55.61  ? 109 TYR A CA  1 
ATOM   710  C C   . TYR A 1 89  ? -18.129 8.232   8.600   1.00 57.28  ? 109 TYR A C   1 
ATOM   711  O O   . TYR A 1 89  ? -19.115 8.366   9.311   1.00 59.95  ? 109 TYR A O   1 
ATOM   712  C CB  . TYR A 1 89  ? -17.795 5.778   8.366   1.00 47.74  ? 109 TYR A CB  1 
ATOM   713  C CG  . TYR A 1 89  ? -18.060 5.750   6.892   1.00 53.89  ? 109 TYR A CG  1 
ATOM   714  C CD1 . TYR A 1 89  ? -17.049 5.450   5.964   1.00 55.03  ? 109 TYR A CD1 1 
ATOM   715  C CD2 . TYR A 1 89  ? -19.346 5.973   6.402   1.00 56.16  ? 109 TYR A CD2 1 
ATOM   716  C CE1 . TYR A 1 89  ? -17.332 5.389   4.584   1.00 53.66  ? 109 TYR A CE1 1 
ATOM   717  C CE2 . TYR A 1 89  ? -19.625 5.906   5.031   1.00 53.17  ? 109 TYR A CE2 1 
ATOM   718  C CZ  . TYR A 1 89  ? -18.621 5.621   4.122   1.00 51.08  ? 109 TYR A CZ  1 
ATOM   719  O OH  . TYR A 1 89  ? -18.953 5.608   2.772   1.00 53.96  ? 109 TYR A OH  1 
ATOM   720  N N   . GLU A 1 90  ? -17.782 9.119   7.671   1.00 57.14  ? 110 GLU A N   1 
ATOM   721  C CA  . GLU A 1 90  ? -18.630 10.277  7.367   1.00 54.06  ? 110 GLU A CA  1 
ATOM   722  C C   . GLU A 1 90  ? -19.141 10.049  5.959   1.00 58.46  ? 110 GLU A C   1 
ATOM   723  O O   . GLU A 1 90  ? -18.354 10.173  4.991   1.00 59.42  ? 110 GLU A O   1 
ATOM   724  C CB  . GLU A 1 90  ? -17.854 11.598  7.491   1.00 50.65  ? 110 GLU A CB  1 
ATOM   725  C CG  . GLU A 1 90  ? -17.420 11.946  8.920   1.00 51.33  ? 110 GLU A CG  1 
ATOM   726  C CD  . GLU A 1 90  ? -16.392 13.080  9.013   1.00 52.11  ? 110 GLU A CD  1 
ATOM   727  O OE1 . GLU A 1 90  ? -16.629 14.016  9.805   1.00 61.48  ? 110 GLU A OE1 1 
ATOM   728  O OE2 . GLU A 1 90  ? -15.336 13.067  8.333   1.00 57.65  ? 110 GLU A OE2 1 
ATOM   729  N N   . LYS A 1 91  ? -20.431 9.678   5.850   1.00 60.64  ? 111 LYS A N   1 
ATOM   730  C CA  . LYS A 1 91  ? -21.097 9.421   4.543   1.00 62.41  ? 111 LYS A CA  1 
ATOM   731  C C   . LYS A 1 91  ? -21.091 10.654  3.637   1.00 60.70  ? 111 LYS A C   1 
ATOM   732  O O   . LYS A 1 91  ? -21.376 11.742  4.130   1.00 59.52  ? 111 LYS A O   1 
ATOM   733  C CB  . LYS A 1 91  ? -22.549 8.982   4.755   1.00 61.55  ? 111 LYS A CB  1 
ATOM   734  C CG  . LYS A 1 91  ? -23.196 8.304   3.557   1.00 68.13  ? 111 LYS A CG  1 
ATOM   735  C CD  . LYS A 1 91  ? -24.671 8.056   3.870   1.00 73.71  ? 111 LYS A CD  1 
ATOM   736  C CE  . LYS A 1 91  ? -25.422 7.694   2.601   1.00 77.22  ? 111 LYS A CE  1 
ATOM   737  N NZ  . LYS A 1 91  ? -26.805 7.196   2.804   1.00 67.56  ? 111 LYS A NZ  1 
ATOM   738  N N   . ILE A 1 92  ? -20.734 10.501  2.351   1.00 55.43  ? 112 ILE A N   1 
ATOM   739  C CA  . ILE A 1 92  ? -20.960 11.593  1.381   1.00 56.29  ? 112 ILE A CA  1 
ATOM   740  C C   . ILE A 1 92  ? -22.262 11.319  0.627   1.00 54.82  ? 112 ILE A C   1 
ATOM   741  O O   . ILE A 1 92  ? -23.173 12.106  0.714   1.00 51.72  ? 112 ILE A O   1 
ATOM   742  C CB  . ILE A 1 92  ? -19.763 11.867  0.443   1.00 56.57  ? 112 ILE A CB  1 
ATOM   743  C CG1 . ILE A 1 92  ? -18.670 12.527  1.261   1.00 50.80  ? 112 ILE A CG1 1 
ATOM   744  C CG2 . ILE A 1 92  ? -20.141 12.756  -0.785  1.00 49.39  ? 112 ILE A CG2 1 
ATOM   745  C CD1 . ILE A 1 92  ? -17.329 12.377  0.607   1.00 52.91  ? 112 ILE A CD1 1 
ATOM   746  N N   . ASP A 1 93  ? -22.321 10.230  -0.124  1.00 55.62  ? 113 ASP A N   1 
ATOM   747  C CA  . ASP A 1 93  ? -23.585 9.665   -0.573  1.00 59.42  ? 113 ASP A CA  1 
ATOM   748  C C   . ASP A 1 93  ? -23.453 8.147   -0.430  1.00 55.23  ? 113 ASP A C   1 
ATOM   749  O O   . ASP A 1 93  ? -22.587 7.669   0.321   1.00 75.80  ? 113 ASP A O   1 
ATOM   750  C CB  . ASP A 1 93  ? -23.907 10.142  -1.995  1.00 49.91  ? 113 ASP A CB  1 
ATOM   751  C CG  . ASP A 1 93  ? -22.806 9.789   -3.018  1.00 62.06  ? 113 ASP A CG  1 
ATOM   752  O OD1 . ASP A 1 93  ? -22.160 8.697   -2.907  1.00 53.79  ? 113 ASP A OD1 1 
ATOM   753  O OD2 . ASP A 1 93  ? -22.594 10.604  -3.970  1.00 67.12  ? 113 ASP A OD2 1 
ATOM   754  N N   . ASN A 1 94  ? -24.279 7.386   -1.136  1.00 58.50  ? 114 ASN A N   1 
ATOM   755  C CA  . ASN A 1 94  ? -24.228 5.913   -1.047  1.00 64.76  ? 114 ASN A CA  1 
ATOM   756  C C   . ASN A 1 94  ? -23.078 5.289   -1.796  1.00 63.05  ? 114 ASN A C   1 
ATOM   757  O O   . ASN A 1 94  ? -22.903 4.094   -1.722  1.00 79.91  ? 114 ASN A O   1 
ATOM   758  C CB  . ASN A 1 94  ? -25.510 5.224   -1.519  1.00 63.20  ? 114 ASN A CB  1 
ATOM   759  C CG  . ASN A 1 94  ? -26.776 5.863   -0.989  1.00 77.80  ? 114 ASN A CG  1 
ATOM   760  O OD1 . ASN A 1 94  ? -26.808 6.597   0.038   1.00 73.58  ? 114 ASN A OD1 1 
ATOM   761  N ND2 . ASN A 1 94  ? -27.866 5.564   -1.691  1.00 98.31  ? 114 ASN A ND2 1 
ATOM   762  N N   . GLU A 1 95  ? -22.304 6.061   -2.528  1.00 63.70  ? 115 GLU A N   1 
ATOM   763  C CA  . GLU A 1 95  ? -21.167 5.478   -3.238  1.00 67.56  ? 115 GLU A CA  1 
ATOM   764  C C   . GLU A 1 95  ? -19.831 5.861   -2.637  1.00 67.98  ? 115 GLU A C   1 
ATOM   765  O O   . GLU A 1 95  ? -18.798 5.274   -3.009  1.00 63.48  ? 115 GLU A O   1 
ATOM   766  C CB  . GLU A 1 95  ? -21.186 5.891   -4.694  1.00 69.71  ? 115 GLU A CB  1 
ATOM   767  C CG  . GLU A 1 95  ? -22.498 5.543   -5.342  1.00 76.25  ? 115 GLU A CG  1 
ATOM   768  C CD  . GLU A 1 95  ? -22.376 5.449   -6.827  1.00 85.71  ? 115 GLU A CD  1 
ATOM   769  O OE1 . GLU A 1 95  ? -22.056 6.503   -7.422  1.00 88.47  ? 115 GLU A OE1 1 
ATOM   770  O OE2 . GLU A 1 95  ? -22.605 4.331   -7.379  1.00 86.81  ? 115 GLU A OE2 1 
ATOM   771  N N   . LYS A 1 96  ? -19.875 6.825   -1.705  1.00 63.18  ? 116 LYS A N   1 
ATOM   772  C CA  . LYS A 1 96  ? -18.733 7.650   -1.353  1.00 59.37  ? 116 LYS A CA  1 
ATOM   773  C C   . LYS A 1 96  ? -18.791 8.071   0.109   1.00 58.44  ? 116 LYS A C   1 
ATOM   774  O O   . LYS A 1 96  ? -19.833 8.522   0.617   1.00 55.18  ? 116 LYS A O   1 
ATOM   775  C CB  . LYS A 1 96  ? -18.655 8.890   -2.284  1.00 63.34  ? 116 LYS A CB  1 
ATOM   776  C CG  . LYS A 1 96  ? -17.915 8.637   -3.596  1.00 76.77  ? 116 LYS A CG  1 
ATOM   777  C CD  . LYS A 1 96  ? -18.099 9.681   -4.710  1.00 87.55  ? 116 LYS A CD  1 
ATOM   778  C CE  . LYS A 1 96  ? -16.974 9.564   -5.764  1.00 96.09  ? 116 LYS A CE  1 
ATOM   779  N NZ  . LYS A 1 96  ? -17.210 10.018  -7.175  1.00 100.21 ? 116 LYS A NZ  1 
ATOM   780  N N   . GLY A 1 97  ? -17.653 7.955   0.782   1.00 50.23  ? 117 GLY A N   1 
ATOM   781  C CA  . GLY A 1 97  ? -17.535 8.589   2.105   1.00 49.92  ? 117 GLY A CA  1 
ATOM   782  C C   . GLY A 1 97  ? -16.088 8.742   2.499   1.00 48.59  ? 117 GLY A C   1 
ATOM   783  O O   . GLY A 1 97  ? -15.203 8.221   1.807   1.00 50.17  ? 117 GLY A O   1 
ATOM   784  N N   . LYS A 1 98  ? -15.875 9.412   3.624   1.00 45.27  ? 118 LYS A N   1 
ATOM   785  C CA  . LYS A 1 98  ? -14.580 9.752   4.166   1.00 47.20  ? 118 LYS A CA  1 
ATOM   786  C C   . LYS A 1 98  ? -14.419 8.876   5.403   1.00 50.22  ? 118 LYS A C   1 
ATOM   787  O O   . LYS A 1 98  ? -15.213 9.011   6.347   1.00 48.48  ? 118 LYS A O   1 
ATOM   788  C CB  . LYS A 1 98  ? -14.657 11.184  4.656   1.00 50.11  ? 118 LYS A CB  1 
ATOM   789  C CG  . LYS A 1 98  ? -13.554 12.142  4.296   1.00 60.22  ? 118 LYS A CG  1 
ATOM   790  C CD  . LYS A 1 98  ? -13.506 13.223  5.396   1.00 78.78  ? 118 LYS A CD  1 
ATOM   791  C CE  . LYS A 1 98  ? -12.523 14.385  5.197   1.00 76.71  ? 118 LYS A CE  1 
ATOM   792  N NZ  . LYS A 1 98  ? -12.318 14.936  6.567   1.00 77.59  ? 118 LYS A NZ  1 
ATOM   793  N N   . MET A 1 99  ? -13.407 7.994   5.415   1.00 49.21  ? 119 MET A N   1 
ATOM   794  C CA  . MET A 1 99  ? -13.141 7.129   6.586   1.00 46.17  ? 119 MET A CA  1 
ATOM   795  C C   . MET A 1 99  ? -11.954 7.619   7.403   1.00 49.21  ? 119 MET A C   1 
ATOM   796  O O   . MET A 1 99  ? -10.862 7.835   6.864   1.00 56.87  ? 119 MET A O   1 
ATOM   797  C CB  . MET A 1 99  ? -12.884 5.713   6.149   1.00 42.68  ? 119 MET A CB  1 
ATOM   798  C CG  . MET A 1 99  ? -12.895 4.724   7.321   1.00 50.78  ? 119 MET A CG  1 
ATOM   799  S SD  . MET A 1 99  ? -12.817 2.996   6.776   1.00 57.68  ? 119 MET A SD  1 
ATOM   800  C CE  . MET A 1 99  ? -14.502 2.681   6.227   1.00 55.23  ? 119 MET A CE  1 
ATOM   801  N N   . THR A 1 100 ? -12.163 7.827   8.691   1.00 46.42  ? 120 THR A N   1 
ATOM   802  C CA  . THR A 1 100 ? -11.068 8.215   9.589   1.00 48.00  ? 120 THR A CA  1 
ATOM   803  C C   . THR A 1 100 ? -10.689 7.086   10.540  1.00 53.71  ? 120 THR A C   1 
ATOM   804  O O   . THR A 1 100 ? -11.550 6.451   11.138  1.00 62.83  ? 120 THR A O   1 
ATOM   805  C CB  . THR A 1 100 ? -11.400 9.506   10.308  1.00 44.24  ? 120 THR A CB  1 
ATOM   806  O OG1 . THR A 1 100 ? -11.701 10.466  9.295   1.00 50.00  ? 120 THR A OG1 1 
ATOM   807  C CG2 . THR A 1 100 ? -10.197 10.047  11.080  1.00 43.36  ? 120 THR A CG2 1 
ATOM   808  N N   . GLY A 1 101 ? -9.399  6.813   10.635  1.00 54.77  ? 121 GLY A N   1 
ATOM   809  C CA  . GLY A 1 101 ? -8.905  5.700   11.444  1.00 53.23  ? 121 GLY A CA  1 
ATOM   810  C C   . GLY A 1 101 ? -7.458  5.846   11.842  1.00 53.38  ? 121 GLY A C   1 
ATOM   811  O O   . GLY A 1 101 ? -6.759  6.764   11.418  1.00 56.25  ? 121 GLY A O   1 
ATOM   812  N N   . THR A 1 102 ? -7.001  4.937   12.678  1.00 55.60  ? 122 THR A N   1 
ATOM   813  C CA  . THR A 1 102 ? -5.673  5.060   13.267  1.00 48.32  ? 122 THR A CA  1 
ATOM   814  C C   . THR A 1 102 ? -4.902  4.007   12.575  1.00 48.27  ? 122 THR A C   1 
ATOM   815  O O   . THR A 1 102 ? -5.246  2.803   12.640  1.00 53.14  ? 122 THR A O   1 
ATOM   816  C CB  . THR A 1 102 ? -5.698  4.779   14.786  1.00 48.71  ? 122 THR A CB  1 
ATOM   817  O OG1 . THR A 1 102 ? -6.486  5.784   15.400  1.00 50.82  ? 122 THR A OG1 1 
ATOM   818  C CG2 . THR A 1 102 ? -4.320  4.841   15.423  1.00 44.65  ? 122 THR A CG2 1 
ATOM   819  N N   . LEU A 1 103 ? -3.874  4.469   11.873  1.00 49.49  ? 123 LEU A N   1 
ATOM   820  C CA  . LEU A 1 103 ? -2.903  3.572   11.266  1.00 47.89  ? 123 LEU A CA  1 
ATOM   821  C C   . LEU A 1 103 ? -1.712  3.499   12.202  1.00 48.92  ? 123 LEU A C   1 
ATOM   822  O O   . LEU A 1 103 ? -1.262  4.537   12.801  1.00 43.69  ? 123 LEU A O   1 
ATOM   823  C CB  . LEU A 1 103 ? -2.478  4.072   9.898   1.00 44.48  ? 123 LEU A CB  1 
ATOM   824  C CG  . LEU A 1 103 ? -1.679  3.087   9.036   1.00 48.11  ? 123 LEU A CG  1 
ATOM   825  C CD1 . LEU A 1 103 ? -2.459  1.826   8.684   1.00 41.54  ? 123 LEU A CD1 1 
ATOM   826  C CD2 . LEU A 1 103 ? -1.201  3.787   7.759   1.00 46.19  ? 123 LEU A CD2 1 
ATOM   827  N N   . THR A 1 104 ? -1.228  2.268   12.344  1.00 51.02  ? 124 THR A N   1 
ATOM   828  C CA  . THR A 1 104 ? -0.048  1.983   13.165  1.00 55.62  ? 124 THR A CA  1 
ATOM   829  C C   . THR A 1 104 ? 0.968   1.260   12.328  1.00 54.83  ? 124 THR A C   1 
ATOM   830  O O   . THR A 1 104 ? 0.707   0.148   11.836  1.00 53.10  ? 124 THR A O   1 
ATOM   831  C CB  . THR A 1 104 ? -0.422  1.189   14.438  1.00 53.19  ? 124 THR A CB  1 
ATOM   832  O OG1 . THR A 1 104 ? -1.374  1.982   15.155  1.00 49.25  ? 124 THR A OG1 1 
ATOM   833  C CG2 . THR A 1 104 ? 0.811   0.994   15.358  1.00 46.43  ? 124 THR A CG2 1 
ATOM   834  N N   . ILE A 1 105 ? 2.104   1.924   12.132  1.00 55.57  ? 125 ILE A N   1 
ATOM   835  C CA  . ILE A 1 105 ? 3.231   1.332   11.391  1.00 60.82  ? 125 ILE A CA  1 
ATOM   836  C C   . ILE A 1 105 ? 4.394   1.294   12.352  1.00 61.68  ? 125 ILE A C   1 
ATOM   837  O O   . ILE A 1 105 ? 4.737   2.335   12.953  1.00 54.10  ? 125 ILE A O   1 
ATOM   838  C CB  . ILE A 1 105 ? 3.627   2.141   10.143  1.00 59.66  ? 125 ILE A CB  1 
ATOM   839  C CG1 . ILE A 1 105 ? 2.418   2.385   9.236   1.00 53.80  ? 125 ILE A CG1 1 
ATOM   840  C CG2 . ILE A 1 105 ? 4.706   1.406   9.372   1.00 66.98  ? 125 ILE A CG2 1 
ATOM   841  C CD1 . ILE A 1 105 ? 2.723   3.141   7.953   1.00 57.74  ? 125 ILE A CD1 1 
ATOM   842  N N   . ALA A 1 106 ? 4.955   0.092   12.544  1.00 62.55  ? 126 ALA A N   1 
ATOM   843  C CA  . ALA A 1 106 ? 6.098   -0.105  13.479  1.00 58.87  ? 126 ALA A CA  1 
ATOM   844  C C   . ALA A 1 106 ? 5.952   0.667   14.790  1.00 62.15  ? 126 ALA A C   1 
ATOM   845  O O   . ALA A 1 106 ? 6.822   1.474   15.158  1.00 64.76  ? 126 ALA A O   1 
ATOM   846  C CB  . ALA A 1 106 ? 7.416   0.258   12.804  1.00 54.98  ? 126 ALA A CB  1 
ATOM   847  N N   . GLY A 1 107 ? 4.824   0.463   15.470  1.00 55.88  ? 127 GLY A N   1 
ATOM   848  C CA  . GLY A 1 107 ? 4.596   1.119   16.739  1.00 46.25  ? 127 GLY A CA  1 
ATOM   849  C C   . GLY A 1 107 ? 4.295   2.605   16.674  1.00 58.44  ? 127 GLY A C   1 
ATOM   850  O O   . GLY A 1 107 ? 4.077   3.276   17.720  1.00 58.11  ? 127 GLY A O   1 
ATOM   851  N N   . VAL A 1 108 ? 4.249   3.173   15.474  1.00 53.96  ? 128 VAL A N   1 
ATOM   852  C CA  . VAL A 1 108 ? 3.864   4.579   15.461  1.00 53.00  ? 128 VAL A CA  1 
ATOM   853  C C   . VAL A 1 108 ? 2.474   4.790   14.843  1.00 52.95  ? 128 VAL A C   1 
ATOM   854  O O   . VAL A 1 108 ? 2.097   4.154   13.830  1.00 52.98  ? 128 VAL A O   1 
ATOM   855  C CB  . VAL A 1 108 ? 5.037   5.536   15.096  1.00 58.44  ? 128 VAL A CB  1 
ATOM   856  C CG1 . VAL A 1 108 ? 5.850   4.983   13.956  1.00 64.74  ? 128 VAL A CG1 1 
ATOM   857  C CG2 . VAL A 1 108 ? 4.561   6.950   14.822  1.00 47.83  ? 128 VAL A CG2 1 
ATOM   858  N N   . SER A 1 109 ? 1.682   5.584   15.550  1.00 48.47  ? 129 SER A N   1 
ATOM   859  C CA  . SER A 1 109 ? 0.279   5.659   15.261  1.00 51.80  ? 129 SER A CA  1 
ATOM   860  C C   . SER A 1 109 ? -0.082  7.025   14.841  1.00 54.17  ? 129 SER A C   1 
ATOM   861  O O   . SER A 1 109 ? 0.333   7.993   15.469  1.00 54.93  ? 129 SER A O   1 
ATOM   862  C CB  . SER A 1 109 ? -0.549  5.256   16.485  1.00 53.12  ? 129 SER A CB  1 
ATOM   863  O OG  . SER A 1 109 ? -0.653  3.833   16.512  1.00 58.91  ? 129 SER A OG  1 
ATOM   864  N N   . LYS A 1 110 ? -0.860  7.111   13.772  1.00 60.66  ? 130 LYS A N   1 
ATOM   865  C CA  . LYS A 1 110 ? -1.380  8.408   13.300  1.00 61.24  ? 130 LYS A CA  1 
ATOM   866  C C   . LYS A 1 110 ? -2.793  8.216   12.733  1.00 55.54  ? 130 LYS A C   1 
ATOM   867  O O   . LYS A 1 110 ? -3.136  7.158   12.183  1.00 54.92  ? 130 LYS A O   1 
ATOM   868  C CB  . LYS A 1 110 ? -0.380  9.032   12.321  1.00 72.88  ? 130 LYS A CB  1 
ATOM   869  C CG  . LYS A 1 110 ? -0.906  10.115  11.393  1.00 86.32  ? 130 LYS A CG  1 
ATOM   870  C CD  . LYS A 1 110 ? -0.250  11.458  11.618  1.00 83.96  ? 130 LYS A CD  1 
ATOM   871  C CE  . LYS A 1 110 ? -1.128  12.536  11.023  1.00 81.51  ? 130 LYS A CE  1 
ATOM   872  N NZ  . LYS A 1 110 ? -0.711  13.833  11.616  1.00 90.08  ? 130 LYS A NZ  1 
ATOM   873  N N   . ASP A 1 111 ? -3.647  9.203   12.945  1.00 61.55  ? 131 ASP A N   1 
ATOM   874  C CA  . ASP A 1 111 ? -4.980  9.175   12.334  1.00 62.69  ? 131 ASP A CA  1 
ATOM   875  C C   . ASP A 1 111 ? -4.909  9.599   10.898  1.00 58.72  ? 131 ASP A C   1 
ATOM   876  O O   . ASP A 1 111 ? -4.341  10.643  10.602  1.00 69.58  ? 131 ASP A O   1 
ATOM   877  C CB  . ASP A 1 111 ? -5.945  10.052  13.107  1.00 62.78  ? 131 ASP A CB  1 
ATOM   878  C CG  . ASP A 1 111 ? -6.351  9.421   14.403  1.00 69.28  ? 131 ASP A CG  1 
ATOM   879  O OD1 . ASP A 1 111 ? -5.985  8.237   14.636  1.00 74.78  ? 131 ASP A OD1 1 
ATOM   880  O OD2 . ASP A 1 111 ? -7.028  10.101  15.182  1.00 68.83  ? 131 ASP A OD2 1 
ATOM   881  N N   . ILE A 1 112 ? -5.439  8.759   10.013  1.00 55.73  ? 132 ILE A N   1 
ATOM   882  C CA  . ILE A 1 112 ? -5.514  9.045   8.565   1.00 55.15  ? 132 ILE A CA  1 
ATOM   883  C C   . ILE A 1 112 ? -6.943  9.109   7.983   1.00 57.02  ? 132 ILE A C   1 
ATOM   884  O O   . ILE A 1 112 ? -7.901  8.624   8.593   1.00 61.02  ? 132 ILE A O   1 
ATOM   885  C CB  . ILE A 1 112 ? -4.648  8.047   7.783   1.00 49.83  ? 132 ILE A CB  1 
ATOM   886  C CG1 . ILE A 1 112 ? -5.259  6.644   7.811   1.00 45.01  ? 132 ILE A CG1 1 
ATOM   887  C CG2 . ILE A 1 112 ? -3.264  8.068   8.395   1.00 50.55  ? 132 ILE A CG2 1 
ATOM   888  C CD1 . ILE A 1 112 ? -4.645  5.641   6.859   1.00 43.05  ? 132 ILE A CD1 1 
ATOM   889  N N   . VAL A 1 113 ? -7.091  9.729   6.815   1.00 60.64  ? 133 VAL A N   1 
ATOM   890  C CA  . VAL A 1 113 ? -8.365  9.678   6.101   1.00 55.75  ? 133 VAL A CA  1 
ATOM   891  C C   . VAL A 1 113 ? -8.225  8.852   4.835   1.00 53.68  ? 133 VAL A C   1 
ATOM   892  O O   . VAL A 1 113 ? -7.283  9.013   4.094   1.00 56.38  ? 133 VAL A O   1 
ATOM   893  C CB  . VAL A 1 113 ? -8.995  11.068  5.839   1.00 58.08  ? 133 VAL A CB  1 
ATOM   894  C CG1 . VAL A 1 113 ? -9.072  11.884  7.133   1.00 51.78  ? 133 VAL A CG1 1 
ATOM   895  C CG2 . VAL A 1 113 ? -8.248  11.824  4.763   1.00 67.79  ? 133 VAL A CG2 1 
ATOM   896  N N   . LEU A 1 114 ? -9.133  7.907   4.635   1.00 56.68  ? 134 LEU A N   1 
ATOM   897  C CA  . LEU A 1 114 ? -9.220  7.186   3.372   1.00 52.05  ? 134 LEU A CA  1 
ATOM   898  C C   . LEU A 1 114 ? -10.549 7.539   2.697   1.00 59.41  ? 134 LEU A C   1 
ATOM   899  O O   . LEU A 1 114 ? -11.570 7.861   3.370   1.00 53.33  ? 134 LEU A O   1 
ATOM   900  C CB  . LEU A 1 114 ? -9.128  5.701   3.606   1.00 54.16  ? 134 LEU A CB  1 
ATOM   901  C CG  . LEU A 1 114 ? -7.932  5.174   4.409   1.00 56.22  ? 134 LEU A CG  1 
ATOM   902  C CD1 . LEU A 1 114 ? -8.213  3.727   4.712   1.00 57.07  ? 134 LEU A CD1 1 
ATOM   903  C CD2 . LEU A 1 114 ? -6.640  5.257   3.626   1.00 56.23  ? 134 LEU A CD2 1 
ATOM   904  N N   . ASP A 1 115 ? -10.513 7.528   1.370   1.00 58.13  ? 135 ASP A N   1 
ATOM   905  C CA  . ASP A 1 115 ? -11.692 7.736   0.567   1.00 55.49  ? 135 ASP A CA  1 
ATOM   906  C C   . ASP A 1 115 ? -12.324 6.412   0.259   1.00 56.62  ? 135 ASP A C   1 
ATOM   907  O O   . ASP A 1 115 ? -11.762 5.559   -0.458  1.00 58.79  ? 135 ASP A O   1 
ATOM   908  C CB  . ASP A 1 115 ? -11.369 8.540   -0.697  1.00 55.76  ? 135 ASP A CB  1 
ATOM   909  C CG  . ASP A 1 115 ? -11.053 10.003  -0.375  1.00 64.33  ? 135 ASP A CG  1 
ATOM   910  O OD1 . ASP A 1 115 ? -11.791 10.660  0.409   1.00 68.26  ? 135 ASP A OD1 1 
ATOM   911  O OD2 . ASP A 1 115 ? -10.041 10.500  -0.877  1.00 67.17  ? 135 ASP A OD2 1 
ATOM   912  N N   . ALA A 1 116 ? -13.493 6.239   0.871   1.00 55.45  ? 136 ALA A N   1 
ATOM   913  C CA  . ALA A 1 116 ? -14.342 5.081   0.656   1.00 52.75  ? 136 ALA A CA  1 
ATOM   914  C C   . ALA A 1 116 ? -15.124 5.314   -0.605  1.00 53.57  ? 136 ALA A C   1 
ATOM   915  O O   . ALA A 1 116 ? -15.742 6.376   -0.786  1.00 55.63  ? 136 ALA A O   1 
ATOM   916  C CB  . ALA A 1 116 ? -15.287 4.922   1.819   1.00 47.91  ? 136 ALA A CB  1 
ATOM   917  N N   . GLU A 1 117 ? -15.064 4.314   -1.463  1.00 57.83  ? 137 GLU A N   1 
ATOM   918  C CA  . GLU A 1 117 ? -15.823 4.228   -2.695  1.00 62.22  ? 137 GLU A CA  1 
ATOM   919  C C   . GLU A 1 117 ? -16.517 2.850   -2.680  1.00 70.95  ? 137 GLU A C   1 
ATOM   920  O O   . GLU A 1 117 ? -15.865 1.817   -2.923  1.00 72.55  ? 137 GLU A O   1 
ATOM   921  C CB  . GLU A 1 117 ? -14.850 4.363   -3.850  1.00 65.42  ? 137 GLU A CB  1 
ATOM   922  C CG  . GLU A 1 117 ? -15.429 4.854   -5.159  1.00 86.45  ? 137 GLU A CG  1 
ATOM   923  C CD  . GLU A 1 117 ? -14.607 5.982   -5.774  1.00 96.03  ? 137 GLU A CD  1 
ATOM   924  O OE1 . GLU A 1 117 ? -13.439 5.773   -6.151  1.00 86.32  ? 137 GLU A OE1 1 
ATOM   925  O OE2 . GLU A 1 117 ? -15.141 7.104   -5.888  1.00 113.35 ? 137 GLU A OE2 1 
ATOM   926  N N   . ILE A 1 118 ? -17.810 2.839   -2.311  1.00 72.12  ? 138 ILE A N   1 
ATOM   927  C CA  . ILE A 1 118 ? -18.664 1.626   -2.274  1.00 66.88  ? 138 ILE A CA  1 
ATOM   928  C C   . ILE A 1 118 ? -19.078 1.227   -3.684  1.00 72.60  ? 138 ILE A C   1 
ATOM   929  O O   . ILE A 1 118 ? -20.045 1.755   -4.228  1.00 74.21  ? 138 ILE A O   1 
ATOM   930  C CB  . ILE A 1 118 ? -19.954 1.818   -1.449  1.00 58.77  ? 138 ILE A CB  1 
ATOM   931  C CG1 . ILE A 1 118 ? -19.650 2.019   0.013   1.00 56.87  ? 138 ILE A CG1 1 
ATOM   932  C CG2 . ILE A 1 118 ? -20.807 0.565   -1.521  1.00 69.36  ? 138 ILE A CG2 1 
ATOM   933  C CD1 . ILE A 1 118 ? -20.114 3.317   0.595   1.00 63.06  ? 138 ILE A CD1 1 
ATOM   934  N N   . GLY A 1 119 ? -18.329 0.307   -4.275  1.00 93.21  ? 139 GLY A N   1 
ATOM   935  C CA  . GLY A 1 119 ? -18.569 -0.122  -5.646  1.00 100.97 ? 139 GLY A CA  1 
ATOM   936  C C   . GLY A 1 119 ? -19.399 -1.395  -5.817  1.00 107.14 ? 139 GLY A C   1 
ATOM   937  O O   . GLY A 1 119 ? -19.044 -2.204  -6.688  1.00 121.45 ? 139 GLY A O   1 
ATOM   938  N N   . GLY A 1 120 ? -20.468 -1.592  -5.010  1.00 84.81  ? 140 GLY A N   1 
ATOM   939  C CA  . GLY A 1 120 ? -21.457 -2.680  -5.277  1.00 71.60  ? 140 GLY A CA  1 
ATOM   940  C C   . GLY A 1 120 ? -21.976 -3.534  -4.127  1.00 80.86  ? 140 GLY A C   1 
ATOM   941  O O   . GLY A 1 120 ? -21.216 -4.266  -3.505  1.00 84.79  ? 140 GLY A O   1 
ATOM   942  N N   . VAL A 1 121 ? -23.277 -3.466  -3.869  1.00 69.52  ? 141 VAL A N   1 
ATOM   943  C CA  . VAL A 1 121 ? -23.872 -4.004  -2.662  1.00 75.60  ? 141 VAL A CA  1 
ATOM   944  C C   . VAL A 1 121 ? -24.981 -4.879  -3.137  1.00 91.14  ? 141 VAL A C   1 
ATOM   945  O O   . VAL A 1 121 ? -25.920 -4.403  -3.766  1.00 120.32 ? 141 VAL A O   1 
ATOM   946  C CB  . VAL A 1 121 ? -24.475 -2.896  -1.748  1.00 74.62  ? 141 VAL A CB  1 
ATOM   947  C CG1 . VAL A 1 121 ? -25.239 -3.478  -0.553  1.00 68.29  ? 141 VAL A CG1 1 
ATOM   948  C CG2 . VAL A 1 121 ? -23.386 -1.962  -1.265  1.00 72.14  ? 141 VAL A CG2 1 
ATOM   949  N N   . ALA A 1 122 ? -24.888 -6.157  -2.810  1.00 95.24  ? 142 ALA A N   1 
ATOM   950  C CA  . ALA A 1 122 ? -25.732 -7.158  -3.422  1.00 91.34  ? 142 ALA A CA  1 
ATOM   951  C C   . ALA A 1 122 ? -26.083 -8.273  -2.442  1.00 99.93  ? 142 ALA A C   1 
ATOM   952  O O   . ALA A 1 122 ? -25.455 -8.418  -1.378  1.00 97.46  ? 142 ALA A O   1 
ATOM   953  C CB  . ALA A 1 122 ? -25.034 -7.719  -4.670  1.00 86.40  ? 142 ALA A CB  1 
ATOM   954  N N   . LYS A 1 123 ? -27.135 -9.012  -2.799  1.00 106.03 ? 143 LYS A N   1 
ATOM   955  C CA  . LYS A 1 123 ? -27.357 -10.372 -2.319  1.00 108.71 ? 143 LYS A CA  1 
ATOM   956  C C   . LYS A 1 123 ? -26.813 -11.351 -3.359  1.00 115.36 ? 143 LYS A C   1 
ATOM   957  O O   . LYS A 1 123 ? -27.051 -11.197 -4.557  1.00 109.56 ? 143 LYS A O   1 
ATOM   958  C CB  . LYS A 1 123 ? -28.831 -10.612 -2.008  1.00 105.83 ? 143 LYS A CB  1 
ATOM   959  C CG  . LYS A 1 123 ? -29.094 -10.500 -0.521  1.00 112.78 ? 143 LYS A CG  1 
ATOM   960  C CD  . LYS A 1 123 ? -30.403 -9.820  -0.200  1.00 114.31 ? 143 LYS A CD  1 
ATOM   961  C CE  . LYS A 1 123 ? -30.590 -9.834  1.304   1.00 120.80 ? 143 LYS A CE  1 
ATOM   962  N NZ  . LYS A 1 123 ? -31.821 -9.077  1.656   1.00 144.28 ? 143 LYS A NZ  1 
ATOM   963  N N   . GLY A 1 124 ? -26.048 -12.335 -2.898  1.00 134.42 ? 144 GLY A N   1 
ATOM   964  C CA  . GLY A 1 124 ? -25.281 -13.193 -3.803  1.00 157.16 ? 144 GLY A CA  1 
ATOM   965  C C   . GLY A 1 124 ? -26.077 -14.284 -4.494  1.00 169.46 ? 144 GLY A C   1 
ATOM   966  O O   . GLY A 1 124 ? -27.316 -14.363 -4.346  1.00 153.63 ? 144 GLY A O   1 
ATOM   967  N N   . LYS A 1 125 ? -25.341 -15.106 -5.260  1.00 164.91 ? 145 LYS A N   1 
ATOM   968  C CA  . LYS A 1 125 ? -25.789 -16.401 -5.803  1.00 146.26 ? 145 LYS A CA  1 
ATOM   969  C C   . LYS A 1 125 ? -26.855 -17.050 -4.872  1.00 148.21 ? 145 LYS A C   1 
ATOM   970  O O   . LYS A 1 125 ? -28.001 -17.298 -5.273  1.00 123.23 ? 145 LYS A O   1 
ATOM   971  C CB  . LYS A 1 125 ? -24.576 -17.354 -5.984  1.00 131.52 ? 145 LYS A CB  1 
ATOM   972  C CG  . LYS A 1 125 ? -23.182 -16.754 -5.772  1.00 125.33 ? 145 LYS A CG  1 
ATOM   973  C CD  . LYS A 1 125 ? -22.450 -16.481 -7.079  1.00 121.43 ? 145 LYS A CD  1 
ATOM   974  C CE  . LYS A 1 125 ? -22.072 -15.015 -7.218  1.00 112.53 ? 145 LYS A CE  1 
ATOM   975  N NZ  . LYS A 1 125 ? -23.285 -14.238 -7.623  1.00 100.64 ? 145 LYS A NZ  1 
ATOM   976  N N   . ASP A 1 126 ? -26.463 -17.221 -3.607  1.00 146.05 ? 146 ASP A N   1 
ATOM   977  C CA  . ASP A 1 126 ? -27.196 -17.950 -2.562  1.00 136.11 ? 146 ASP A CA  1 
ATOM   978  C C   . ASP A 1 126 ? -28.240 -17.165 -1.740  1.00 125.34 ? 146 ASP A C   1 
ATOM   979  O O   . ASP A 1 126 ? -28.834 -17.732 -0.827  1.00 117.24 ? 146 ASP A O   1 
ATOM   980  C CB  . ASP A 1 126 ? -26.171 -18.586 -1.598  1.00 136.34 ? 146 ASP A CB  1 
ATOM   981  C CG  . ASP A 1 126 ? -25.014 -17.633 -1.243  1.00 147.01 ? 146 ASP A CG  1 
ATOM   982  O OD1 . ASP A 1 126 ? -24.152 -17.377 -2.126  1.00 144.03 ? 146 ASP A OD1 1 
ATOM   983  O OD2 . ASP A 1 126 ? -24.966 -17.145 -0.088  1.00 135.86 ? 146 ASP A OD2 1 
ATOM   984  N N   . GLY A 1 127 ? -28.456 -15.882 -2.030  1.00 120.58 ? 147 GLY A N   1 
ATOM   985  C CA  . GLY A 1 127 ? -29.293 -15.033 -1.156  1.00 117.00 ? 147 GLY A CA  1 
ATOM   986  C C   . GLY A 1 127 ? -28.666 -14.482 0.138   1.00 124.95 ? 147 GLY A C   1 
ATOM   987  O O   . GLY A 1 127 ? -29.358 -13.812 0.927   1.00 112.85 ? 147 GLY A O   1 
ATOM   988  N N   . LYS A 1 128 ? -27.372 -14.769 0.366   1.00 128.68 ? 148 LYS A N   1 
ATOM   989  C CA  . LYS A 1 128 ? -26.560 -14.106 1.416   1.00 113.79 ? 148 LYS A CA  1 
ATOM   990  C C   . LYS A 1 128 ? -25.737 -12.939 0.836   1.00 113.07 ? 148 LYS A C   1 
ATOM   991  O O   . LYS A 1 128 ? -25.227 -13.020 -0.293  1.00 100.13 ? 148 LYS A O   1 
ATOM   992  C CB  . LYS A 1 128 ? -25.662 -15.102 2.177   1.00 105.07 ? 148 LYS A CB  1 
ATOM   993  C CG  . LYS A 1 128 ? -26.410 -15.914 3.236   1.00 128.98 ? 148 LYS A CG  1 
ATOM   994  C CD  . LYS A 1 128 ? -25.624 -16.138 4.542   1.00 122.19 ? 148 LYS A CD  1 
ATOM   995  C CE  . LYS A 1 128 ? -26.595 -16.471 5.698   1.00 120.43 ? 148 LYS A CE  1 
ATOM   996  N NZ  . LYS A 1 128 ? -25.906 -16.692 7.009   1.00 116.36 ? 148 LYS A NZ  1 
ATOM   997  N N   . GLU A 1 129 ? -25.625 -11.868 1.629   1.00 106.11 ? 149 GLU A N   1 
ATOM   998  C CA  . GLU A 1 129 ? -25.011 -10.569 1.241   1.00 100.71 ? 149 GLU A CA  1 
ATOM   999  C C   . GLU A 1 129 ? -23.541 -10.552 0.707   1.00 90.48  ? 149 GLU A C   1 
ATOM   1000 O O   . GLU A 1 129 ? -22.664 -11.319 1.151   1.00 86.08  ? 149 GLU A O   1 
ATOM   1001 C CB  . GLU A 1 129 ? -25.106 -9.596  2.434   1.00 104.73 ? 149 GLU A CB  1 
ATOM   1002 C CG  . GLU A 1 129 ? -26.493 -9.060  2.785   1.00 97.43  ? 149 GLU A CG  1 
ATOM   1003 C CD  . GLU A 1 129 ? -26.824 -7.736  2.111   1.00 100.20 ? 149 GLU A CD  1 
ATOM   1004 O OE1 . GLU A 1 129 ? -27.980 -7.304  2.266   1.00 84.37  ? 149 GLU A OE1 1 
ATOM   1005 O OE2 . GLU A 1 129 ? -25.945 -7.119  1.449   1.00 104.87 ? 149 GLU A OE2 1 
ATOM   1006 N N   . LYS A 1 130 ? -23.289 -9.655  -0.235  1.00 74.89  ? 150 LYS A N   1 
ATOM   1007 C CA  . LYS A 1 130 ? -21.927 -9.284  -0.595  1.00 76.70  ? 150 LYS A CA  1 
ATOM   1008 C C   . LYS A 1 130 ? -21.741 -7.748  -0.696  1.00 78.98  ? 150 LYS A C   1 
ATOM   1009 O O   . LYS A 1 130 ? -22.740 -6.992  -0.666  1.00 76.81  ? 150 LYS A O   1 
ATOM   1010 C CB  . LYS A 1 130 ? -21.435 -10.046 -1.835  1.00 81.97  ? 150 LYS A CB  1 
ATOM   1011 C CG  . LYS A 1 130 ? -22.340 -10.011 -3.058  1.00 93.43  ? 150 LYS A CG  1 
ATOM   1012 C CD  . LYS A 1 130 ? -21.866 -11.015 -4.109  1.00 92.45  ? 150 LYS A CD  1 
ATOM   1013 C CE  . LYS A 1 130 ? -22.419 -10.704 -5.500  1.00 100.44 ? 150 LYS A CE  1 
ATOM   1014 N NZ  . LYS A 1 130 ? -21.470 -11.094 -6.598  1.00 106.25 ? 150 LYS A NZ  1 
ATOM   1015 N N   . ILE A 1 131 ? -20.471 -7.304  -0.686  1.00 70.58  ? 151 ILE A N   1 
ATOM   1016 C CA  . ILE A 1 131 ? -20.072 -5.904  -0.940  1.00 67.38  ? 151 ILE A CA  1 
ATOM   1017 C C   . ILE A 1 131 ? -18.778 -5.877  -1.665  1.00 71.65  ? 151 ILE A C   1 
ATOM   1018 O O   . ILE A 1 131 ? -17.992 -6.805  -1.554  1.00 79.91  ? 151 ILE A O   1 
ATOM   1019 C CB  . ILE A 1 131 ? -19.838 -5.003  0.291   1.00 65.24  ? 151 ILE A CB  1 
ATOM   1020 C CG1 . ILE A 1 131 ? -18.993 -5.713  1.342   1.00 63.28  ? 151 ILE A CG1 1 
ATOM   1021 C CG2 . ILE A 1 131 ? -21.144 -4.446  0.849   1.00 64.32  ? 151 ILE A CG2 1 
ATOM   1022 C CD1 . ILE A 1 131 ? -18.914 -4.914  2.619   1.00 70.42  ? 151 ILE A CD1 1 
ATOM   1023 N N   . GLY A 1 132 ? -18.579 -4.802  -2.416  1.00 75.45  ? 152 GLY A N   1 
ATOM   1024 C CA  . GLY A 1 132 ? -17.292 -4.454  -3.008  1.00 78.05  ? 152 GLY A CA  1 
ATOM   1025 C C   . GLY A 1 132 ? -17.057 -3.020  -2.581  1.00 80.26  ? 152 GLY A C   1 
ATOM   1026 O O   . GLY A 1 132 ? -18.004 -2.230  -2.537  1.00 94.05  ? 152 GLY A O   1 
ATOM   1027 N N   . PHE A 1 133 ? -15.828 -2.688  -2.207  1.00 72.59  ? 153 PHE A N   1 
ATOM   1028 C CA  . PHE A 1 133 ? -15.478 -1.296  -1.942  1.00 66.83  ? 153 PHE A CA  1 
ATOM   1029 C C   . PHE A 1 133 ? -14.011 -1.043  -2.075  1.00 65.40  ? 153 PHE A C   1 
ATOM   1030 O O   . PHE A 1 133 ? -13.216 -1.972  -2.050  1.00 70.62  ? 153 PHE A O   1 
ATOM   1031 C CB  . PHE A 1 133 ? -15.995 -0.790  -0.586  1.00 66.57  ? 153 PHE A CB  1 
ATOM   1032 C CG  . PHE A 1 133 ? -15.455 -1.519  0.596   1.00 70.18  ? 153 PHE A CG  1 
ATOM   1033 C CD1 . PHE A 1 133 ? -16.126 -2.605  1.124   1.00 73.30  ? 153 PHE A CD1 1 
ATOM   1034 C CD2 . PHE A 1 133 ? -14.295 -1.093  1.222   1.00 73.21  ? 153 PHE A CD2 1 
ATOM   1035 C CE1 . PHE A 1 133 ? -15.627 -3.270  2.240   1.00 74.17  ? 153 PHE A CE1 1 
ATOM   1036 C CE2 . PHE A 1 133 ? -13.797 -1.758  2.332   1.00 72.82  ? 153 PHE A CE2 1 
ATOM   1037 C CZ  . PHE A 1 133 ? -14.458 -2.848  2.842   1.00 67.80  ? 153 PHE A CZ  1 
ATOM   1038 N N   . SER A 1 134 ? -13.672 0.227   -2.253  1.00 70.61  ? 154 SER A N   1 
ATOM   1039 C CA  . SER A 1 134 ? -12.297 0.654   -2.276  1.00 64.44  ? 154 SER A CA  1 
ATOM   1040 C C   . SER A 1 134 ? -12.081 1.633   -1.108  1.00 65.02  ? 154 SER A C   1 
ATOM   1041 O O   . SER A 1 134 ? -12.983 2.400   -0.719  1.00 65.68  ? 154 SER A O   1 
ATOM   1042 C CB  . SER A 1 134 ? -11.943 1.270   -3.635  1.00 63.51  ? 154 SER A CB  1 
ATOM   1043 O OG  . SER A 1 134 ? -12.063 2.684   -3.578  1.00 79.51  ? 154 SER A OG  1 
ATOM   1044 N N   . LEU A 1 135 ? -10.893 1.557   -0.526  1.00 59.44  ? 155 LEU A N   1 
ATOM   1045 C CA  . LEU A 1 135 ? -10.370 2.593   0.360   1.00 63.13  ? 155 LEU A CA  1 
ATOM   1046 C C   . LEU A 1 135 ? -9.066  3.049   -0.226  1.00 59.65  ? 155 LEU A C   1 
ATOM   1047 O O   . LEU A 1 135 ? -8.189  2.218   -0.550  1.00 64.67  ? 155 LEU A O   1 
ATOM   1048 C CB  . LEU A 1 135 ? -10.134 2.085   1.785   1.00 53.59  ? 155 LEU A CB  1 
ATOM   1049 C CG  . LEU A 1 135 ? -11.353 1.512   2.463   1.00 59.29  ? 155 LEU A CG  1 
ATOM   1050 C CD1 . LEU A 1 135 ? -10.882 0.789   3.712   1.00 59.97  ? 155 LEU A CD1 1 
ATOM   1051 C CD2 . LEU A 1 135 ? -12.346 2.604   2.813   1.00 53.91  ? 155 LEU A CD2 1 
ATOM   1052 N N   . ASN A 1 136 ? -8.923  4.359   -0.372  1.00 58.36  ? 156 ASN A N   1 
ATOM   1053 C CA  . ASN A 1 136 ? -7.662  4.888   -0.890  1.00 57.07  ? 156 ASN A CA  1 
ATOM   1054 C C   . ASN A 1 136 ? -7.368  6.224   -0.313  1.00 53.50  ? 156 ASN A C   1 
ATOM   1055 O O   . ASN A 1 136 ? -8.282  6.926   0.102   1.00 58.28  ? 156 ASN A O   1 
ATOM   1056 C CB  . ASN A 1 136 ? -7.657  4.919   -2.401  1.00 61.89  ? 156 ASN A CB  1 
ATOM   1057 C CG  . ASN A 1 136 ? -8.778  5.711   -2.936  1.00 76.16  ? 156 ASN A CG  1 
ATOM   1058 O OD1 . ASN A 1 136 ? -9.910  5.206   -3.105  1.00 100.45 ? 156 ASN A OD1 1 
ATOM   1059 N ND2 . ASN A 1 136 ? -8.505  6.988   -3.170  1.00 74.82  ? 156 ASN A ND2 1 
ATOM   1060 N N   . GLY A 1 137 ? -6.080  6.531   -0.219  1.00 51.64  ? 157 GLY A N   1 
ATOM   1061 C CA  . GLY A 1 137 ? -5.587  7.783   0.355   1.00 49.81  ? 157 GLY A CA  1 
ATOM   1062 C C   . GLY A 1 137 ? -4.062  7.798   0.370   1.00 51.92  ? 157 GLY A C   1 
ATOM   1063 O O   . GLY A 1 137 ? -3.415  6.791   0.140   1.00 55.62  ? 157 GLY A O   1 
ATOM   1064 N N   . LYS A 1 138 ? -3.500  8.959   0.650   1.00 56.97  ? 158 LYS A N   1 
ATOM   1065 C CA  . LYS A 1 138 ? -2.074  9.168   0.640   1.00 56.33  ? 158 LYS A CA  1 
ATOM   1066 C C   . LYS A 1 138 ? -1.620  9.344   2.114   1.00 55.63  ? 158 LYS A C   1 
ATOM   1067 O O   . LYS A 1 138 ? -2.215  10.104  2.866   1.00 58.13  ? 158 LYS A O   1 
ATOM   1068 C CB  . LYS A 1 138 ? -1.715  10.384  -0.289  1.00 50.83  ? 158 LYS A CB  1 
ATOM   1069 N N   . ILE A 1 139 ? -0.582  8.633   2.548   1.00 55.65  ? 159 ILE A N   1 
ATOM   1070 C CA  . ILE A 1 139 ? 0.043   8.912   3.861   1.00 53.40  ? 159 ILE A CA  1 
ATOM   1071 C C   . ILE A 1 139 ? 1.509   9.284   3.642   1.00 57.28  ? 159 ILE A C   1 
ATOM   1072 O O   . ILE A 1 139 ? 2.116   8.900   2.605   1.00 64.44  ? 159 ILE A O   1 
ATOM   1073 C CB  . ILE A 1 139 ? -0.077  7.701   4.833   1.00 52.29  ? 159 ILE A CB  1 
ATOM   1074 C CG1 . ILE A 1 139 ? 0.709   6.510   4.288   1.00 54.95  ? 159 ILE A CG1 1 
ATOM   1075 C CG2 . ILE A 1 139 ? -1.550  7.326   5.040   1.00 50.78  ? 159 ILE A CG2 1 
ATOM   1076 C CD1 . ILE A 1 139 ? 0.466   5.199   4.984   1.00 54.84  ? 159 ILE A CD1 1 
ATOM   1077 N N   . LYS A 1 140 ? 2.069   10.020  4.597   1.00 53.13  ? 160 LYS A N   1 
ATOM   1078 C CA  . LYS A 1 140 ? 3.460   10.454  4.525   1.00 53.80  ? 160 LYS A CA  1 
ATOM   1079 C C   . LYS A 1 140 ? 4.385   9.594   5.404   1.00 55.91  ? 160 LYS A C   1 
ATOM   1080 O O   . LYS A 1 140 ? 4.197   9.559   6.614   1.00 63.45  ? 160 LYS A O   1 
ATOM   1081 C CB  . LYS A 1 140 ? 3.537   11.892  5.019   1.00 56.54  ? 160 LYS A CB  1 
ATOM   1082 C CG  . LYS A 1 140 ? 3.052   12.940  4.044   1.00 58.63  ? 160 LYS A CG  1 
ATOM   1083 C CD  . LYS A 1 140 ? 3.061   14.335  4.657   1.00 60.19  ? 160 LYS A CD  1 
ATOM   1084 C CE  . LYS A 1 140 ? 2.796   15.365  3.570   1.00 73.00  ? 160 LYS A CE  1 
ATOM   1085 N NZ  . LYS A 1 140 ? 2.217   16.647  4.060   1.00 85.02  ? 160 LYS A NZ  1 
ATOM   1086 N N   . ARG A 1 141 ? 5.377   8.916   4.820   1.00 56.14  ? 161 ARG A N   1 
ATOM   1087 C CA  . ARG A 1 141 ? 6.496   8.246   5.580   1.00 50.67  ? 161 ARG A CA  1 
ATOM   1088 C C   . ARG A 1 141 ? 6.912   9.066   6.813   1.00 50.76  ? 161 ARG A C   1 
ATOM   1089 O O   . ARG A 1 141 ? 7.045   8.535   7.907   1.00 62.72  ? 161 ARG A O   1 
ATOM   1090 C CB  . ARG A 1 141 ? 7.725   7.990   4.677   1.00 39.49  ? 161 ARG A CB  1 
ATOM   1091 C CG  . ARG A 1 141 ? 7.668   6.783   3.708   1.00 44.36  ? 161 ARG A CG  1 
ATOM   1092 C CD  . ARG A 1 141 ? 8.880   6.705   2.759   1.00 46.01  ? 161 ARG A CD  1 
ATOM   1093 N NE  . ARG A 1 141 ? 9.969   7.421   3.417   1.00 67.51  ? 161 ARG A NE  1 
ATOM   1094 C CZ  . ARG A 1 141 ? 11.045  7.963   2.873   1.00 70.42  ? 161 ARG A CZ  1 
ATOM   1095 N NH1 . ARG A 1 141 ? 11.298  7.885   1.587   1.00 87.02  ? 161 ARG A NH1 1 
ATOM   1096 N NH2 . ARG A 1 141 ? 11.885  8.597   3.658   1.00 82.21  ? 161 ARG A NH2 1 
ATOM   1097 N N   . SER A 1 142 ? 7.043   10.373  6.650   1.00 48.89  ? 162 SER A N   1 
ATOM   1098 C CA  . SER A 1 142 ? 7.546   11.215  7.719   1.00 50.85  ? 162 SER A CA  1 
ATOM   1099 C C   . SER A 1 142 ? 6.571   11.367  8.906   1.00 55.43  ? 162 SER A C   1 
ATOM   1100 O O   . SER A 1 142 ? 6.982   11.685  10.011  1.00 63.00  ? 162 SER A O   1 
ATOM   1101 C CB  . SER A 1 142 ? 7.920   12.584  7.158   1.00 45.75  ? 162 SER A CB  1 
ATOM   1102 O OG  . SER A 1 142 ? 6.751   13.330  6.812   1.00 59.23  ? 162 SER A OG  1 
ATOM   1103 N N   . ASP A 1 143 ? 5.278   11.181  8.674   1.00 62.85  ? 163 ASP A N   1 
ATOM   1104 C CA  . ASP A 1 143 ? 4.291   11.246  9.747   1.00 59.79  ? 163 ASP A CA  1 
ATOM   1105 C C   . ASP A 1 143 ? 4.441   10.032  10.652  1.00 59.99  ? 163 ASP A C   1 
ATOM   1106 O O   . ASP A 1 143 ? 4.066   10.088  11.805  1.00 60.09  ? 163 ASP A O   1 
ATOM   1107 C CB  . ASP A 1 143 ? 2.884   11.230  9.174   1.00 66.27  ? 163 ASP A CB  1 
ATOM   1108 C CG  . ASP A 1 143 ? 2.439   12.583  8.616   1.00 69.92  ? 163 ASP A CG  1 
ATOM   1109 O OD1 . ASP A 1 143 ? 2.981   13.620  9.043   1.00 56.15  ? 163 ASP A OD1 1 
ATOM   1110 O OD2 . ASP A 1 143 ? 1.514   12.582  7.767   1.00 70.63  ? 163 ASP A OD2 1 
ATOM   1111 N N   . PHE A 1 144 ? 4.999   8.955   10.108  1.00 50.83  ? 164 PHE A N   1 
ATOM   1112 C CA  . PHE A 1 144 ? 5.133   7.708   10.795  1.00 52.02  ? 164 PHE A CA  1 
ATOM   1113 C C   . PHE A 1 144 ? 6.570   7.468   11.198  1.00 56.91  ? 164 PHE A C   1 
ATOM   1114 O O   . PHE A 1 144 ? 6.913   6.347   11.569  1.00 51.13  ? 164 PHE A O   1 
ATOM   1115 C CB  . PHE A 1 144 ? 4.674   6.568   9.879   1.00 49.26  ? 164 PHE A CB  1 
ATOM   1116 C CG  . PHE A 1 144 ? 3.187   6.492   9.749   1.00 58.92  ? 164 PHE A CG  1 
ATOM   1117 C CD1 . PHE A 1 144 ? 2.520   7.236   8.773   1.00 52.22  ? 164 PHE A CD1 1 
ATOM   1118 C CD2 . PHE A 1 144 ? 2.432   5.722   10.653  1.00 58.66  ? 164 PHE A CD2 1 
ATOM   1119 C CE1 . PHE A 1 144 ? 1.139   7.172   8.675   1.00 59.51  ? 164 PHE A CE1 1 
ATOM   1120 C CE2 . PHE A 1 144 ? 1.051   5.659   10.558  1.00 55.21  ? 164 PHE A CE2 1 
ATOM   1121 C CZ  . PHE A 1 144 ? 0.409   6.381   9.566   1.00 65.21  ? 164 PHE A CZ  1 
ATOM   1122 N N   . LYS A 1 145 ? 7.403   8.510   11.085  1.00 59.43  ? 165 LYS A N   1 
ATOM   1123 C CA  . LYS A 1 145 ? 8.850   8.417   11.225  1.00 56.78  ? 165 LYS A CA  1 
ATOM   1124 C C   . LYS A 1 145 ? 9.386   7.121   10.562  1.00 53.02  ? 165 LYS A C   1 
ATOM   1125 O O   . LYS A 1 145 ? 10.323  6.473   11.049  1.00 65.43  ? 165 LYS A O   1 
ATOM   1126 C CB  . LYS A 1 145 ? 9.228   8.548   12.702  1.00 68.92  ? 165 LYS A CB  1 
ATOM   1127 C CG  . LYS A 1 145 ? 9.141   9.957   13.285  1.00 70.10  ? 165 LYS A CG  1 
ATOM   1128 C CD  . LYS A 1 145 ? 10.557  10.510  13.452  1.00 91.01  ? 165 LYS A CD  1 
ATOM   1129 C CE  . LYS A 1 145 ? 10.593  12.031  13.528  1.00 100.98 ? 165 LYS A CE  1 
ATOM   1130 N NZ  . LYS A 1 145 ? 9.743   12.530  14.642  1.00 99.13  ? 165 LYS A NZ  1 
ATOM   1131 N N   . PHE A 1 146 ? 8.780   6.763   9.435   1.00 45.30  ? 166 PHE A N   1 
ATOM   1132 C CA  . PHE A 1 146 ? 9.070   5.493   8.714   1.00 54.07  ? 166 PHE A CA  1 
ATOM   1133 C C   . PHE A 1 146 ? 10.172  5.601   7.637   1.00 56.70  ? 166 PHE A C   1 
ATOM   1134 O O   . PHE A 1 146 ? 10.156  6.545   6.804   1.00 60.57  ? 166 PHE A O   1 
ATOM   1135 C CB  . PHE A 1 146 ? 7.786   4.947   8.074   1.00 46.22  ? 166 PHE A CB  1 
ATOM   1136 C CG  . PHE A 1 146 ? 7.995   3.732   7.242   1.00 49.04  ? 166 PHE A CG  1 
ATOM   1137 C CD1 . PHE A 1 146 ? 8.001   2.453   7.830   1.00 49.91  ? 166 PHE A CD1 1 
ATOM   1138 C CD2 . PHE A 1 146 ? 8.185   3.839   5.846   1.00 50.62  ? 166 PHE A CD2 1 
ATOM   1139 C CE1 . PHE A 1 146 ? 8.190   1.299   7.056   1.00 50.59  ? 166 PHE A CE1 1 
ATOM   1140 C CE2 . PHE A 1 146 ? 8.369   2.687   5.062   1.00 45.96  ? 166 PHE A CE2 1 
ATOM   1141 C CZ  . PHE A 1 146 ? 8.381   1.418   5.670   1.00 52.93  ? 166 PHE A CZ  1 
ATOM   1142 N N   . ALA A 1 147 ? 11.079  4.610   7.660   1.00 53.15  ? 167 ALA A N   1 
ATOM   1143 C CA  . ALA A 1 147 ? 12.339  4.557   6.870   1.00 53.19  ? 167 ALA A CA  1 
ATOM   1144 C C   . ALA A 1 147 ? 13.092  5.872   6.880   1.00 57.71  ? 167 ALA A C   1 
ATOM   1145 O O   . ALA A 1 147 ? 13.510  6.354   5.807   1.00 65.94  ? 167 ALA A O   1 
ATOM   1146 C CB  . ALA A 1 147 ? 12.097  4.082   5.418   1.00 54.17  ? 167 ALA A CB  1 
ATOM   1147 N N   . THR A 1 148 ? 13.229  6.470   8.071   1.00 56.38  ? 168 THR A N   1 
ATOM   1148 C CA  . THR A 1 148 ? 13.782  7.840   8.212   1.00 66.95  ? 168 THR A CA  1 
ATOM   1149 C C   . THR A 1 148 ? 15.194  8.019   7.666   1.00 62.11  ? 168 THR A C   1 
ATOM   1150 O O   . THR A 1 148 ? 15.603  9.143   7.434   1.00 61.71  ? 168 THR A O   1 
ATOM   1151 C CB  . THR A 1 148 ? 13.759  8.422   9.666   1.00 67.47  ? 168 THR A CB  1 
ATOM   1152 O OG1 . THR A 1 148 ? 14.098  7.396   10.606  1.00 95.06  ? 168 THR A OG1 1 
ATOM   1153 C CG2 . THR A 1 148 ? 12.389  9.089   10.020  1.00 77.60  ? 168 THR A CG2 1 
ATOM   1154 N N   . SER A 1 149 ? 15.934  6.927   7.492   1.00 63.04  ? 169 SER A N   1 
ATOM   1155 C CA  . SER A 1 149 ? 17.316  7.004   7.015   1.00 70.37  ? 169 SER A CA  1 
ATOM   1156 C C   . SER A 1 149 ? 17.356  7.079   5.469   1.00 71.28  ? 169 SER A C   1 
ATOM   1157 O O   . SER A 1 149 ? 18.355  7.538   4.902   1.00 81.19  ? 169 SER A O   1 
ATOM   1158 C CB  . SER A 1 149 ? 18.158  5.826   7.550   1.00 61.36  ? 169 SER A CB  1 
ATOM   1159 O OG  . SER A 1 149 ? 17.625  4.591   7.093   1.00 70.29  ? 169 SER A OG  1 
ATOM   1160 N N   . THR A 1 150 ? 16.291  6.607   4.806   1.00 66.54  ? 170 THR A N   1 
ATOM   1161 C CA  . THR A 1 150 ? 16.084  6.828   3.357   1.00 63.73  ? 170 THR A CA  1 
ATOM   1162 C C   . THR A 1 150 ? 15.542  8.230   3.040   1.00 63.66  ? 170 THR A C   1 
ATOM   1163 O O   . THR A 1 150 ? 14.469  8.598   3.529   1.00 60.68  ? 170 THR A O   1 
ATOM   1164 C CB  . THR A 1 150 ? 15.148  5.802   2.775   1.00 58.38  ? 170 THR A CB  1 
ATOM   1165 O OG1 . THR A 1 150 ? 15.537  4.506   3.238   1.00 62.11  ? 170 THR A OG1 1 
ATOM   1166 C CG2 . THR A 1 150 ? 15.215  5.843   1.289   1.00 62.49  ? 170 THR A CG2 1 
ATOM   1167 N N   . SER A 1 151 ? 16.331  9.018   2.284   1.00 66.35  ? 171 SER A N   1 
ATOM   1168 C CA  . SER A 1 151 ? 16.011  10.409  1.849   1.00 66.58  ? 171 SER A CA  1 
ATOM   1169 C C   . SER A 1 151 ? 14.668  10.483  1.165   1.00 62.44  ? 171 SER A C   1 
ATOM   1170 O O   . SER A 1 151 ? 14.287  9.544   0.418   1.00 52.44  ? 171 SER A O   1 
ATOM   1171 C CB  . SER A 1 151 ? 17.020  10.860  0.796   1.00 72.07  ? 171 SER A CB  1 
ATOM   1172 O OG  . SER A 1 151 ? 17.051  12.257  0.690   1.00 87.00  ? 171 SER A OG  1 
ATOM   1173 N N   . THR A 1 152 ? 13.949  11.584  1.376   1.00 57.68  ? 172 THR A N   1 
ATOM   1174 C CA  . THR A 1 152 ? 12.747  11.768  0.546   1.00 61.89  ? 172 THR A CA  1 
ATOM   1175 C C   . THR A 1 152 ? 13.061  11.967  -0.965  1.00 67.31  ? 172 THR A C   1 
ATOM   1176 O O   . THR A 1 152 ? 12.148  11.852  -1.778  1.00 68.05  ? 172 THR A O   1 
ATOM   1177 C CB  . THR A 1 152 ? 11.852  12.917  0.998   1.00 59.25  ? 172 THR A CB  1 
ATOM   1178 O OG1 . THR A 1 152 ? 12.641  14.084  1.151   1.00 65.92  ? 172 THR A OG1 1 
ATOM   1179 C CG2 . THR A 1 152 ? 11.149  12.594  2.276   1.00 54.82  ? 172 THR A CG2 1 
ATOM   1180 N N   . ILE A 1 153 ? 14.323  12.252  -1.334  1.00 62.17  ? 173 ILE A N   1 
ATOM   1181 C CA  . ILE A 1 153 ? 14.726  12.337  -2.741  1.00 59.16  ? 173 ILE A CA  1 
ATOM   1182 C C   . ILE A 1 153 ? 14.626  10.977  -3.425  1.00 60.07  ? 173 ILE A C   1 
ATOM   1183 O O   . ILE A 1 153 ? 13.937  10.828  -4.427  1.00 81.60  ? 173 ILE A O   1 
ATOM   1184 C CB  . ILE A 1 153 ? 16.124  12.940  -2.871  1.00 65.37  ? 173 ILE A CB  1 
ATOM   1185 C CG1 . ILE A 1 153 ? 16.132  14.334  -2.258  1.00 69.98  ? 173 ILE A CG1 1 
ATOM   1186 C CG2 . ILE A 1 153 ? 16.505  13.085  -4.324  1.00 70.49  ? 173 ILE A CG2 1 
ATOM   1187 C CD1 . ILE A 1 153 ? 17.498  14.857  -1.881  1.00 65.72  ? 173 ILE A CD1 1 
ATOM   1188 N N   . THR A 1 154 ? 15.268  9.983   -2.850  1.00 59.08  ? 174 THR A N   1 
ATOM   1189 C CA  . THR A 1 154 ? 15.322  8.620   -3.381  1.00 62.78  ? 174 THR A CA  1 
ATOM   1190 C C   . THR A 1 154 ? 13.972  7.899   -3.379  1.00 59.50  ? 174 THR A C   1 
ATOM   1191 O O   . THR A 1 154 ? 13.641  7.142   -4.322  1.00 56.97  ? 174 THR A O   1 
ATOM   1192 C CB  . THR A 1 154 ? 16.352  7.797   -2.546  1.00 67.32  ? 174 THR A CB  1 
ATOM   1193 O OG1 . THR A 1 154 ? 17.622  8.429   -2.683  1.00 84.52  ? 174 THR A OG1 1 
ATOM   1194 C CG2 . THR A 1 154 ? 16.436  6.268   -2.956  1.00 60.61  ? 174 THR A CG2 1 
ATOM   1195 N N   . LEU A 1 155 ? 13.247  8.049   -2.269  1.00 60.09  ? 175 LEU A N   1 
ATOM   1196 C CA  . LEU A 1 155 ? 11.991  7.315   -2.032  1.00 54.10  ? 175 LEU A CA  1 
ATOM   1197 C C   . LEU A 1 155 ? 11.063  8.373   -1.570  1.00 58.86  ? 175 LEU A C   1 
ATOM   1198 O O   . LEU A 1 155 ? 11.410  9.138   -0.668  1.00 60.63  ? 175 LEU A O   1 
ATOM   1199 C CB  . LEU A 1 155 ? 12.125  6.259   -0.964  1.00 50.21  ? 175 LEU A CB  1 
ATOM   1200 C CG  . LEU A 1 155 ? 10.917  5.368   -0.663  1.00 53.99  ? 175 LEU A CG  1 
ATOM   1201 C CD1 . LEU A 1 155 ? 10.663  4.354   -1.763  1.00 47.81  ? 175 LEU A CD1 1 
ATOM   1202 C CD2 . LEU A 1 155 ? 11.137  4.638   0.660   1.00 52.52  ? 175 LEU A CD2 1 
ATOM   1203 N N   . SER A 1 156 ? 9.923   8.459   -2.255  1.00 60.85  ? 176 SER A N   1 
ATOM   1204 C CA  . SER A 1 156 ? 8.953   9.514   -2.025  1.00 58.61  ? 176 SER A CA  1 
ATOM   1205 C C   . SER A 1 156 ? 8.478   9.513   -0.560  1.00 59.06  ? 176 SER A C   1 
ATOM   1206 O O   . SER A 1 156 ? 8.303   8.435   0.045   1.00 53.91  ? 176 SER A O   1 
ATOM   1207 C CB  . SER A 1 156 ? 7.758   9.283   -2.944  1.00 54.02  ? 176 SER A CB  1 
ATOM   1208 O OG  . SER A 1 156 ? 6.777   10.249  -2.642  1.00 61.60  ? 176 SER A OG  1 
ATOM   1209 N N   . ASP A 1 157 ? 8.240   10.696  0.002   1.00 57.12  ? 177 ASP A N   1 
ATOM   1210 C CA  . ASP A 1 157 ? 7.568   10.739  1.302   1.00 54.49  ? 177 ASP A CA  1 
ATOM   1211 C C   . ASP A 1 157 ? 6.153   10.152  1.232   1.00 62.88  ? 177 ASP A C   1 
ATOM   1212 O O   . ASP A 1 157 ? 5.652   9.638   2.243   1.00 71.35  ? 177 ASP A O   1 
ATOM   1213 C CB  . ASP A 1 157 ? 7.519   12.140  1.876   1.00 50.41  ? 177 ASP A CB  1 
ATOM   1214 C CG  . ASP A 1 157 ? 7.400   12.147  3.389   1.00 57.61  ? 177 ASP A CG  1 
ATOM   1215 O OD1 . ASP A 1 157 ? 7.753   11.163  4.069   1.00 57.66  ? 177 ASP A OD1 1 
ATOM   1216 O OD2 . ASP A 1 157 ? 6.950   13.165  3.926   1.00 63.27  ? 177 ASP A OD2 1 
ATOM   1217 N N   . ASP A 1 158 ? 5.524   10.209  0.048   1.00 57.98  ? 178 ASP A N   1 
ATOM   1218 C CA  . ASP A 1 158 ? 4.121   9.814   -0.128  1.00 57.90  ? 178 ASP A CA  1 
ATOM   1219 C C   . ASP A 1 158 ? 3.957   8.366   -0.523  1.00 59.14  ? 178 ASP A C   1 
ATOM   1220 O O   . ASP A 1 158 ? 4.581   7.894   -1.498  1.00 67.35  ? 178 ASP A O   1 
ATOM   1221 C CB  . ASP A 1 158 ? 3.396   10.706  -1.164  1.00 55.65  ? 178 ASP A CB  1 
ATOM   1222 C CG  . ASP A 1 158 ? 3.512   12.184  -0.839  1.00 67.52  ? 178 ASP A CG  1 
ATOM   1223 O OD1 . ASP A 1 158 ? 2.813   12.700  0.081   1.00 70.06  ? 178 ASP A OD1 1 
ATOM   1224 O OD2 . ASP A 1 158 ? 4.368   12.826  -1.488  1.00 80.26  ? 178 ASP A OD2 1 
ATOM   1225 N N   . ILE A 1 159 ? 3.086   7.689   0.226   1.00 53.94  ? 179 ILE A N   1 
ATOM   1226 C CA  . ILE A 1 159 ? 2.618   6.349   -0.110  1.00 56.85  ? 179 ILE A CA  1 
ATOM   1227 C C   . ILE A 1 159 ? 1.120   6.423   -0.469  1.00 54.77  ? 179 ILE A C   1 
ATOM   1228 O O   . ILE A 1 159 ? 0.369   7.083   0.247   1.00 54.22  ? 179 ILE A O   1 
ATOM   1229 C CB  . ILE A 1 159 ? 2.752   5.386   1.100   1.00 57.63  ? 179 ILE A CB  1 
ATOM   1230 C CG1 . ILE A 1 159 ? 4.124   5.500   1.751   1.00 57.29  ? 179 ILE A CG1 1 
ATOM   1231 C CG2 . ILE A 1 159 ? 2.478   3.966   0.636   1.00 56.80  ? 179 ILE A CG2 1 
ATOM   1232 C CD1 . ILE A 1 159 ? 4.307   4.696   3.017   1.00 64.57  ? 179 ILE A CD1 1 
ATOM   1233 N N   . ASN A 1 160 ? 0.704   5.744   -1.545  1.00 56.37  ? 180 ASN A N   1 
ATOM   1234 C CA  . ASN A 1 160 ? -0.700  5.685   -1.976  1.00 62.67  ? 180 ASN A CA  1 
ATOM   1235 C C   . ASN A 1 160 ? -1.282  4.362   -1.610  1.00 64.01  ? 180 ASN A C   1 
ATOM   1236 O O   . ASN A 1 160 ? -0.881  3.306   -2.136  1.00 60.44  ? 180 ASN A O   1 
ATOM   1237 C CB  . ASN A 1 160 ? -0.906  5.946   -3.495  1.00 72.96  ? 180 ASN A CB  1 
ATOM   1238 C CG  . ASN A 1 160 ? -0.767  7.432   -3.875  1.00 89.09  ? 180 ASN A CG  1 
ATOM   1239 O OD1 . ASN A 1 160 ? -1.226  8.354   -3.160  1.00 100.74 ? 180 ASN A OD1 1 
ATOM   1240 N ND2 . ASN A 1 160 ? -0.128  7.674   -5.016  1.00 112.46 ? 180 ASN A ND2 1 
ATOM   1241 N N   . LEU A 1 161 ? -2.243  4.437   -0.705  1.00 57.83  ? 181 LEU A N   1 
ATOM   1242 C CA  . LEU A 1 161 ? -2.917  3.270   -0.197  1.00 58.31  ? 181 LEU A CA  1 
ATOM   1243 C C   . LEU A 1 161 ? -4.079  2.956   -1.093  1.00 60.71  ? 181 LEU A C   1 
ATOM   1244 O O   . LEU A 1 161 ? -4.878  3.843   -1.397  1.00 64.84  ? 181 LEU A O   1 
ATOM   1245 C CB  . LEU A 1 161 ? -3.426  3.561   1.206   1.00 61.87  ? 181 LEU A CB  1 
ATOM   1246 C CG  . LEU A 1 161 ? -2.401  3.968   2.232   1.00 63.25  ? 181 LEU A CG  1 
ATOM   1247 C CD1 . LEU A 1 161 ? -2.985  3.640   3.594   1.00 63.42  ? 181 LEU A CD1 1 
ATOM   1248 C CD2 . LEU A 1 161 ? -1.140  3.163   1.960   1.00 62.83  ? 181 LEU A CD2 1 
ATOM   1249 N N   . CYS A 1 162 ? -4.156  1.711   -1.541  1.00 64.74  ? 182 CYS A N   1 
ATOM   1250 C CA  . CYS A 1 162 ? -5.345  1.197   -2.212  1.00 70.92  ? 182 CYS A CA  1 
ATOM   1251 C C   . CYS A 1 162 ? -5.818  -0.153  -1.621  1.00 74.78  ? 182 CYS A C   1 
ATOM   1252 O O   . CYS A 1 162 ? -5.194  -1.203  -1.863  1.00 79.31  ? 182 CYS A O   1 
ATOM   1253 C CB  . CYS A 1 162 ? -5.068  1.051   -3.698  1.00 78.05  ? 182 CYS A CB  1 
ATOM   1254 S SG  . CYS A 1 162 ? -6.599  0.831   -4.625  1.00 102.11 ? 182 CYS A SG  1 
ATOM   1255 N N   . ILE A 1 163 ? -6.897  -0.124  -0.841  1.00 63.93  ? 183 ILE A N   1 
ATOM   1256 C CA  . ILE A 1 163 ? -7.466  -1.361  -0.318  1.00 63.00  ? 183 ILE A CA  1 
ATOM   1257 C C   . ILE A 1 163 ? -8.669  -1.653  -1.173  1.00 66.97  ? 183 ILE A C   1 
ATOM   1258 O O   . ILE A 1 163 ? -9.637  -0.915  -1.141  1.00 68.29  ? 183 ILE A O   1 
ATOM   1259 C CB  . ILE A 1 163 ? -7.933  -1.246  1.135   1.00 59.96  ? 183 ILE A CB  1 
ATOM   1260 C CG1 . ILE A 1 163 ? -6.971  -0.434  2.000   1.00 61.63  ? 183 ILE A CG1 1 
ATOM   1261 C CG2 . ILE A 1 163 ? -8.163  -2.615  1.718   1.00 50.86  ? 183 ILE A CG2 1 
ATOM   1262 C CD1 . ILE A 1 163 ? -5.510  -0.791  1.851   1.00 71.39  ? 183 ILE A CD1 1 
ATOM   1263 N N   . GLU A 1 164 ? -8.598  -2.716  -1.959  1.00 72.38  ? 184 GLU A N   1 
ATOM   1264 C CA  . GLU A 1 164 ? -9.697  -3.099  -2.825  1.00 68.52  ? 184 GLU A CA  1 
ATOM   1265 C C   . GLU A 1 164 ? -10.313 -4.391  -2.258  1.00 68.99  ? 184 GLU A C   1 
ATOM   1266 O O   . GLU A 1 164 ? -9.658  -5.427  -2.242  1.00 72.60  ? 184 GLU A O   1 
ATOM   1267 C CB  . GLU A 1 164 ? -9.137  -3.308  -4.227  1.00 76.87  ? 184 GLU A CB  1 
ATOM   1268 C CG  . GLU A 1 164 ? -10.169 -3.249  -5.334  1.00 105.57 ? 184 GLU A CG  1 
ATOM   1269 C CD  . GLU A 1 164 ? -10.241 -1.875  -5.963  1.00 120.81 ? 184 GLU A CD  1 
ATOM   1270 O OE1 . GLU A 1 164 ? -9.188  -1.418  -6.488  1.00 118.74 ? 184 GLU A OE1 1 
ATOM   1271 O OE2 . GLU A 1 164 ? -11.343 -1.266  -5.918  1.00 115.18 ? 184 GLU A OE2 1 
ATOM   1272 N N   . VAL A 1 165 ? -11.548 -4.336  -1.781  1.00 59.77  ? 185 VAL A N   1 
ATOM   1273 C CA  . VAL A 1 165 ? -12.148 -5.452  -1.020  1.00 65.84  ? 185 VAL A CA  1 
ATOM   1274 C C   . VAL A 1 165 ? -13.415 -5.955  -1.696  1.00 69.15  ? 185 VAL A C   1 
ATOM   1275 O O   . VAL A 1 165 ? -14.259 -5.120  -2.069  1.00 74.02  ? 185 VAL A O   1 
ATOM   1276 C CB  . VAL A 1 165 ? -12.532 -4.977  0.407   1.00 65.30  ? 185 VAL A CB  1 
ATOM   1277 C CG1 . VAL A 1 165 ? -13.360 -6.000  1.172   1.00 54.97  ? 185 VAL A CG1 1 
ATOM   1278 C CG2 . VAL A 1 165 ? -11.291 -4.612  1.178   1.00 63.20  ? 185 VAL A CG2 1 
ATOM   1279 N N   . GLU A 1 166 ? -13.512 -7.285  -1.896  1.00 72.10  ? 186 GLU A N   1 
ATOM   1280 C CA  . GLU A 1 166 ? -14.800 -8.032  -2.076  1.00 69.88  ? 186 GLU A CA  1 
ATOM   1281 C C   . GLU A 1 166 ? -15.002 -8.803  -0.782  1.00 69.24  ? 186 GLU A C   1 
ATOM   1282 O O   . GLU A 1 166 ? -14.038 -9.262  -0.169  1.00 77.88  ? 186 GLU A O   1 
ATOM   1283 C CB  . GLU A 1 166 ? -14.810 -8.960  -3.300  1.00 64.84  ? 186 GLU A CB  1 
ATOM   1284 N N   . ALA A 1 167 ? -16.241 -8.873  -0.313  1.00 69.78  ? 187 ALA A N   1 
ATOM   1285 C CA  . ALA A 1 167 ? -16.531 -9.455  0.994   1.00 75.24  ? 187 ALA A CA  1 
ATOM   1286 C C   . ALA A 1 167 ? -17.971 -9.971  1.117   1.00 84.83  ? 187 ALA A C   1 
ATOM   1287 O O   . ALA A 1 167 ? -18.920 -9.323  0.661   1.00 100.95 ? 187 ALA A O   1 
ATOM   1288 C CB  . ALA A 1 167 ? -16.186 -8.487  2.129   1.00 68.72  ? 187 ALA A CB  1 
ATOM   1289 N N   . ASN A 1 168 ? -18.102 -11.129 1.768   1.00 83.17  ? 188 ASN A N   1 
ATOM   1290 C CA  . ASN A 1 168 ? -19.347 -11.874 1.892   1.00 68.48  ? 188 ASN A CA  1 
ATOM   1291 C C   . ASN A 1 168 ? -19.832 -11.826 3.346   1.00 69.91  ? 188 ASN A C   1 
ATOM   1292 O O   . ASN A 1 168 ? -19.034 -11.686 4.287   1.00 70.52  ? 188 ASN A O   1 
ATOM   1293 C CB  . ASN A 1 168 ? -19.135 -13.302 1.355   1.00 64.90  ? 188 ASN A CB  1 
ATOM   1294 C CG  . ASN A 1 168 ? -18.644 -13.324 -0.118  1.00 76.87  ? 188 ASN A CG  1 
ATOM   1295 O OD1 . ASN A 1 168 ? -19.379 -12.986 -1.056  1.00 76.12  ? 188 ASN A OD1 1 
ATOM   1296 N ND2 . ASN A 1 168 ? -17.395 -13.728 -0.322  1.00 84.91  ? 188 ASN A ND2 1 
ATOM   1297 N N   . GLU A 1 169 ? -21.144 -11.892 3.536   1.00 71.67  ? 189 GLU A N   1 
ATOM   1298 C CA  . GLU A 1 169 ? -21.730 -11.927 4.890   1.00 87.95  ? 189 GLU A CA  1 
ATOM   1299 C C   . GLU A 1 169 ? -21.249 -13.157 5.738   1.00 99.46  ? 189 GLU A C   1 
ATOM   1300 O O   . GLU A 1 169 ? -20.824 -14.169 5.177   1.00 95.46  ? 189 GLU A O   1 
ATOM   1301 C CB  . GLU A 1 169 ? -23.262 -11.891 4.773   1.00 81.54  ? 189 GLU A CB  1 
ATOM   1302 C CG  . GLU A 1 169 ? -24.012 -11.485 6.040   1.00 83.25  ? 189 GLU A CG  1 
ATOM   1303 C CD  . GLU A 1 169 ? -25.530 -11.523 5.885   1.00 92.34  ? 189 GLU A CD  1 
ATOM   1304 O OE1 . GLU A 1 169 ? -26.235 -11.008 6.796   1.00 92.92  ? 189 GLU A OE1 1 
ATOM   1305 O OE2 . GLU A 1 169 ? -26.026 -12.052 4.855   1.00 92.09  ? 189 GLU A OE2 1 
ATOM   1306 N N   . LYS A 1 170 ? -21.336 -13.064 7.071   1.00 106.42 ? 190 LYS A N   1 
ATOM   1307 C CA  . LYS A 1 170 ? -20.845 -14.096 8.002   1.00 110.83 ? 190 LYS A CA  1 
ATOM   1308 C C   . LYS A 1 170 ? -21.784 -15.287 8.303   1.00 131.28 ? 190 LYS A C   1 
ATOM   1309 O O   . LYS A 1 170 ? -22.893 -15.368 7.756   1.00 141.53 ? 190 LYS A O   1 
ATOM   1310 C CB  . LYS A 1 170 ? -20.439 -13.429 9.315   1.00 114.52 ? 190 LYS A CB  1 
ATOM   1311 C CG  . LYS A 1 170 ? -18.988 -12.979 9.338   1.00 110.85 ? 190 LYS A CG  1 
ATOM   1312 C CD  . LYS A 1 170 ? -18.532 -12.701 10.756  1.00 105.77 ? 190 LYS A CD  1 
ATOM   1313 C CE  . LYS A 1 170 ? -17.834 -13.919 11.334  1.00 111.81 ? 190 LYS A CE  1 
ATOM   1314 N NZ  . LYS A 1 170 ? -17.552 -13.682 12.775  1.00 119.59 ? 190 LYS A NZ  1 
ATOM   1315 N N   . GLU A 1 171 ? -21.315 -16.190 9.190   1.00 135.91 ? 191 GLU A N   1 
ATOM   1316 C CA  . GLU A 1 171 ? -22.025 -17.402 9.675   1.00 116.40 ? 191 GLU A CA  1 
ATOM   1317 C C   . GLU A 1 171 ? -22.495 -18.291 8.515   1.00 124.39 ? 191 GLU A C   1 
ATOM   1318 O O   . GLU A 1 171 ? -21.862 -18.324 7.444   1.00 113.12 ? 191 GLU A O   1 
ATOM   1319 C CB  . GLU A 1 171 ? -23.176 -17.063 10.661  1.00 89.19  ? 191 GLU A CB  1 
HETATM 1320 C C1  . LFA B 2 .   ? -3.973  0.034   5.399   1.00 60.57  ? 301 LFA A C1  1 
HETATM 1321 C C2  . LFA B 2 .   ? -2.828  -0.322  4.410   1.00 76.08  ? 301 LFA A C2  1 
HETATM 1322 C C3  . LFA B 2 .   ? -1.401  0.200   4.688   1.00 66.78  ? 301 LFA A C3  1 
HETATM 1323 C C4  . LFA B 2 .   ? -0.327  -0.102  3.612   1.00 65.01  ? 301 LFA A C4  1 
HETATM 1324 C C5  . LFA B 2 .   ? 0.929   0.761   3.902   1.00 63.08  ? 301 LFA A C5  1 
HETATM 1325 C C6  . LFA B 2 .   ? 2.269   0.108   3.539   1.00 67.52  ? 301 LFA A C6  1 
HETATM 1326 C C7  . LFA B 2 .   ? 3.527   1.003   3.563   1.00 66.28  ? 301 LFA A C7  1 
HETATM 1327 C C8  . LFA B 2 .   ? 4.437   0.510   2.412   1.00 67.96  ? 301 LFA A C8  1 
HETATM 1328 C C9  . LFA B 2 .   ? 5.833   1.158   2.278   1.00 66.97  ? 301 LFA A C9  1 
HETATM 1329 C C10 . LFA B 2 .   ? 6.729   0.507   1.186   1.00 66.48  ? 301 LFA A C10 1 
HETATM 1330 C C11 . LFA B 2 .   ? 8.143   1.125   0.912   1.00 67.57  ? 301 LFA A C11 1 
HETATM 1331 C C12 . LFA B 2 .   ? 8.895   0.498   -0.293  1.00 62.56  ? 301 LFA A C12 1 
HETATM 1332 C C13 . LFA B 2 .   ? 10.381  0.857   -0.412  1.00 68.48  ? 301 LFA A C13 1 
HETATM 1333 C C14 . LFA B 2 .   ? 11.064  0.147   -1.605  1.00 83.25  ? 301 LFA A C14 1 
HETATM 1334 C C15 . LFA B 2 .   ? 12.614  0.080   -1.595  1.00 88.46  ? 301 LFA A C15 1 
HETATM 1335 C C16 . LFA B 2 .   ? 13.361  1.253   -2.259  1.00 93.49  ? 301 LFA A C16 1 
HETATM 1336 C C17 . LFA B 2 .   ? 14.837  1.328   -1.856  1.00 88.64  ? 301 LFA A C17 1 
HETATM 1337 S S   . SO4 C 3 .   ? -2.575  12.076  15.154  0.75 76.25  ? 302 SO4 A S   1 
HETATM 1338 O O1  . SO4 C 3 .   ? -2.259  12.533  16.538  0.75 72.79  ? 302 SO4 A O1  1 
HETATM 1339 O O2  . SO4 C 3 .   ? -3.102  10.694  15.127  0.75 81.52  ? 302 SO4 A O2  1 
HETATM 1340 O O3  . SO4 C 3 .   ? -1.326  12.117  14.373  0.75 102.47 ? 302 SO4 A O3  1 
HETATM 1341 O O4  . SO4 C 3 .   ? -3.547  12.961  14.490  0.75 86.34  ? 302 SO4 A O4  1 
HETATM 1342 S S   . SO4 D 3 .   ? 19.236  7.099   0.186   0.45 50.47  ? 303 SO4 A S   1 
HETATM 1343 O O1  . SO4 D 3 .   ? 20.446  6.811   0.992   0.45 47.64  ? 303 SO4 A O1  1 
HETATM 1344 O O2  . SO4 D 3 .   ? 18.177  7.673   1.038   0.45 45.12  ? 303 SO4 A O2  1 
HETATM 1345 O O3  . SO4 D 3 .   ? 18.781  5.810   -0.445  0.45 45.19  ? 303 SO4 A O3  1 
HETATM 1346 O O4  . SO4 D 3 .   ? 19.602  8.165   -0.771  0.45 46.14  ? 303 SO4 A O4  1 
HETATM 1347 C C1  . 9UM E 4 .   ? -7.806  5.919   -6.576  0.90 111.18 ? 304 9UM A C1  1 
HETATM 1348 C C2  . 9UM E 4 .   ? -8.980  5.115   -6.529  0.90 103.44 ? 304 9UM A C2  1 
HETATM 1349 C C3  . 9UM E 4 .   ? -8.564  3.760   -6.343  0.90 101.91 ? 304 9UM A C3  1 
HETATM 1350 C C4  . 9UM E 4 .   ? -6.023  2.933   -6.126  0.90 131.11 ? 304 9UM A C4  1 
HETATM 1351 C C5  . 9UM E 4 .   ? -4.857  3.760   -6.170  0.90 123.39 ? 304 9UM A C5  1 
HETATM 1352 C C6  . 9UM E 4 .   ? -5.307  5.094   -6.359  0.90 125.17 ? 304 9UM A C6  1 
HETATM 1353 C C7  . 9UM E 4 .   ? -3.420  3.340   -6.045  0.90 107.29 ? 304 9UM A C7  1 
HETATM 1354 C C8  . 9UM E 4 .   ? -6.090  1.458   -5.924  0.90 131.29 ? 304 9UM A C8  1 
HETATM 1355 C C9  . 9UM E 4 .   ? -9.421  2.543   -6.237  0.90 89.01  ? 304 9UM A C9  1 
HETATM 1356 C C10 . 9UM E 4 .   ? -10.374 5.658   -6.655  0.90 80.58  ? 304 9UM A C10 1 
HETATM 1357 N N1  . 9UM E 4 .   ? -7.158  3.751   -6.277  0.90 115.19 ? 304 9UM A N1  1 
HETATM 1358 N N2  . 9UM E 4 .   ? -6.707  5.069   -6.420  0.90 121.65 ? 304 9UM A N2  1 
HETATM 1359 O O1  . 9UM E 4 .   ? -7.714  7.144   -6.702  0.90 102.10 ? 304 9UM A O1  1 
HETATM 1360 O O2  . 9UM E 4 .   ? -4.639  6.122   -6.465  0.90 133.49 ? 304 9UM A O2  1 
HETATM 1361 O O   . HOH F 5 .   ? 16.020  -2.083  18.247  1.00 75.05  ? 401 HOH A O   1 
HETATM 1362 O O   . HOH F 5 .   ? -3.967  1.066   14.375  1.00 56.29  ? 402 HOH A O   1 
HETATM 1363 O O   . HOH F 5 .   ? -15.084 15.966  9.336   1.00 71.45  ? 403 HOH A O   1 
HETATM 1364 O O   . HOH F 5 .   ? -12.231 12.831  1.688   1.00 61.89  ? 404 HOH A O   1 
HETATM 1365 O O   . HOH F 5 .   ? 7.155   3.760   11.494  1.00 60.55  ? 405 HOH A O   1 
HETATM 1366 O O   . HOH F 5 .   ? 13.838  6.294   12.992  1.00 66.73  ? 406 HOH A O   1 
HETATM 1367 O O   . HOH F 5 .   ? -11.132 13.005  9.769   1.00 59.28  ? 407 HOH A O   1 
HETATM 1368 O O   . HOH F 5 .   ? -14.403 10.526  8.600   1.00 54.91  ? 408 HOH A O   1 
HETATM 1369 O O   . HOH F 5 .   ? -14.550 8.699   -1.755  1.00 55.49  ? 409 HOH A O   1 
HETATM 1370 O O   . HOH F 5 .   ? 17.762  -6.132  10.384  1.00 70.55  ? 410 HOH A O   1 
HETATM 1371 O O   . HOH F 5 .   ? 36.335  4.792   -42.287 1.00 78.95  ? 411 HOH A O   1 
HETATM 1372 O O   . HOH F 5 .   ? -8.765  -8.181  12.770  1.00 68.54  ? 412 HOH A O   1 
HETATM 1373 O O   . HOH F 5 .   ? 14.547  13.607  3.701   1.00 55.26  ? 413 HOH A O   1 
HETATM 1374 O O   . HOH F 5 .   ? 12.766  -11.910 -7.527  1.00 71.05  ? 414 HOH A O   1 
HETATM 1375 O O   . HOH F 5 .   ? 12.631  4.254   10.500  1.00 57.40  ? 415 HOH A O   1 
HETATM 1376 O O   . HOH F 5 .   ? 12.221  -0.139  12.369  1.00 64.44  ? 416 HOH A O   1 
HETATM 1377 O O   . HOH F 5 .   ? 12.032  -3.592  -9.783  1.00 59.25  ? 417 HOH A O   1 
HETATM 1378 O O   . HOH F 5 .   ? 17.557  -12.351 -1.201  1.00 81.69  ? 418 HOH A O   1 
HETATM 1379 O O   . HOH F 5 .   ? -10.432 -12.152 8.434   1.00 60.77  ? 419 HOH A O   1 
HETATM 1380 O O   . HOH F 5 .   ? 30.489  3.651   -12.958 1.00 72.77  ? 420 HOH A O   1 
HETATM 1381 O O   . HOH F 5 .   ? 10.644  10.724  -5.766  1.00 63.06  ? 421 HOH A O   1 
HETATM 1382 O O   . HOH F 5 .   ? 4.763   3.230   -12.620 1.00 77.56  ? 422 HOH A O   1 
HETATM 1383 O O   . HOH F 5 .   ? -1.629  -10.885 -6.691  1.00 68.65  ? 423 HOH A O   1 
# 
loop_
_pdbx_poly_seq_scheme.asym_id 
_pdbx_poly_seq_scheme.entity_id 
_pdbx_poly_seq_scheme.seq_id 
_pdbx_poly_seq_scheme.mon_id 
_pdbx_poly_seq_scheme.ndb_seq_num 
_pdbx_poly_seq_scheme.pdb_seq_num 
_pdbx_poly_seq_scheme.auth_seq_num 
_pdbx_poly_seq_scheme.pdb_mon_id 
_pdbx_poly_seq_scheme.auth_mon_id 
_pdbx_poly_seq_scheme.pdb_strand_id 
_pdbx_poly_seq_scheme.pdb_ins_code 
_pdbx_poly_seq_scheme.hetero 
A 1 1   MET 1   21  21  MET MET A . n 
A 1 2   LYS 2   22  22  LYS LYS A . n 
A 1 3   GLU 3   23  23  GLU GLU A . n 
A 1 4   TYR 4   24  24  TYR TYR A . n 
A 1 5   THR 5   25  25  THR THR A . n 
A 1 6   LEU 6   26  26  LEU LEU A . n 
A 1 7   ASP 7   27  27  ASP ASP A . n 
A 1 8   LYS 8   28  28  LYS LYS A . n 
A 1 9   ALA 9   29  29  ALA ALA A . n 
A 1 10  HIS 10  30  30  HIS HIS A . n 
A 1 11  THR 11  31  31  THR THR A . n 
A 1 12  ASP 12  32  32  ASP ASP A . n 
A 1 13  VAL 13  33  33  VAL VAL A . n 
A 1 14  GLY 14  34  34  GLY GLY A . n 
A 1 15  PHE 15  35  35  PHE PHE A . n 
A 1 16  LYS 16  36  36  LYS LYS A . n 
A 1 17  ILE 17  37  37  ILE ILE A . n 
A 1 18  LYS 18  38  38  LYS LYS A . n 
A 1 19  HIS 19  39  39  HIS HIS A . n 
A 1 20  LEU 20  40  40  LEU LEU A . n 
A 1 21  GLN 21  41  41  GLN GLN A . n 
A 1 22  ILE 22  42  42  ILE ILE A . n 
A 1 23  SER 23  43  43  SER SER A . n 
A 1 24  ASN 24  44  44  ASN ASN A . n 
A 1 25  VAL 25  45  45  VAL VAL A . n 
A 1 26  LYS 26  46  46  LYS LYS A . n 
A 1 27  GLY 27  47  47  GLY GLY A . n 
A 1 28  ASN 28  48  48  ASN ASN A . n 
A 1 29  PHE 29  49  49  PHE PHE A . n 
A 1 30  LYS 30  50  50  LYS LYS A . n 
A 1 31  ASP 31  51  51  ASP ASP A . n 
A 1 32  TYR 32  52  52  TYR TYR A . n 
A 1 33  SER 33  53  53  SER SER A . n 
A 1 34  ALA 34  54  54  ALA ALA A . n 
A 1 35  VAL 35  55  55  VAL VAL A . n 
A 1 36  ILE 36  56  56  ILE ILE A . n 
A 1 37  ASP 37  57  57  ASP ASP A . n 
A 1 38  PHE 38  58  58  PHE PHE A . n 
A 1 39  ASP 39  59  59  ASP ASP A . n 
A 1 40  PRO 40  60  60  PRO PRO A . n 
A 1 41  ALA 41  61  61  ALA ALA A . n 
A 1 42  SER 42  62  62  SER SER A . n 
A 1 43  ALA 43  63  63  ALA ALA A . n 
A 1 44  GLU 44  64  64  GLU GLU A . n 
A 1 45  PHE 45  65  65  PHE PHE A . n 
A 1 46  LYS 46  66  66  LYS LYS A . n 
A 1 47  LYS 47  67  67  LYS LYS A . n 
A 1 48  LEU 48  68  68  LEU LEU A . n 
A 1 49  ASP 49  69  69  ASP ASP A . n 
A 1 50  VAL 50  70  70  VAL VAL A . n 
A 1 51  THR 51  71  71  THR THR A . n 
A 1 52  ILE 52  72  72  ILE ILE A . n 
A 1 53  LYS 53  73  73  LYS LYS A . n 
A 1 54  ILE 54  74  74  ILE ILE A . n 
A 1 55  ALA 55  75  75  ALA ALA A . n 
A 1 56  SER 56  76  76  SER SER A . n 
A 1 57  VAL 57  77  77  VAL VAL A . n 
A 1 58  ASN 58  78  78  ASN ASN A . n 
A 1 59  THR 59  79  79  THR THR A . n 
A 1 60  GLU 60  80  80  GLU GLU A . n 
A 1 61  ASN 61  81  81  ASN ASN A . n 
A 1 62  GLN 62  82  82  GLN GLN A . n 
A 1 63  THR 63  83  83  THR THR A . n 
A 1 64  ARG 64  84  84  ARG ARG A . n 
A 1 65  ASP 65  85  85  ASP ASP A . n 
A 1 66  ASN 66  86  86  ASN ASN A . n 
A 1 67  HIS 67  87  87  HIS HIS A . n 
A 1 68  LEU 68  88  88  LEU LEU A . n 
A 1 69  GLN 69  89  89  GLN GLN A . n 
A 1 70  GLN 70  90  90  GLN GLN A . n 
A 1 71  ASP 71  91  91  ASP ASP A . n 
A 1 72  ASP 72  92  92  ASP ASP A . n 
A 1 73  PHE 73  93  93  PHE PHE A . n 
A 1 74  PHE 74  94  94  PHE PHE A . n 
A 1 75  LYS 75  95  95  LYS LYS A . n 
A 1 76  ALA 76  96  96  ALA ALA A . n 
A 1 77  LYS 77  97  97  LYS LYS A . n 
A 1 78  LYS 78  98  98  LYS LYS A . n 
A 1 79  TYR 79  99  99  TYR TYR A . n 
A 1 80  PRO 80  100 100 PRO PRO A . n 
A 1 81  ASP 81  101 101 ASP ASP A . n 
A 1 82  MET 82  102 102 MET MET A . n 
A 1 83  THR 83  103 103 THR THR A . n 
A 1 84  PHE 84  104 104 PHE PHE A . n 
A 1 85  THR 85  105 105 THR THR A . n 
A 1 86  MET 86  106 106 MET MET A . n 
A 1 87  LYS 87  107 107 LYS LYS A . n 
A 1 88  LYS 88  108 108 LYS LYS A . n 
A 1 89  TYR 89  109 109 TYR TYR A . n 
A 1 90  GLU 90  110 110 GLU GLU A . n 
A 1 91  LYS 91  111 111 LYS LYS A . n 
A 1 92  ILE 92  112 112 ILE ILE A . n 
A 1 93  ASP 93  113 113 ASP ASP A . n 
A 1 94  ASN 94  114 114 ASN ASN A . n 
A 1 95  GLU 95  115 115 GLU GLU A . n 
A 1 96  LYS 96  116 116 LYS LYS A . n 
A 1 97  GLY 97  117 117 GLY GLY A . n 
A 1 98  LYS 98  118 118 LYS LYS A . n 
A 1 99  MET 99  119 119 MET MET A . n 
A 1 100 THR 100 120 120 THR THR A . n 
A 1 101 GLY 101 121 121 GLY GLY A . n 
A 1 102 THR 102 122 122 THR THR A . n 
A 1 103 LEU 103 123 123 LEU LEU A . n 
A 1 104 THR 104 124 124 THR THR A . n 
A 1 105 ILE 105 125 125 ILE ILE A . n 
A 1 106 ALA 106 126 126 ALA ALA A . n 
A 1 107 GLY 107 127 127 GLY GLY A . n 
A 1 108 VAL 108 128 128 VAL VAL A . n 
A 1 109 SER 109 129 129 SER SER A . n 
A 1 110 LYS 110 130 130 LYS LYS A . n 
A 1 111 ASP 111 131 131 ASP ASP A . n 
A 1 112 ILE 112 132 132 ILE ILE A . n 
A 1 113 VAL 113 133 133 VAL VAL A . n 
A 1 114 LEU 114 134 134 LEU LEU A . n 
A 1 115 ASP 115 135 135 ASP ASP A . n 
A 1 116 ALA 116 136 136 ALA ALA A . n 
A 1 117 GLU 117 137 137 GLU GLU A . n 
A 1 118 ILE 118 138 138 ILE ILE A . n 
A 1 119 GLY 119 139 139 GLY GLY A . n 
A 1 120 GLY 120 140 140 GLY GLY A . n 
A 1 121 VAL 121 141 141 VAL VAL A . n 
A 1 122 ALA 122 142 142 ALA ALA A . n 
A 1 123 LYS 123 143 143 LYS LYS A . n 
A 1 124 GLY 124 144 144 GLY GLY A . n 
A 1 125 LYS 125 145 145 LYS LYS A . n 
A 1 126 ASP 126 146 146 ASP ASP A . n 
A 1 127 GLY 127 147 147 GLY GLY A . n 
A 1 128 LYS 128 148 148 LYS LYS A . n 
A 1 129 GLU 129 149 149 GLU GLU A . n 
A 1 130 LYS 130 150 150 LYS LYS A . n 
A 1 131 ILE 131 151 151 ILE ILE A . n 
A 1 132 GLY 132 152 152 GLY GLY A . n 
A 1 133 PHE 133 153 153 PHE PHE A . n 
A 1 134 SER 134 154 154 SER SER A . n 
A 1 135 LEU 135 155 155 LEU LEU A . n 
A 1 136 ASN 136 156 156 ASN ASN A . n 
A 1 137 GLY 137 157 157 GLY GLY A . n 
A 1 138 LYS 138 158 158 LYS LYS A . n 
A 1 139 ILE 139 159 159 ILE ILE A . n 
A 1 140 LYS 140 160 160 LYS LYS A . n 
A 1 141 ARG 141 161 161 ARG ARG A . n 
A 1 142 SER 142 162 162 SER SER A . n 
A 1 143 ASP 143 163 163 ASP ASP A . n 
A 1 144 PHE 144 164 164 PHE PHE A . n 
A 1 145 LYS 145 165 165 LYS LYS A . n 
A 1 146 PHE 146 166 166 PHE PHE A . n 
A 1 147 ALA 147 167 167 ALA ALA A . n 
A 1 148 THR 148 168 168 THR THR A . n 
A 1 149 SER 149 169 169 SER SER A . n 
A 1 150 THR 150 170 170 THR THR A . n 
A 1 151 SER 151 171 171 SER SER A . n 
A 1 152 THR 152 172 172 THR THR A . n 
A 1 153 ILE 153 173 173 ILE ILE A . n 
A 1 154 THR 154 174 174 THR THR A . n 
A 1 155 LEU 155 175 175 LEU LEU A . n 
A 1 156 SER 156 176 176 SER SER A . n 
A 1 157 ASP 157 177 177 ASP ASP A . n 
A 1 158 ASP 158 178 178 ASP ASP A . n 
A 1 159 ILE 159 179 179 ILE ILE A . n 
A 1 160 ASN 160 180 180 ASN ASN A . n 
A 1 161 LEU 161 181 181 LEU LEU A . n 
A 1 162 CYS 162 182 182 CYS CYS A . n 
A 1 163 ILE 163 183 183 ILE ILE A . n 
A 1 164 GLU 164 184 184 GLU GLU A . n 
A 1 165 VAL 165 185 185 VAL VAL A . n 
A 1 166 GLU 166 186 186 GLU GLU A . n 
A 1 167 ALA 167 187 187 ALA ALA A . n 
A 1 168 ASN 168 188 188 ASN ASN A . n 
A 1 169 GLU 169 189 189 GLU GLU A . n 
A 1 170 LYS 170 190 190 LYS LYS A . n 
A 1 171 GLU 171 191 191 GLU GLU A . n 
A 1 172 GLY 172 192 ?   ?   ?   A . n 
A 1 173 GLY 173 193 ?   ?   ?   A . n 
A 1 174 SER 174 194 ?   ?   ?   A . n 
A 1 175 HIS 175 195 ?   ?   ?   A . n 
A 1 176 HIS 176 196 ?   ?   ?   A . n 
A 1 177 HIS 177 197 ?   ?   ?   A . n 
A 1 178 HIS 178 198 ?   ?   ?   A . n 
A 1 179 HIS 179 199 ?   ?   ?   A . n 
A 1 180 HIS 180 200 ?   ?   ?   A . n 
# 
loop_
_pdbx_nonpoly_scheme.asym_id 
_pdbx_nonpoly_scheme.entity_id 
_pdbx_nonpoly_scheme.mon_id 
_pdbx_nonpoly_scheme.ndb_seq_num 
_pdbx_nonpoly_scheme.pdb_seq_num 
_pdbx_nonpoly_scheme.auth_seq_num 
_pdbx_nonpoly_scheme.pdb_mon_id 
_pdbx_nonpoly_scheme.auth_mon_id 
_pdbx_nonpoly_scheme.pdb_strand_id 
_pdbx_nonpoly_scheme.pdb_ins_code 
B 2 LFA 1  301 1  LFA LFA A . 
C 3 SO4 1  302 1  SO4 SO4 A . 
D 3 SO4 1  303 2  SO4 SO4 A . 
E 4 9UM 1  304 1  9UM MBB A . 
F 5 HOH 1  401 25 HOH HOH A . 
F 5 HOH 2  402 17 HOH HOH A . 
F 5 HOH 3  403 6  HOH HOH A . 
F 5 HOH 4  404 7  HOH HOH A . 
F 5 HOH 5  405 19 HOH HOH A . 
F 5 HOH 6  406 14 HOH HOH A . 
F 5 HOH 7  407 27 HOH HOH A . 
F 5 HOH 8  408 1  HOH HOH A . 
F 5 HOH 9  409 26 HOH HOH A . 
F 5 HOH 10 410 22 HOH HOH A . 
F 5 HOH 11 411 9  HOH HOH A . 
F 5 HOH 12 412 10 HOH HOH A . 
F 5 HOH 13 413 5  HOH HOH A . 
F 5 HOH 14 414 4  HOH HOH A . 
F 5 HOH 15 415 12 HOH HOH A . 
F 5 HOH 16 416 15 HOH HOH A . 
F 5 HOH 17 417 2  HOH HOH A . 
F 5 HOH 18 418 11 HOH HOH A . 
F 5 HOH 19 419 8  HOH HOH A . 
F 5 HOH 20 420 20 HOH HOH A . 
F 5 HOH 21 421 3  HOH HOH A . 
F 5 HOH 22 422 18 HOH HOH A . 
F 5 HOH 23 423 21 HOH HOH A . 
# 
loop_
_pdbx_struct_assembly.id 
_pdbx_struct_assembly.details 
_pdbx_struct_assembly.method_details 
_pdbx_struct_assembly.oligomeric_details 
_pdbx_struct_assembly.oligomeric_count 
1 author_defined_assembly   ?    monomeric  1 
2 software_defined_assembly PISA tetrameric 4 
# 
loop_
_pdbx_struct_assembly_gen.assembly_id 
_pdbx_struct_assembly_gen.oper_expression 
_pdbx_struct_assembly_gen.asym_id_list 
1 1       A,B,C,D,E,F 
2 1,2,3,4 A,B,C,D,E,F 
# 
loop_
_pdbx_struct_assembly_prop.biol_id 
_pdbx_struct_assembly_prop.type 
_pdbx_struct_assembly_prop.value 
_pdbx_struct_assembly_prop.details 
1 'ABSA (A^2)' 1020  ? 
1 MORE         -18   ? 
1 'SSA (A^2)'  12470 ? 
2 'ABSA (A^2)' 21650 ? 
2 MORE         -210  ? 
2 'SSA (A^2)'  32280 ? 
# 
loop_
_pdbx_struct_oper_list.id 
_pdbx_struct_oper_list.type 
_pdbx_struct_oper_list.name 
_pdbx_struct_oper_list.symmetry_operation 
_pdbx_struct_oper_list.matrix[1][1] 
_pdbx_struct_oper_list.matrix[1][2] 
_pdbx_struct_oper_list.matrix[1][3] 
_pdbx_struct_oper_list.vector[1] 
_pdbx_struct_oper_list.matrix[2][1] 
_pdbx_struct_oper_list.matrix[2][2] 
_pdbx_struct_oper_list.matrix[2][3] 
_pdbx_struct_oper_list.vector[2] 
_pdbx_struct_oper_list.matrix[3][1] 
_pdbx_struct_oper_list.matrix[3][2] 
_pdbx_struct_oper_list.matrix[3][3] 
_pdbx_struct_oper_list.vector[3] 
1 'identity operation'         1_555  x,y,z        1.0000000000  0.0000000000  0.0000000000  0.0000000000  0.0000000000  1.0000000000  0.0000000000  0.0000000000  0.0000000000  0.0000000000  1.0000000000  0.0000000000   
2 'crystal symmetry operation' 4_545  -x,-y-1,z    -0.8857004029 -0.2325195227 0.4018326365  38.4266589285 -0.2325195227 -0.5269858351 -0.8174476137 17.2994175891 0.4018326365  -0.8174476137 0.4126862380  -0.9200330614  
3 'crystal symmetry operation' 9_556  -x,-x+y,-z+1 -0.9480230616 0.2816021354  0.1481638015  30.7457569052 0.2816021354  0.5256720586  0.8027260580  7.8388041975  0.1481638015  0.8027260580  -0.5776489970 -25.6843728030 
4 'crystal symmetry operation' 12_546 x,x-y-1,-z+1 0.8337234645  -0.0490826126 -0.5499964380 -0.9483646032 -0.0490826126 -0.9986862235 0.0147215557  27.0151193480 -0.5499964380 0.0147215557  -0.8350372411 -5.5727834757 
# 
loop_
_pdbx_audit_revision_history.ordinal 
_pdbx_audit_revision_history.data_content_type 
_pdbx_audit_revision_history.major_revision 
_pdbx_audit_revision_history.minor_revision 
_pdbx_audit_revision_history.revision_date 
1 'Structure model' 1 0 2018-01-03 
2 'Structure model' 1 1 2018-01-31 
3 'Structure model' 1 2 2023-10-04 
# 
_pdbx_audit_revision_details.ordinal             1 
_pdbx_audit_revision_details.revision_ordinal    1 
_pdbx_audit_revision_details.data_content_type   'Structure model' 
_pdbx_audit_revision_details.provider            repository 
_pdbx_audit_revision_details.type                'Initial release' 
_pdbx_audit_revision_details.description         ? 
_pdbx_audit_revision_details.details             ? 
# 
loop_
_pdbx_audit_revision_group.ordinal 
_pdbx_audit_revision_group.revision_ordinal 
_pdbx_audit_revision_group.data_content_type 
_pdbx_audit_revision_group.group 
1 2 'Structure model' 'Database references'    
2 3 'Structure model' 'Data collection'        
3 3 'Structure model' 'Database references'    
4 3 'Structure model' 'Refinement description' 
# 
loop_
_pdbx_audit_revision_category.ordinal 
_pdbx_audit_revision_category.revision_ordinal 
_pdbx_audit_revision_category.data_content_type 
_pdbx_audit_revision_category.category 
1 2 'Structure model' citation                      
2 3 'Structure model' chem_comp_atom                
3 3 'Structure model' chem_comp_bond                
4 3 'Structure model' database_2                    
5 3 'Structure model' pdbx_initial_refinement_model 
# 
loop_
_pdbx_audit_revision_item.ordinal 
_pdbx_audit_revision_item.revision_ordinal 
_pdbx_audit_revision_item.data_content_type 
_pdbx_audit_revision_item.item 
1 2 'Structure model' '_citation.journal_volume'            
2 2 'Structure model' '_citation.page_first'                
3 2 'Structure model' '_citation.page_last'                 
4 2 'Structure model' '_citation.year'                      
5 3 'Structure model' '_database_2.pdbx_DOI'                
6 3 'Structure model' '_database_2.pdbx_database_accession' 
# 
loop_
_software.citation_id 
_software.classification 
_software.compiler_name 
_software.compiler_version 
_software.contact_author 
_software.contact_author_email 
_software.date 
_software.description 
_software.dependencies 
_software.hardware 
_software.language 
_software.location 
_software.mods 
_software.name 
_software.os 
_software.os_version 
_software.type 
_software.version 
_software.pdbx_ordinal 
? 'data scaling'    ? ? ? ? ? ? ? ? ? ? ? SCALA       ? ? ? 3.3.22   1 
? refinement        ? ? ? ? ? ? ? ? ? ? ? REFMAC      ? ? ? 5.8.0158 2 
? 'data extraction' ? ? ? ? ? ? ? ? ? ? ? PDB_EXTRACT ? ? ? 3.22     3 
? 'data reduction'  ? ? ? ? ? ? ? ? ? ? ? XDS         ? ? ? 20161101 4 
? phasing           ? ? ? ? ? ? ? ? ? ? ? REFMAC      ? ? ? 5.8.0158 5 
# 
_pdbx_validate_close_contact.id               1 
_pdbx_validate_close_contact.PDB_model_num    1 
_pdbx_validate_close_contact.auth_atom_id_1   SG 
_pdbx_validate_close_contact.auth_asym_id_1   A 
_pdbx_validate_close_contact.auth_comp_id_1   CYS 
_pdbx_validate_close_contact.auth_seq_id_1    182 
_pdbx_validate_close_contact.PDB_ins_code_1   ? 
_pdbx_validate_close_contact.label_alt_id_1   ? 
_pdbx_validate_close_contact.auth_atom_id_2   C8 
_pdbx_validate_close_contact.auth_asym_id_2   A 
_pdbx_validate_close_contact.auth_comp_id_2   9UM 
_pdbx_validate_close_contact.auth_seq_id_2    304 
_pdbx_validate_close_contact.PDB_ins_code_2   ? 
_pdbx_validate_close_contact.label_alt_id_2   ? 
_pdbx_validate_close_contact.dist             1.53 
# 
loop_
_pdbx_validate_torsion.id 
_pdbx_validate_torsion.PDB_model_num 
_pdbx_validate_torsion.auth_comp_id 
_pdbx_validate_torsion.auth_asym_id 
_pdbx_validate_torsion.auth_seq_id 
_pdbx_validate_torsion.PDB_ins_code 
_pdbx_validate_torsion.label_alt_id 
_pdbx_validate_torsion.phi 
_pdbx_validate_torsion.psi 
1 1 ASN A 81  ? ? -173.95 109.75  
2 1 PHE A 93  ? ? -123.88 -114.17 
3 1 ILE A 112 ? ? -97.32  -63.20  
4 1 ASP A 113 ? ? -138.58 -159.74 
5 1 LYS A 145 ? ? -28.77  -56.14  
6 1 LYS A 165 ? ? 39.42   37.36   
# 
loop_
_pdbx_unobs_or_zero_occ_atoms.id 
_pdbx_unobs_or_zero_occ_atoms.PDB_model_num 
_pdbx_unobs_or_zero_occ_atoms.polymer_flag 
_pdbx_unobs_or_zero_occ_atoms.occupancy_flag 
_pdbx_unobs_or_zero_occ_atoms.auth_asym_id 
_pdbx_unobs_or_zero_occ_atoms.auth_comp_id 
_pdbx_unobs_or_zero_occ_atoms.auth_seq_id 
_pdbx_unobs_or_zero_occ_atoms.PDB_ins_code 
_pdbx_unobs_or_zero_occ_atoms.auth_atom_id 
_pdbx_unobs_or_zero_occ_atoms.label_alt_id 
_pdbx_unobs_or_zero_occ_atoms.label_asym_id 
_pdbx_unobs_or_zero_occ_atoms.label_comp_id 
_pdbx_unobs_or_zero_occ_atoms.label_seq_id 
_pdbx_unobs_or_zero_occ_atoms.label_atom_id 
1  1 Y 1 A LYS 46  ? CG  ? A LYS 26  CG  
2  1 Y 1 A LYS 46  ? CD  ? A LYS 26  CD  
3  1 Y 1 A LYS 46  ? CE  ? A LYS 26  CE  
4  1 Y 1 A LYS 46  ? NZ  ? A LYS 26  NZ  
5  1 Y 1 A LYS 50  ? CG  ? A LYS 30  CG  
6  1 Y 1 A LYS 50  ? CD  ? A LYS 30  CD  
7  1 Y 1 A LYS 50  ? CE  ? A LYS 30  CE  
8  1 Y 1 A LYS 50  ? NZ  ? A LYS 30  NZ  
9  1 Y 1 A LYS 97  ? CG  ? A LYS 77  CG  
10 1 Y 1 A LYS 97  ? CD  ? A LYS 77  CD  
11 1 Y 1 A LYS 97  ? CE  ? A LYS 77  CE  
12 1 Y 1 A LYS 97  ? NZ  ? A LYS 77  NZ  
13 1 Y 1 A LYS 158 ? CG  ? A LYS 138 CG  
14 1 Y 1 A LYS 158 ? CD  ? A LYS 138 CD  
15 1 Y 1 A LYS 158 ? CE  ? A LYS 138 CE  
16 1 Y 1 A LYS 158 ? NZ  ? A LYS 138 NZ  
17 1 Y 1 A GLU 186 ? CG  ? A GLU 166 CG  
18 1 Y 1 A GLU 186 ? CD  ? A GLU 166 CD  
19 1 Y 1 A GLU 186 ? OE1 ? A GLU 166 OE1 
20 1 Y 1 A GLU 186 ? OE2 ? A GLU 166 OE2 
21 1 Y 1 A GLU 191 ? CG  ? A GLU 171 CG  
22 1 Y 1 A GLU 191 ? CD  ? A GLU 171 CD  
23 1 Y 1 A GLU 191 ? OE1 ? A GLU 171 OE1 
24 1 Y 1 A GLU 191 ? OE2 ? A GLU 171 OE2 
25 1 N 1 A LFA 301 ? C18 ? B LFA 1   C18 
26 1 N 1 A LFA 301 ? C19 ? B LFA 1   C19 
27 1 N 1 A LFA 301 ? C20 ? B LFA 1   C20 
28 1 N 1 A 9UM 304 ? BR1 ? E 9UM 1   BR1 
# 
loop_
_pdbx_unobs_or_zero_occ_residues.id 
_pdbx_unobs_or_zero_occ_residues.PDB_model_num 
_pdbx_unobs_or_zero_occ_residues.polymer_flag 
_pdbx_unobs_or_zero_occ_residues.occupancy_flag 
_pdbx_unobs_or_zero_occ_residues.auth_asym_id 
_pdbx_unobs_or_zero_occ_residues.auth_comp_id 
_pdbx_unobs_or_zero_occ_residues.auth_seq_id 
_pdbx_unobs_or_zero_occ_residues.PDB_ins_code 
_pdbx_unobs_or_zero_occ_residues.label_asym_id 
_pdbx_unobs_or_zero_occ_residues.label_comp_id 
_pdbx_unobs_or_zero_occ_residues.label_seq_id 
1 1 Y 1 A GLY 192 ? A GLY 172 
2 1 Y 1 A GLY 193 ? A GLY 173 
3 1 Y 1 A SER 194 ? A SER 174 
4 1 Y 1 A HIS 195 ? A HIS 175 
5 1 Y 1 A HIS 196 ? A HIS 176 
6 1 Y 1 A HIS 197 ? A HIS 177 
7 1 Y 1 A HIS 198 ? A HIS 178 
8 1 Y 1 A HIS 199 ? A HIS 179 
9 1 Y 1 A HIS 200 ? A HIS 180 
# 
loop_
_chem_comp_atom.comp_id 
_chem_comp_atom.atom_id 
_chem_comp_atom.type_symbol 
_chem_comp_atom.pdbx_aromatic_flag 
_chem_comp_atom.pdbx_stereo_config 
_chem_comp_atom.pdbx_ordinal 
9UM C1   C  N N 1   
9UM C2   C  N N 2   
9UM C3   C  N N 3   
9UM C4   C  N N 4   
9UM C5   C  N N 5   
9UM C6   C  N N 6   
9UM C7   C  N N 7   
9UM C8   C  N N 8   
9UM C9   C  N N 9   
9UM C10  C  N N 10  
9UM N1   N  N N 11  
9UM N2   N  N N 12  
9UM O1   O  N N 13  
9UM O2   O  N N 14  
9UM BR1  BR N N 15  
9UM H1   H  N N 16  
9UM H2   H  N N 17  
9UM H3   H  N N 18  
9UM H4   H  N N 19  
9UM H5   H  N N 20  
9UM H6   H  N N 21  
9UM H7   H  N N 22  
9UM H8   H  N N 23  
9UM H9   H  N N 24  
9UM H10  H  N N 25  
9UM H11  H  N N 26  
ALA N    N  N N 27  
ALA CA   C  N S 28  
ALA C    C  N N 29  
ALA O    O  N N 30  
ALA CB   C  N N 31  
ALA OXT  O  N N 32  
ALA H    H  N N 33  
ALA H2   H  N N 34  
ALA HA   H  N N 35  
ALA HB1  H  N N 36  
ALA HB2  H  N N 37  
ALA HB3  H  N N 38  
ALA HXT  H  N N 39  
ARG N    N  N N 40  
ARG CA   C  N S 41  
ARG C    C  N N 42  
ARG O    O  N N 43  
ARG CB   C  N N 44  
ARG CG   C  N N 45  
ARG CD   C  N N 46  
ARG NE   N  N N 47  
ARG CZ   C  N N 48  
ARG NH1  N  N N 49  
ARG NH2  N  N N 50  
ARG OXT  O  N N 51  
ARG H    H  N N 52  
ARG H2   H  N N 53  
ARG HA   H  N N 54  
ARG HB2  H  N N 55  
ARG HB3  H  N N 56  
ARG HG2  H  N N 57  
ARG HG3  H  N N 58  
ARG HD2  H  N N 59  
ARG HD3  H  N N 60  
ARG HE   H  N N 61  
ARG HH11 H  N N 62  
ARG HH12 H  N N 63  
ARG HH21 H  N N 64  
ARG HH22 H  N N 65  
ARG HXT  H  N N 66  
ASN N    N  N N 67  
ASN CA   C  N S 68  
ASN C    C  N N 69  
ASN O    O  N N 70  
ASN CB   C  N N 71  
ASN CG   C  N N 72  
ASN OD1  O  N N 73  
ASN ND2  N  N N 74  
ASN OXT  O  N N 75  
ASN H    H  N N 76  
ASN H2   H  N N 77  
ASN HA   H  N N 78  
ASN HB2  H  N N 79  
ASN HB3  H  N N 80  
ASN HD21 H  N N 81  
ASN HD22 H  N N 82  
ASN HXT  H  N N 83  
ASP N    N  N N 84  
ASP CA   C  N S 85  
ASP C    C  N N 86  
ASP O    O  N N 87  
ASP CB   C  N N 88  
ASP CG   C  N N 89  
ASP OD1  O  N N 90  
ASP OD2  O  N N 91  
ASP OXT  O  N N 92  
ASP H    H  N N 93  
ASP H2   H  N N 94  
ASP HA   H  N N 95  
ASP HB2  H  N N 96  
ASP HB3  H  N N 97  
ASP HD2  H  N N 98  
ASP HXT  H  N N 99  
CYS N    N  N N 100 
CYS CA   C  N R 101 
CYS C    C  N N 102 
CYS O    O  N N 103 
CYS CB   C  N N 104 
CYS SG   S  N N 105 
CYS OXT  O  N N 106 
CYS H    H  N N 107 
CYS H2   H  N N 108 
CYS HA   H  N N 109 
CYS HB2  H  N N 110 
CYS HB3  H  N N 111 
CYS HG   H  N N 112 
CYS HXT  H  N N 113 
GLN N    N  N N 114 
GLN CA   C  N S 115 
GLN C    C  N N 116 
GLN O    O  N N 117 
GLN CB   C  N N 118 
GLN CG   C  N N 119 
GLN CD   C  N N 120 
GLN OE1  O  N N 121 
GLN NE2  N  N N 122 
GLN OXT  O  N N 123 
GLN H    H  N N 124 
GLN H2   H  N N 125 
GLN HA   H  N N 126 
GLN HB2  H  N N 127 
GLN HB3  H  N N 128 
GLN HG2  H  N N 129 
GLN HG3  H  N N 130 
GLN HE21 H  N N 131 
GLN HE22 H  N N 132 
GLN HXT  H  N N 133 
GLU N    N  N N 134 
GLU CA   C  N S 135 
GLU C    C  N N 136 
GLU O    O  N N 137 
GLU CB   C  N N 138 
GLU CG   C  N N 139 
GLU CD   C  N N 140 
GLU OE1  O  N N 141 
GLU OE2  O  N N 142 
GLU OXT  O  N N 143 
GLU H    H  N N 144 
GLU H2   H  N N 145 
GLU HA   H  N N 146 
GLU HB2  H  N N 147 
GLU HB3  H  N N 148 
GLU HG2  H  N N 149 
GLU HG3  H  N N 150 
GLU HE2  H  N N 151 
GLU HXT  H  N N 152 
GLY N    N  N N 153 
GLY CA   C  N N 154 
GLY C    C  N N 155 
GLY O    O  N N 156 
GLY OXT  O  N N 157 
GLY H    H  N N 158 
GLY H2   H  N N 159 
GLY HA2  H  N N 160 
GLY HA3  H  N N 161 
GLY HXT  H  N N 162 
HIS N    N  N N 163 
HIS CA   C  N S 164 
HIS C    C  N N 165 
HIS O    O  N N 166 
HIS CB   C  N N 167 
HIS CG   C  Y N 168 
HIS ND1  N  Y N 169 
HIS CD2  C  Y N 170 
HIS CE1  C  Y N 171 
HIS NE2  N  Y N 172 
HIS OXT  O  N N 173 
HIS H    H  N N 174 
HIS H2   H  N N 175 
HIS HA   H  N N 176 
HIS HB2  H  N N 177 
HIS HB3  H  N N 178 
HIS HD1  H  N N 179 
HIS HD2  H  N N 180 
HIS HE1  H  N N 181 
HIS HE2  H  N N 182 
HIS HXT  H  N N 183 
HOH O    O  N N 184 
HOH H1   H  N N 185 
HOH H2   H  N N 186 
ILE N    N  N N 187 
ILE CA   C  N S 188 
ILE C    C  N N 189 
ILE O    O  N N 190 
ILE CB   C  N S 191 
ILE CG1  C  N N 192 
ILE CG2  C  N N 193 
ILE CD1  C  N N 194 
ILE OXT  O  N N 195 
ILE H    H  N N 196 
ILE H2   H  N N 197 
ILE HA   H  N N 198 
ILE HB   H  N N 199 
ILE HG12 H  N N 200 
ILE HG13 H  N N 201 
ILE HG21 H  N N 202 
ILE HG22 H  N N 203 
ILE HG23 H  N N 204 
ILE HD11 H  N N 205 
ILE HD12 H  N N 206 
ILE HD13 H  N N 207 
ILE HXT  H  N N 208 
LEU N    N  N N 209 
LEU CA   C  N S 210 
LEU C    C  N N 211 
LEU O    O  N N 212 
LEU CB   C  N N 213 
LEU CG   C  N N 214 
LEU CD1  C  N N 215 
LEU CD2  C  N N 216 
LEU OXT  O  N N 217 
LEU H    H  N N 218 
LEU H2   H  N N 219 
LEU HA   H  N N 220 
LEU HB2  H  N N 221 
LEU HB3  H  N N 222 
LEU HG   H  N N 223 
LEU HD11 H  N N 224 
LEU HD12 H  N N 225 
LEU HD13 H  N N 226 
LEU HD21 H  N N 227 
LEU HD22 H  N N 228 
LEU HD23 H  N N 229 
LEU HXT  H  N N 230 
LFA C1   C  N N 231 
LFA C2   C  N N 232 
LFA C3   C  N N 233 
LFA C4   C  N N 234 
LFA C5   C  N N 235 
LFA C6   C  N N 236 
LFA C7   C  N N 237 
LFA C8   C  N N 238 
LFA C9   C  N N 239 
LFA C10  C  N N 240 
LFA C11  C  N N 241 
LFA C12  C  N N 242 
LFA C13  C  N N 243 
LFA C14  C  N N 244 
LFA C15  C  N N 245 
LFA C16  C  N N 246 
LFA C17  C  N N 247 
LFA C18  C  N N 248 
LFA C19  C  N N 249 
LFA C20  C  N N 250 
LFA H11  H  N N 251 
LFA H12  H  N N 252 
LFA H13  H  N N 253 
LFA H21  H  N N 254 
LFA H22  H  N N 255 
LFA H31  H  N N 256 
LFA H32  H  N N 257 
LFA H41  H  N N 258 
LFA H42  H  N N 259 
LFA H51  H  N N 260 
LFA H52  H  N N 261 
LFA H61  H  N N 262 
LFA H62  H  N N 263 
LFA H71  H  N N 264 
LFA H72  H  N N 265 
LFA H81  H  N N 266 
LFA H82  H  N N 267 
LFA H91  H  N N 268 
LFA H92  H  N N 269 
LFA H101 H  N N 270 
LFA H102 H  N N 271 
LFA H111 H  N N 272 
LFA H112 H  N N 273 
LFA H121 H  N N 274 
LFA H122 H  N N 275 
LFA H131 H  N N 276 
LFA H132 H  N N 277 
LFA H141 H  N N 278 
LFA H142 H  N N 279 
LFA H151 H  N N 280 
LFA H152 H  N N 281 
LFA H161 H  N N 282 
LFA H162 H  N N 283 
LFA H171 H  N N 284 
LFA H172 H  N N 285 
LFA H181 H  N N 286 
LFA H182 H  N N 287 
LFA H191 H  N N 288 
LFA H192 H  N N 289 
LFA H201 H  N N 290 
LFA H202 H  N N 291 
LFA H203 H  N N 292 
LYS N    N  N N 293 
LYS CA   C  N S 294 
LYS C    C  N N 295 
LYS O    O  N N 296 
LYS CB   C  N N 297 
LYS CG   C  N N 298 
LYS CD   C  N N 299 
LYS CE   C  N N 300 
LYS NZ   N  N N 301 
LYS OXT  O  N N 302 
LYS H    H  N N 303 
LYS H2   H  N N 304 
LYS HA   H  N N 305 
LYS HB2  H  N N 306 
LYS HB3  H  N N 307 
LYS HG2  H  N N 308 
LYS HG3  H  N N 309 
LYS HD2  H  N N 310 
LYS HD3  H  N N 311 
LYS HE2  H  N N 312 
LYS HE3  H  N N 313 
LYS HZ1  H  N N 314 
LYS HZ2  H  N N 315 
LYS HZ3  H  N N 316 
LYS HXT  H  N N 317 
MET N    N  N N 318 
MET CA   C  N S 319 
MET C    C  N N 320 
MET O    O  N N 321 
MET CB   C  N N 322 
MET CG   C  N N 323 
MET SD   S  N N 324 
MET CE   C  N N 325 
MET OXT  O  N N 326 
MET H    H  N N 327 
MET H2   H  N N 328 
MET HA   H  N N 329 
MET HB2  H  N N 330 
MET HB3  H  N N 331 
MET HG2  H  N N 332 
MET HG3  H  N N 333 
MET HE1  H  N N 334 
MET HE2  H  N N 335 
MET HE3  H  N N 336 
MET HXT  H  N N 337 
PHE N    N  N N 338 
PHE CA   C  N S 339 
PHE C    C  N N 340 
PHE O    O  N N 341 
PHE CB   C  N N 342 
PHE CG   C  Y N 343 
PHE CD1  C  Y N 344 
PHE CD2  C  Y N 345 
PHE CE1  C  Y N 346 
PHE CE2  C  Y N 347 
PHE CZ   C  Y N 348 
PHE OXT  O  N N 349 
PHE H    H  N N 350 
PHE H2   H  N N 351 
PHE HA   H  N N 352 
PHE HB2  H  N N 353 
PHE HB3  H  N N 354 
PHE HD1  H  N N 355 
PHE HD2  H  N N 356 
PHE HE1  H  N N 357 
PHE HE2  H  N N 358 
PHE HZ   H  N N 359 
PHE HXT  H  N N 360 
PRO N    N  N N 361 
PRO CA   C  N S 362 
PRO C    C  N N 363 
PRO O    O  N N 364 
PRO CB   C  N N 365 
PRO CG   C  N N 366 
PRO CD   C  N N 367 
PRO OXT  O  N N 368 
PRO H    H  N N 369 
PRO HA   H  N N 370 
PRO HB2  H  N N 371 
PRO HB3  H  N N 372 
PRO HG2  H  N N 373 
PRO HG3  H  N N 374 
PRO HD2  H  N N 375 
PRO HD3  H  N N 376 
PRO HXT  H  N N 377 
SER N    N  N N 378 
SER CA   C  N S 379 
SER C    C  N N 380 
SER O    O  N N 381 
SER CB   C  N N 382 
SER OG   O  N N 383 
SER OXT  O  N N 384 
SER H    H  N N 385 
SER H2   H  N N 386 
SER HA   H  N N 387 
SER HB2  H  N N 388 
SER HB3  H  N N 389 
SER HG   H  N N 390 
SER HXT  H  N N 391 
SO4 S    S  N N 392 
SO4 O1   O  N N 393 
SO4 O2   O  N N 394 
SO4 O3   O  N N 395 
SO4 O4   O  N N 396 
THR N    N  N N 397 
THR CA   C  N S 398 
THR C    C  N N 399 
THR O    O  N N 400 
THR CB   C  N R 401 
THR OG1  O  N N 402 
THR CG2  C  N N 403 
THR OXT  O  N N 404 
THR H    H  N N 405 
THR H2   H  N N 406 
THR HA   H  N N 407 
THR HB   H  N N 408 
THR HG1  H  N N 409 
THR HG21 H  N N 410 
THR HG22 H  N N 411 
THR HG23 H  N N 412 
THR HXT  H  N N 413 
TYR N    N  N N 414 
TYR CA   C  N S 415 
TYR C    C  N N 416 
TYR O    O  N N 417 
TYR CB   C  N N 418 
TYR CG   C  Y N 419 
TYR CD1  C  Y N 420 
TYR CD2  C  Y N 421 
TYR CE1  C  Y N 422 
TYR CE2  C  Y N 423 
TYR CZ   C  Y N 424 
TYR OH   O  N N 425 
TYR OXT  O  N N 426 
TYR H    H  N N 427 
TYR H2   H  N N 428 
TYR HA   H  N N 429 
TYR HB2  H  N N 430 
TYR HB3  H  N N 431 
TYR HD1  H  N N 432 
TYR HD2  H  N N 433 
TYR HE1  H  N N 434 
TYR HE2  H  N N 435 
TYR HH   H  N N 436 
TYR HXT  H  N N 437 
VAL N    N  N N 438 
VAL CA   C  N S 439 
VAL C    C  N N 440 
VAL O    O  N N 441 
VAL CB   C  N N 442 
VAL CG1  C  N N 443 
VAL CG2  C  N N 444 
VAL OXT  O  N N 445 
VAL H    H  N N 446 
VAL H2   H  N N 447 
VAL HA   H  N N 448 
VAL HB   H  N N 449 
VAL HG11 H  N N 450 
VAL HG12 H  N N 451 
VAL HG13 H  N N 452 
VAL HG21 H  N N 453 
VAL HG22 H  N N 454 
VAL HG23 H  N N 455 
VAL HXT  H  N N 456 
# 
loop_
_chem_comp_bond.comp_id 
_chem_comp_bond.atom_id_1 
_chem_comp_bond.atom_id_2 
_chem_comp_bond.value_order 
_chem_comp_bond.pdbx_aromatic_flag 
_chem_comp_bond.pdbx_stereo_config 
_chem_comp_bond.pdbx_ordinal 
9UM C8  C4   sing N N 1   
9UM C7  C5   sing N N 2   
9UM C4  C5   doub N N 3   
9UM C4  N1   sing N N 4   
9UM C5  C6   sing N N 5   
9UM N1  C3   sing N N 6   
9UM N1  N2   sing N N 7   
9UM C6  O2   doub N N 8   
9UM C6  N2   sing N N 9   
9UM C9  C3   sing N N 10  
9UM C3  C2   doub N N 11  
9UM N2  C1   sing N N 12  
9UM C2  C1   sing N N 13  
9UM C2  C10  sing N N 14  
9UM C1  O1   doub N N 15  
9UM C8  BR1  sing N N 16  
9UM C7  H1   sing N N 17  
9UM C7  H2   sing N N 18  
9UM C7  H3   sing N N 19  
9UM C8  H4   sing N N 20  
9UM C8  H5   sing N N 21  
9UM C9  H6   sing N N 22  
9UM C9  H7   sing N N 23  
9UM C9  H8   sing N N 24  
9UM C10 H9   sing N N 25  
9UM C10 H10  sing N N 26  
9UM C10 H11  sing N N 27  
ALA N   CA   sing N N 28  
ALA N   H    sing N N 29  
ALA N   H2   sing N N 30  
ALA CA  C    sing N N 31  
ALA CA  CB   sing N N 32  
ALA CA  HA   sing N N 33  
ALA C   O    doub N N 34  
ALA C   OXT  sing N N 35  
ALA CB  HB1  sing N N 36  
ALA CB  HB2  sing N N 37  
ALA CB  HB3  sing N N 38  
ALA OXT HXT  sing N N 39  
ARG N   CA   sing N N 40  
ARG N   H    sing N N 41  
ARG N   H2   sing N N 42  
ARG CA  C    sing N N 43  
ARG CA  CB   sing N N 44  
ARG CA  HA   sing N N 45  
ARG C   O    doub N N 46  
ARG C   OXT  sing N N 47  
ARG CB  CG   sing N N 48  
ARG CB  HB2  sing N N 49  
ARG CB  HB3  sing N N 50  
ARG CG  CD   sing N N 51  
ARG CG  HG2  sing N N 52  
ARG CG  HG3  sing N N 53  
ARG CD  NE   sing N N 54  
ARG CD  HD2  sing N N 55  
ARG CD  HD3  sing N N 56  
ARG NE  CZ   sing N N 57  
ARG NE  HE   sing N N 58  
ARG CZ  NH1  sing N N 59  
ARG CZ  NH2  doub N N 60  
ARG NH1 HH11 sing N N 61  
ARG NH1 HH12 sing N N 62  
ARG NH2 HH21 sing N N 63  
ARG NH2 HH22 sing N N 64  
ARG OXT HXT  sing N N 65  
ASN N   CA   sing N N 66  
ASN N   H    sing N N 67  
ASN N   H2   sing N N 68  
ASN CA  C    sing N N 69  
ASN CA  CB   sing N N 70  
ASN CA  HA   sing N N 71  
ASN C   O    doub N N 72  
ASN C   OXT  sing N N 73  
ASN CB  CG   sing N N 74  
ASN CB  HB2  sing N N 75  
ASN CB  HB3  sing N N 76  
ASN CG  OD1  doub N N 77  
ASN CG  ND2  sing N N 78  
ASN ND2 HD21 sing N N 79  
ASN ND2 HD22 sing N N 80  
ASN OXT HXT  sing N N 81  
ASP N   CA   sing N N 82  
ASP N   H    sing N N 83  
ASP N   H2   sing N N 84  
ASP CA  C    sing N N 85  
ASP CA  CB   sing N N 86  
ASP CA  HA   sing N N 87  
ASP C   O    doub N N 88  
ASP C   OXT  sing N N 89  
ASP CB  CG   sing N N 90  
ASP CB  HB2  sing N N 91  
ASP CB  HB3  sing N N 92  
ASP CG  OD1  doub N N 93  
ASP CG  OD2  sing N N 94  
ASP OD2 HD2  sing N N 95  
ASP OXT HXT  sing N N 96  
CYS N   CA   sing N N 97  
CYS N   H    sing N N 98  
CYS N   H2   sing N N 99  
CYS CA  C    sing N N 100 
CYS CA  CB   sing N N 101 
CYS CA  HA   sing N N 102 
CYS C   O    doub N N 103 
CYS C   OXT  sing N N 104 
CYS CB  SG   sing N N 105 
CYS CB  HB2  sing N N 106 
CYS CB  HB3  sing N N 107 
CYS SG  HG   sing N N 108 
CYS OXT HXT  sing N N 109 
GLN N   CA   sing N N 110 
GLN N   H    sing N N 111 
GLN N   H2   sing N N 112 
GLN CA  C    sing N N 113 
GLN CA  CB   sing N N 114 
GLN CA  HA   sing N N 115 
GLN C   O    doub N N 116 
GLN C   OXT  sing N N 117 
GLN CB  CG   sing N N 118 
GLN CB  HB2  sing N N 119 
GLN CB  HB3  sing N N 120 
GLN CG  CD   sing N N 121 
GLN CG  HG2  sing N N 122 
GLN CG  HG3  sing N N 123 
GLN CD  OE1  doub N N 124 
GLN CD  NE2  sing N N 125 
GLN NE2 HE21 sing N N 126 
GLN NE2 HE22 sing N N 127 
GLN OXT HXT  sing N N 128 
GLU N   CA   sing N N 129 
GLU N   H    sing N N 130 
GLU N   H2   sing N N 131 
GLU CA  C    sing N N 132 
GLU CA  CB   sing N N 133 
GLU CA  HA   sing N N 134 
GLU C   O    doub N N 135 
GLU C   OXT  sing N N 136 
GLU CB  CG   sing N N 137 
GLU CB  HB2  sing N N 138 
GLU CB  HB3  sing N N 139 
GLU CG  CD   sing N N 140 
GLU CG  HG2  sing N N 141 
GLU CG  HG3  sing N N 142 
GLU CD  OE1  doub N N 143 
GLU CD  OE2  sing N N 144 
GLU OE2 HE2  sing N N 145 
GLU OXT HXT  sing N N 146 
GLY N   CA   sing N N 147 
GLY N   H    sing N N 148 
GLY N   H2   sing N N 149 
GLY CA  C    sing N N 150 
GLY CA  HA2  sing N N 151 
GLY CA  HA3  sing N N 152 
GLY C   O    doub N N 153 
GLY C   OXT  sing N N 154 
GLY OXT HXT  sing N N 155 
HIS N   CA   sing N N 156 
HIS N   H    sing N N 157 
HIS N   H2   sing N N 158 
HIS CA  C    sing N N 159 
HIS CA  CB   sing N N 160 
HIS CA  HA   sing N N 161 
HIS C   O    doub N N 162 
HIS C   OXT  sing N N 163 
HIS CB  CG   sing N N 164 
HIS CB  HB2  sing N N 165 
HIS CB  HB3  sing N N 166 
HIS CG  ND1  sing Y N 167 
HIS CG  CD2  doub Y N 168 
HIS ND1 CE1  doub Y N 169 
HIS ND1 HD1  sing N N 170 
HIS CD2 NE2  sing Y N 171 
HIS CD2 HD2  sing N N 172 
HIS CE1 NE2  sing Y N 173 
HIS CE1 HE1  sing N N 174 
HIS NE2 HE2  sing N N 175 
HIS OXT HXT  sing N N 176 
HOH O   H1   sing N N 177 
HOH O   H2   sing N N 178 
ILE N   CA   sing N N 179 
ILE N   H    sing N N 180 
ILE N   H2   sing N N 181 
ILE CA  C    sing N N 182 
ILE CA  CB   sing N N 183 
ILE CA  HA   sing N N 184 
ILE C   O    doub N N 185 
ILE C   OXT  sing N N 186 
ILE CB  CG1  sing N N 187 
ILE CB  CG2  sing N N 188 
ILE CB  HB   sing N N 189 
ILE CG1 CD1  sing N N 190 
ILE CG1 HG12 sing N N 191 
ILE CG1 HG13 sing N N 192 
ILE CG2 HG21 sing N N 193 
ILE CG2 HG22 sing N N 194 
ILE CG2 HG23 sing N N 195 
ILE CD1 HD11 sing N N 196 
ILE CD1 HD12 sing N N 197 
ILE CD1 HD13 sing N N 198 
ILE OXT HXT  sing N N 199 
LEU N   CA   sing N N 200 
LEU N   H    sing N N 201 
LEU N   H2   sing N N 202 
LEU CA  C    sing N N 203 
LEU CA  CB   sing N N 204 
LEU CA  HA   sing N N 205 
LEU C   O    doub N N 206 
LEU C   OXT  sing N N 207 
LEU CB  CG   sing N N 208 
LEU CB  HB2  sing N N 209 
LEU CB  HB3  sing N N 210 
LEU CG  CD1  sing N N 211 
LEU CG  CD2  sing N N 212 
LEU CG  HG   sing N N 213 
LEU CD1 HD11 sing N N 214 
LEU CD1 HD12 sing N N 215 
LEU CD1 HD13 sing N N 216 
LEU CD2 HD21 sing N N 217 
LEU CD2 HD22 sing N N 218 
LEU CD2 HD23 sing N N 219 
LEU OXT HXT  sing N N 220 
LFA C1  C2   sing N N 221 
LFA C1  H11  sing N N 222 
LFA C1  H12  sing N N 223 
LFA C1  H13  sing N N 224 
LFA C2  C3   sing N N 225 
LFA C2  H21  sing N N 226 
LFA C2  H22  sing N N 227 
LFA C3  C4   sing N N 228 
LFA C3  H31  sing N N 229 
LFA C3  H32  sing N N 230 
LFA C4  C5   sing N N 231 
LFA C4  H41  sing N N 232 
LFA C4  H42  sing N N 233 
LFA C5  C6   sing N N 234 
LFA C5  H51  sing N N 235 
LFA C5  H52  sing N N 236 
LFA C6  C7   sing N N 237 
LFA C6  H61  sing N N 238 
LFA C6  H62  sing N N 239 
LFA C7  C8   sing N N 240 
LFA C7  H71  sing N N 241 
LFA C7  H72  sing N N 242 
LFA C8  C9   sing N N 243 
LFA C8  H81  sing N N 244 
LFA C8  H82  sing N N 245 
LFA C9  C10  sing N N 246 
LFA C9  H91  sing N N 247 
LFA C9  H92  sing N N 248 
LFA C10 C11  sing N N 249 
LFA C10 H101 sing N N 250 
LFA C10 H102 sing N N 251 
LFA C11 C12  sing N N 252 
LFA C11 H111 sing N N 253 
LFA C11 H112 sing N N 254 
LFA C12 C13  sing N N 255 
LFA C12 H121 sing N N 256 
LFA C12 H122 sing N N 257 
LFA C13 C14  sing N N 258 
LFA C13 H131 sing N N 259 
LFA C13 H132 sing N N 260 
LFA C14 C15  sing N N 261 
LFA C14 H141 sing N N 262 
LFA C14 H142 sing N N 263 
LFA C15 C16  sing N N 264 
LFA C15 H151 sing N N 265 
LFA C15 H152 sing N N 266 
LFA C16 C17  sing N N 267 
LFA C16 H161 sing N N 268 
LFA C16 H162 sing N N 269 
LFA C17 C18  sing N N 270 
LFA C17 H171 sing N N 271 
LFA C17 H172 sing N N 272 
LFA C18 C19  sing N N 273 
LFA C18 H181 sing N N 274 
LFA C18 H182 sing N N 275 
LFA C19 C20  sing N N 276 
LFA C19 H191 sing N N 277 
LFA C19 H192 sing N N 278 
LFA C20 H201 sing N N 279 
LFA C20 H202 sing N N 280 
LFA C20 H203 sing N N 281 
LYS N   CA   sing N N 282 
LYS N   H    sing N N 283 
LYS N   H2   sing N N 284 
LYS CA  C    sing N N 285 
LYS CA  CB   sing N N 286 
LYS CA  HA   sing N N 287 
LYS C   O    doub N N 288 
LYS C   OXT  sing N N 289 
LYS CB  CG   sing N N 290 
LYS CB  HB2  sing N N 291 
LYS CB  HB3  sing N N 292 
LYS CG  CD   sing N N 293 
LYS CG  HG2  sing N N 294 
LYS CG  HG3  sing N N 295 
LYS CD  CE   sing N N 296 
LYS CD  HD2  sing N N 297 
LYS CD  HD3  sing N N 298 
LYS CE  NZ   sing N N 299 
LYS CE  HE2  sing N N 300 
LYS CE  HE3  sing N N 301 
LYS NZ  HZ1  sing N N 302 
LYS NZ  HZ2  sing N N 303 
LYS NZ  HZ3  sing N N 304 
LYS OXT HXT  sing N N 305 
MET N   CA   sing N N 306 
MET N   H    sing N N 307 
MET N   H2   sing N N 308 
MET CA  C    sing N N 309 
MET CA  CB   sing N N 310 
MET CA  HA   sing N N 311 
MET C   O    doub N N 312 
MET C   OXT  sing N N 313 
MET CB  CG   sing N N 314 
MET CB  HB2  sing N N 315 
MET CB  HB3  sing N N 316 
MET CG  SD   sing N N 317 
MET CG  HG2  sing N N 318 
MET CG  HG3  sing N N 319 
MET SD  CE   sing N N 320 
MET CE  HE1  sing N N 321 
MET CE  HE2  sing N N 322 
MET CE  HE3  sing N N 323 
MET OXT HXT  sing N N 324 
PHE N   CA   sing N N 325 
PHE N   H    sing N N 326 
PHE N   H2   sing N N 327 
PHE CA  C    sing N N 328 
PHE CA  CB   sing N N 329 
PHE CA  HA   sing N N 330 
PHE C   O    doub N N 331 
PHE C   OXT  sing N N 332 
PHE CB  CG   sing N N 333 
PHE CB  HB2  sing N N 334 
PHE CB  HB3  sing N N 335 
PHE CG  CD1  doub Y N 336 
PHE CG  CD2  sing Y N 337 
PHE CD1 CE1  sing Y N 338 
PHE CD1 HD1  sing N N 339 
PHE CD2 CE2  doub Y N 340 
PHE CD2 HD2  sing N N 341 
PHE CE1 CZ   doub Y N 342 
PHE CE1 HE1  sing N N 343 
PHE CE2 CZ   sing Y N 344 
PHE CE2 HE2  sing N N 345 
PHE CZ  HZ   sing N N 346 
PHE OXT HXT  sing N N 347 
PRO N   CA   sing N N 348 
PRO N   CD   sing N N 349 
PRO N   H    sing N N 350 
PRO CA  C    sing N N 351 
PRO CA  CB   sing N N 352 
PRO CA  HA   sing N N 353 
PRO C   O    doub N N 354 
PRO C   OXT  sing N N 355 
PRO CB  CG   sing N N 356 
PRO CB  HB2  sing N N 357 
PRO CB  HB3  sing N N 358 
PRO CG  CD   sing N N 359 
PRO CG  HG2  sing N N 360 
PRO CG  HG3  sing N N 361 
PRO CD  HD2  sing N N 362 
PRO CD  HD3  sing N N 363 
PRO OXT HXT  sing N N 364 
SER N   CA   sing N N 365 
SER N   H    sing N N 366 
SER N   H2   sing N N 367 
SER CA  C    sing N N 368 
SER CA  CB   sing N N 369 
SER CA  HA   sing N N 370 
SER C   O    doub N N 371 
SER C   OXT  sing N N 372 
SER CB  OG   sing N N 373 
SER CB  HB2  sing N N 374 
SER CB  HB3  sing N N 375 
SER OG  HG   sing N N 376 
SER OXT HXT  sing N N 377 
SO4 S   O1   doub N N 378 
SO4 S   O2   doub N N 379 
SO4 S   O3   sing N N 380 
SO4 S   O4   sing N N 381 
THR N   CA   sing N N 382 
THR N   H    sing N N 383 
THR N   H2   sing N N 384 
THR CA  C    sing N N 385 
THR CA  CB   sing N N 386 
THR CA  HA   sing N N 387 
THR C   O    doub N N 388 
THR C   OXT  sing N N 389 
THR CB  OG1  sing N N 390 
THR CB  CG2  sing N N 391 
THR CB  HB   sing N N 392 
THR OG1 HG1  sing N N 393 
THR CG2 HG21 sing N N 394 
THR CG2 HG22 sing N N 395 
THR CG2 HG23 sing N N 396 
THR OXT HXT  sing N N 397 
TYR N   CA   sing N N 398 
TYR N   H    sing N N 399 
TYR N   H2   sing N N 400 
TYR CA  C    sing N N 401 
TYR CA  CB   sing N N 402 
TYR CA  HA   sing N N 403 
TYR C   O    doub N N 404 
TYR C   OXT  sing N N 405 
TYR CB  CG   sing N N 406 
TYR CB  HB2  sing N N 407 
TYR CB  HB3  sing N N 408 
TYR CG  CD1  doub Y N 409 
TYR CG  CD2  sing Y N 410 
TYR CD1 CE1  sing Y N 411 
TYR CD1 HD1  sing N N 412 
TYR CD2 CE2  doub Y N 413 
TYR CD2 HD2  sing N N 414 
TYR CE1 CZ   doub Y N 415 
TYR CE1 HE1  sing N N 416 
TYR CE2 CZ   sing Y N 417 
TYR CE2 HE2  sing N N 418 
TYR CZ  OH   sing N N 419 
TYR OH  HH   sing N N 420 
TYR OXT HXT  sing N N 421 
VAL N   CA   sing N N 422 
VAL N   H    sing N N 423 
VAL N   H2   sing N N 424 
VAL CA  C    sing N N 425 
VAL CA  CB   sing N N 426 
VAL CA  HA   sing N N 427 
VAL C   O    doub N N 428 
VAL C   OXT  sing N N 429 
VAL CB  CG1  sing N N 430 
VAL CB  CG2  sing N N 431 
VAL CB  HB   sing N N 432 
VAL CG1 HG11 sing N N 433 
VAL CG1 HG12 sing N N 434 
VAL CG1 HG13 sing N N 435 
VAL CG2 HG21 sing N N 436 
VAL CG2 HG22 sing N N 437 
VAL CG2 HG23 sing N N 438 
VAL OXT HXT  sing N N 439 
# 
loop_
_pdbx_entity_nonpoly.entity_id 
_pdbx_entity_nonpoly.name 
_pdbx_entity_nonpoly.comp_id 
2 EICOSANE                                                                  LFA 
3 'SULFATE ION'                                                             SO4 
4 '3-(bromomethyl)-2,5,6-trimethyl-1H,7H-pyrazolo[1,2-a]pyrazole-1,7-dione' 9UM 
5 water                                                                     HOH 
# 
_pdbx_initial_refinement_model.id               1 
_pdbx_initial_refinement_model.entity_id_list   ? 
_pdbx_initial_refinement_model.type             'experimental model' 
_pdbx_initial_refinement_model.source_name      PDB 
_pdbx_initial_refinement_model.accession_code   5W37 
_pdbx_initial_refinement_model.details          'PDB entry 5W37' 
# 
_pdbx_struct_assembly_auth_evidence.id                     1 
_pdbx_struct_assembly_auth_evidence.assembly_id            1 
_pdbx_struct_assembly_auth_evidence.experimental_support   none 
_pdbx_struct_assembly_auth_evidence.details                . 
# 
